data_9UZ6
#
_entry.id   9UZ6
#
_cell.length_a   1.00
_cell.length_b   1.00
_cell.length_c   1.00
_cell.angle_alpha   90.00
_cell.angle_beta   90.00
_cell.angle_gamma   90.00
#
_symmetry.space_group_name_H-M   'P 1'
#
_entity_poly.entity_id   1
_entity_poly.type   'polypeptide(L)'
_entity_poly.pdbx_seq_one_letter_code
;MGTQTLSQLENSGAFIERHIGPDAAQQQEMLNAVGAQSLNALTGQIVPKDIQLATPPQVGAPATEYAALAELKAIASRNK
RFTSYIGMGYTAVQLPPVILRNMLENPGWYTAYTPYQPEVSQGRLEALLNFQQVTLDLTGLDMASASLLDEATAAAEAMA
MAKRVSKLKNANRFFVASDVHPQTLDVVRTRAETFGFEVIVDDAQKVLDHQDVFGVLLQQVGTTGEIHDYTALISELKSR
KIVVSVAADIMALVLLTAPGKQGADIVFGSAQRFGVPMGYGGPHAAFFAAKDEYKRSMPGRIIGVSKDAAGNTALRMAMQ
TREQHIRREKANSNICTSQVLLANIASLYAVYHGPVGLKRIANRIHRLTDILAAGLQQKGLKLRHAHYFDTLCVEVADKA
GVLTRAEAAEINLRSDILNAVGITLDETTTRENVMQLFNVLLGDNHGLDIDTLDKDVAHDSRSIQPAMLRDDEILTHPVF
NRYHSETEMMRYMHSLERKDLALNQAMIPLGSCTMKLNAAAEMIPITWPEFAELHPFCPPEQAEGYQQMIAQLADWLVKL
TGYDAVCMQPNSGAQGEYAGLLAIRHYHESRNEGHRDICLIPASAHGTNPASAHMAGMQVVVVACDKNGNIDLTDLRAKA
EQAGDNLSCIMVTYPSTHGVYEETIREVCEVVHQFGGQVYLDGANMNAQVGITSPGFIGADVSHLNLHKTFCIPHGGGGP
GMGPIGVKAHLAPFVPGHSVVQIEGMLTRQGAVSAAPFGSASILPISWMYIRMMGAEGLKKASQVAILNANYIASRLQDA
FPVLYTGRDGRVAHECILDIRPLKEETGISELDIAKRLIDYGFHAPTMSFPVAGTLMVEPTESESKVELDRFIDAMLAIR
AEIDQVKAGVWPLEDNPLVNAPHIQSELVAEWAHPYSREVAVFPAGVADKYWPTVKRLDDVYGDRNLFCSCVPISEYQLE
HHHHHH
;
_entity_poly.pdbx_strand_id   A,B
#
# COMPACT_ATOMS: atom_id res chain seq x y z
N THR A 3 -10.40 -38.81 -7.12
CA THR A 3 -9.25 -37.93 -6.95
C THR A 3 -9.30 -36.75 -7.91
N GLN A 4 -8.19 -36.01 -7.99
CA GLN A 4 -8.06 -34.89 -8.88
C GLN A 4 -6.80 -35.05 -9.71
N THR A 5 -6.84 -34.55 -10.95
CA THR A 5 -5.66 -34.55 -11.78
C THR A 5 -4.70 -33.46 -11.31
N LEU A 6 -3.46 -33.53 -11.80
CA LEU A 6 -2.48 -32.51 -11.46
C LEU A 6 -2.90 -31.14 -11.98
N SER A 7 -3.59 -31.10 -13.14
CA SER A 7 -4.07 -29.83 -13.67
C SER A 7 -5.09 -29.19 -12.75
N GLN A 8 -5.99 -29.99 -12.17
CA GLN A 8 -6.97 -29.45 -11.23
C GLN A 8 -6.31 -28.95 -9.95
N LEU A 9 -5.23 -29.59 -9.52
CA LEU A 9 -4.52 -29.15 -8.31
C LEU A 9 -3.70 -27.89 -8.57
N GLU A 10 -3.14 -27.74 -9.77
CA GLU A 10 -2.42 -26.51 -10.09
C GLU A 10 -3.36 -25.32 -10.14
N ASN A 11 -4.61 -25.53 -10.54
CA ASN A 11 -5.64 -24.49 -10.52
C ASN A 11 -5.23 -23.27 -11.34
N SER A 12 -4.82 -23.52 -12.58
CA SER A 12 -4.72 -22.43 -13.54
C SER A 12 -6.13 -21.94 -13.85
N GLY A 13 -6.33 -20.64 -13.78
CA GLY A 13 -7.66 -20.09 -13.70
C GLY A 13 -8.13 -19.79 -12.30
N ALA A 14 -7.21 -19.79 -11.32
CA ALA A 14 -7.55 -19.37 -9.97
C ALA A 14 -7.96 -17.89 -9.92
N PHE A 15 -7.38 -17.06 -10.78
CA PHE A 15 -7.74 -15.65 -10.80
C PHE A 15 -9.13 -15.41 -11.36
N ILE A 16 -9.66 -16.34 -12.17
CA ILE A 16 -11.02 -16.19 -12.68
C ILE A 16 -12.02 -16.17 -11.53
N GLU A 17 -11.80 -17.03 -10.53
CA GLU A 17 -12.70 -17.09 -9.39
C GLU A 17 -12.45 -15.99 -8.37
N ARG A 18 -11.31 -15.31 -8.45
CA ARG A 18 -11.10 -14.14 -7.60
C ARG A 18 -11.70 -12.89 -8.23
N HIS A 19 -11.61 -12.77 -9.55
CA HIS A 19 -12.12 -11.59 -10.23
C HIS A 19 -13.64 -11.60 -10.30
N ILE A 20 -14.23 -12.76 -10.59
CA ILE A 20 -15.68 -12.88 -10.66
C ILE A 20 -16.23 -13.03 -9.25
N GLY A 21 -17.17 -12.16 -8.89
CA GLY A 21 -17.73 -12.13 -7.57
C GLY A 21 -18.43 -13.41 -7.14
N PRO A 22 -19.55 -13.73 -7.79
CA PRO A 22 -20.31 -14.92 -7.40
C PRO A 22 -19.54 -16.20 -7.66
N ASP A 23 -19.75 -17.18 -6.79
CA ASP A 23 -19.21 -18.51 -6.98
C ASP A 23 -20.24 -19.38 -7.70
N ALA A 24 -19.94 -20.67 -7.84
CA ALA A 24 -20.83 -21.56 -8.60
C ALA A 24 -22.20 -21.67 -7.97
N ALA A 25 -22.27 -21.80 -6.64
CA ALA A 25 -23.56 -21.94 -5.98
C ALA A 25 -24.39 -20.65 -6.07
N GLN A 26 -23.74 -19.50 -5.88
CA GLN A 26 -24.44 -18.23 -6.02
C GLN A 26 -24.90 -18.02 -7.45
N GLN A 27 -24.08 -18.42 -8.43
CA GLN A 27 -24.48 -18.31 -9.82
C GLN A 27 -25.68 -19.20 -10.11
N GLN A 28 -25.71 -20.40 -9.55
CA GLN A 28 -26.85 -21.29 -9.73
C GLN A 28 -28.12 -20.70 -9.10
N GLU A 29 -27.99 -20.11 -7.90
CA GLU A 29 -29.14 -19.48 -7.26
C GLU A 29 -29.67 -18.32 -8.09
N MET A 30 -28.77 -17.49 -8.62
CA MET A 30 -29.19 -16.37 -9.45
C MET A 30 -29.84 -16.85 -10.74
N LEU A 31 -29.28 -17.90 -11.35
CA LEU A 31 -29.88 -18.44 -12.56
C LEU A 31 -31.28 -18.99 -12.29
N ASN A 32 -31.47 -19.64 -11.14
CA ASN A 32 -32.81 -20.08 -10.75
C ASN A 32 -33.74 -18.89 -10.57
N ALA A 33 -33.26 -17.81 -9.95
CA ALA A 33 -34.08 -16.64 -9.74
C ALA A 33 -34.51 -16.01 -11.05
N VAL A 34 -33.60 -15.96 -12.04
CA VAL A 34 -33.92 -15.36 -13.33
C VAL A 34 -34.51 -16.37 -14.32
N GLY A 35 -34.73 -17.60 -13.90
CA GLY A 35 -35.34 -18.61 -14.75
C GLY A 35 -34.51 -19.03 -15.96
N ALA A 36 -33.22 -19.26 -15.77
CA ALA A 36 -32.33 -19.71 -16.83
C ALA A 36 -31.60 -20.96 -16.39
N GLN A 37 -31.30 -21.82 -17.36
CA GLN A 37 -30.64 -23.08 -17.05
C GLN A 37 -29.16 -22.89 -16.73
N SER A 38 -28.46 -22.06 -17.51
CA SER A 38 -27.02 -21.88 -17.33
C SER A 38 -26.63 -20.54 -17.93
N LEU A 39 -25.35 -20.19 -17.75
CA LEU A 39 -24.83 -18.97 -18.35
C LEU A 39 -24.92 -19.02 -19.87
N ASN A 40 -24.60 -20.18 -20.45
CA ASN A 40 -24.68 -20.32 -21.90
C ASN A 40 -26.11 -20.13 -22.40
N ALA A 41 -27.09 -20.75 -21.71
CA ALA A 41 -28.47 -20.62 -22.13
C ALA A 41 -28.98 -19.20 -22.00
N LEU A 42 -28.67 -18.54 -20.89
CA LEU A 42 -29.09 -17.15 -20.69
C LEU A 42 -28.47 -16.24 -21.75
N THR A 43 -27.17 -16.38 -21.99
CA THR A 43 -26.49 -15.55 -22.97
C THR A 43 -27.00 -15.81 -24.38
N GLY A 44 -27.24 -17.08 -24.72
CA GLY A 44 -27.75 -17.41 -26.03
C GLY A 44 -29.18 -17.00 -26.27
N GLN A 45 -29.98 -16.87 -25.20
CA GLN A 45 -31.31 -16.33 -25.34
C GLN A 45 -31.36 -14.81 -25.27
N ILE A 46 -30.29 -14.18 -24.79
CA ILE A 46 -30.23 -12.71 -24.79
C ILE A 46 -29.55 -12.18 -26.05
N VAL A 47 -28.39 -12.72 -26.39
CA VAL A 47 -27.62 -12.23 -27.54
C VAL A 47 -28.25 -12.80 -28.82
N PRO A 48 -28.45 -11.98 -29.85
CA PRO A 48 -29.03 -12.49 -31.10
C PRO A 48 -28.17 -13.59 -31.72
N LYS A 49 -28.83 -14.57 -32.32
CA LYS A 49 -28.15 -15.77 -32.79
C LYS A 49 -27.15 -15.47 -33.90
N ASP A 50 -27.49 -14.55 -34.81
CA ASP A 50 -26.66 -14.31 -35.98
C ASP A 50 -25.34 -13.61 -35.67
N ILE A 51 -25.16 -13.08 -34.46
CA ILE A 51 -23.93 -12.41 -34.08
C ILE A 51 -23.26 -13.09 -32.89
N GLN A 52 -23.60 -14.36 -32.63
CA GLN A 52 -23.01 -15.11 -31.53
C GLN A 52 -21.76 -15.85 -32.00
N LEU A 53 -20.69 -15.73 -31.24
CA LEU A 53 -19.48 -16.49 -31.51
C LEU A 53 -19.60 -17.88 -30.89
N ALA A 54 -19.43 -18.92 -31.72
CA ALA A 54 -19.47 -20.27 -31.20
C ALA A 54 -18.33 -20.50 -30.20
N THR A 55 -17.14 -20.02 -30.51
CA THR A 55 -15.96 -20.15 -29.67
C THR A 55 -15.46 -18.76 -29.28
N PRO A 56 -15.09 -18.56 -28.01
CA PRO A 56 -14.50 -17.27 -27.63
C PRO A 56 -13.16 -17.08 -28.29
N PRO A 57 -12.74 -15.83 -28.52
CA PRO A 57 -11.45 -15.59 -29.17
C PRO A 57 -10.30 -16.20 -28.38
N GLN A 58 -9.42 -16.91 -29.08
CA GLN A 58 -8.39 -17.73 -28.44
C GLN A 58 -7.20 -16.86 -28.07
N VAL A 59 -7.24 -16.29 -26.87
CA VAL A 59 -6.12 -15.50 -26.36
C VAL A 59 -5.15 -16.33 -25.52
N GLY A 60 -5.51 -17.56 -25.18
CA GLY A 60 -4.62 -18.44 -24.46
C GLY A 60 -5.25 -18.98 -23.20
N ALA A 61 -4.52 -19.91 -22.58
CA ALA A 61 -4.95 -20.49 -21.33
C ALA A 61 -4.72 -19.52 -20.16
N PRO A 62 -5.54 -19.61 -19.12
CA PRO A 62 -5.32 -18.74 -17.95
C PRO A 62 -4.03 -19.06 -17.23
N ALA A 63 -3.48 -18.05 -16.57
CA ALA A 63 -2.29 -18.20 -15.75
C ALA A 63 -2.58 -17.65 -14.36
N THR A 64 -1.83 -18.14 -13.38
CA THR A 64 -1.98 -17.64 -12.03
C THR A 64 -1.36 -16.25 -11.92
N GLU A 65 -1.70 -15.56 -10.83
CA GLU A 65 -1.16 -14.22 -10.60
C GLU A 65 0.36 -14.24 -10.49
N TYR A 66 0.90 -15.25 -9.80
CA TYR A 66 2.35 -15.34 -9.62
C TYR A 66 3.05 -15.66 -10.93
N ALA A 67 2.51 -16.60 -11.71
CA ALA A 67 3.10 -16.93 -12.99
C ALA A 67 3.03 -15.76 -13.96
N ALA A 68 1.89 -15.07 -14.00
CA ALA A 68 1.75 -13.91 -14.88
C ALA A 68 2.69 -12.79 -14.46
N LEU A 69 2.82 -12.56 -13.15
CA LEU A 69 3.74 -11.53 -12.67
C LEU A 69 5.19 -11.88 -13.01
N ALA A 70 5.55 -13.16 -12.89
CA ALA A 70 6.91 -13.57 -13.24
C ALA A 70 7.17 -13.40 -14.73
N GLU A 71 6.19 -13.76 -15.56
CA GLU A 71 6.35 -13.58 -17.01
C GLU A 71 6.48 -12.11 -17.38
N LEU A 72 5.65 -11.25 -16.77
CA LEU A 72 5.74 -9.83 -17.05
C LEU A 72 7.03 -9.22 -16.51
N LYS A 73 7.53 -9.73 -15.39
CA LYS A 73 8.82 -9.28 -14.88
C LYS A 73 9.95 -9.65 -15.83
N ALA A 74 9.91 -10.87 -16.38
CA ALA A 74 10.91 -11.27 -17.37
C ALA A 74 10.81 -10.41 -18.62
N ILE A 75 9.60 -10.04 -19.03
CA ILE A 75 9.44 -9.15 -20.18
C ILE A 75 10.00 -7.76 -19.87
N ALA A 76 9.65 -7.20 -18.71
CA ALA A 76 10.08 -5.86 -18.34
C ALA A 76 11.57 -5.77 -18.10
N SER A 77 12.23 -6.88 -17.76
CA SER A 77 13.68 -6.87 -17.60
C SER A 77 14.41 -6.66 -18.93
N ARG A 78 13.71 -6.73 -20.06
CA ARG A 78 14.32 -6.42 -21.35
C ARG A 78 14.50 -4.92 -21.56
N ASN A 79 13.78 -4.09 -20.81
CA ASN A 79 14.00 -2.65 -20.88
C ASN A 79 15.34 -2.29 -20.25
N LYS A 80 16.02 -1.31 -20.83
CA LYS A 80 17.29 -0.82 -20.31
C LYS A 80 17.07 0.50 -19.59
N ARG A 81 17.59 0.59 -18.36
CA ARG A 81 17.39 1.77 -17.52
C ARG A 81 18.61 2.69 -17.59
N PHE A 82 18.77 3.33 -18.75
CA PHE A 82 19.79 4.36 -18.90
C PHE A 82 19.36 5.61 -18.13
N THR A 83 20.34 6.40 -17.72
CA THR A 83 20.04 7.71 -17.17
C THR A 83 19.71 8.66 -18.31
N SER A 84 18.54 9.29 -18.25
CA SER A 84 18.00 10.05 -19.36
C SER A 84 18.21 11.54 -19.11
N TYR A 85 18.89 12.20 -20.05
CA TYR A 85 18.96 13.66 -20.11
C TYR A 85 18.31 14.18 -21.39
N ILE A 86 17.44 13.39 -22.00
CA ILE A 86 16.82 13.78 -23.27
C ILE A 86 15.96 15.02 -23.09
N GLY A 87 15.17 15.08 -22.04
CA GLY A 87 14.34 16.24 -21.81
C GLY A 87 13.07 16.17 -22.63
N MET A 88 12.81 17.24 -23.39
CA MET A 88 11.65 17.33 -24.28
C MET A 88 10.34 17.12 -23.52
N GLY A 89 10.28 17.67 -22.31
CA GLY A 89 9.08 17.60 -21.51
C GLY A 89 8.96 16.43 -20.56
N TYR A 90 10.00 15.59 -20.47
CA TYR A 90 9.98 14.44 -19.58
C TYR A 90 11.30 14.36 -18.84
N THR A 91 11.23 14.22 -17.52
CA THR A 91 12.43 14.09 -16.70
C THR A 91 12.14 13.09 -15.58
N ALA A 92 13.22 12.49 -15.07
CA ALA A 92 13.10 11.60 -13.93
C ALA A 92 12.71 12.38 -12.68
N VAL A 93 11.80 11.80 -11.90
CA VAL A 93 11.32 12.42 -10.67
C VAL A 93 11.72 11.55 -9.50
N GLN A 94 11.62 12.12 -8.30
CA GLN A 94 11.80 11.40 -7.05
C GLN A 94 10.45 11.43 -6.32
N LEU A 95 9.63 10.42 -6.58
CA LEU A 95 8.34 10.32 -5.91
C LEU A 95 8.55 9.98 -4.45
N PRO A 96 8.08 10.78 -3.51
CA PRO A 96 8.26 10.48 -2.08
C PRO A 96 7.64 9.14 -1.73
N PRO A 97 8.37 8.30 -0.98
CA PRO A 97 7.82 6.99 -0.61
C PRO A 97 6.53 7.07 0.19
N VAL A 98 6.30 8.16 0.92
CA VAL A 98 5.05 8.29 1.68
C VAL A 98 3.87 8.43 0.73
N ILE A 99 4.03 9.17 -0.37
CA ILE A 99 2.95 9.32 -1.34
C ILE A 99 2.77 8.02 -2.12
N LEU A 100 3.87 7.38 -2.51
CA LEU A 100 3.78 6.13 -3.26
C LEU A 100 3.10 5.04 -2.44
N ARG A 101 3.45 4.93 -1.16
CA ARG A 101 2.90 3.89 -0.31
C ARG A 101 1.43 4.13 0.00
N ASN A 102 1.08 5.35 0.39
CA ASN A 102 -0.23 5.63 0.96
C ASN A 102 -1.23 6.19 -0.04
N MET A 103 -0.79 6.57 -1.23
CA MET A 103 -1.73 7.04 -2.26
C MET A 103 -1.67 6.20 -3.52
N LEU A 104 -0.49 6.03 -4.13
CA LEU A 104 -0.41 5.40 -5.44
C LEU A 104 -0.71 3.91 -5.38
N GLU A 105 -0.32 3.24 -4.30
CA GLU A 105 -0.58 1.82 -4.11
C GLU A 105 -1.72 1.59 -3.13
N ASN A 106 -2.53 2.60 -2.86
CA ASN A 106 -3.66 2.50 -1.94
C ASN A 106 -4.96 2.43 -2.74
N PRO A 107 -5.68 1.31 -2.71
CA PRO A 107 -6.93 1.21 -3.48
C PRO A 107 -7.98 2.22 -3.07
N GLY A 108 -7.91 2.76 -1.85
CA GLY A 108 -8.81 3.83 -1.46
C GLY A 108 -8.62 5.10 -2.27
N TRP A 109 -7.52 5.22 -3.02
CA TRP A 109 -7.27 6.38 -3.85
C TRP A 109 -7.49 6.12 -5.34
N TYR A 110 -7.35 4.87 -5.80
CA TYR A 110 -7.43 4.60 -7.23
C TYR A 110 -8.59 3.68 -7.61
N THR A 111 -9.55 3.43 -6.72
CA THR A 111 -10.71 2.62 -7.06
C THR A 111 -12.00 3.43 -7.04
N ALA A 112 -11.92 4.75 -7.11
CA ALA A 112 -13.08 5.62 -7.19
C ALA A 112 -13.20 6.19 -8.58
N TYR A 113 -14.37 6.73 -8.90
CA TYR A 113 -14.63 7.27 -10.22
C TYR A 113 -14.90 8.77 -10.13
N THR A 114 -15.33 9.35 -11.24
CA THR A 114 -15.60 10.78 -11.32
C THR A 114 -16.60 11.18 -10.24
N PRO A 115 -16.36 12.30 -9.54
CA PRO A 115 -17.26 12.68 -8.44
C PRO A 115 -18.64 13.10 -8.92
N TYR A 116 -19.40 12.13 -9.47
CA TYR A 116 -20.81 12.37 -9.74
C TYR A 116 -21.57 12.64 -8.46
N GLN A 117 -21.07 12.15 -7.33
CA GLN A 117 -21.62 12.43 -6.01
C GLN A 117 -20.56 13.15 -5.18
N PRO A 118 -20.56 14.48 -5.16
CA PRO A 118 -19.58 15.20 -4.34
C PRO A 118 -19.74 14.97 -2.85
N GLU A 119 -20.90 14.49 -2.40
CA GLU A 119 -21.09 14.21 -0.98
C GLU A 119 -20.19 13.09 -0.49
N VAL A 120 -19.80 12.18 -1.38
CA VAL A 120 -18.96 11.05 -1.02
C VAL A 120 -17.57 11.16 -1.63
N SER A 121 -17.20 12.34 -2.13
CA SER A 121 -15.92 12.52 -2.81
C SER A 121 -15.17 13.77 -2.34
N GLN A 122 -15.43 14.23 -1.11
CA GLN A 122 -14.83 15.47 -0.65
C GLN A 122 -13.32 15.37 -0.48
N GLY A 123 -12.81 14.17 -0.18
CA GLY A 123 -11.38 14.03 0.04
C GLY A 123 -10.56 14.24 -1.23
N ARG A 124 -10.97 13.61 -2.32
CA ARG A 124 -10.25 13.78 -3.59
C ARG A 124 -10.56 15.12 -4.22
N LEU A 125 -11.74 15.67 -3.95
CA LEU A 125 -12.05 17.02 -4.41
C LEU A 125 -11.12 18.04 -3.78
N GLU A 126 -10.72 17.83 -2.52
CA GLU A 126 -9.78 18.75 -1.88
C GLU A 126 -8.39 18.64 -2.48
N ALA A 127 -7.96 17.43 -2.86
CA ALA A 127 -6.68 17.29 -3.53
C ALA A 127 -6.70 17.93 -4.90
N LEU A 128 -7.82 17.80 -5.64
CA LEU A 128 -7.94 18.49 -6.92
C LEU A 128 -7.95 20.01 -6.73
N LEU A 129 -8.58 20.48 -5.65
CA LEU A 129 -8.56 21.90 -5.33
C LEU A 129 -7.14 22.37 -5.01
N ASN A 130 -6.35 21.54 -4.32
CA ASN A 130 -4.96 21.86 -4.07
C ASN A 130 -4.16 21.93 -5.36
N PHE A 131 -4.44 21.01 -6.30
CA PHE A 131 -3.79 21.06 -7.60
C PHE A 131 -4.14 22.36 -8.33
N GLN A 132 -5.41 22.77 -8.27
CA GLN A 132 -5.81 24.04 -8.87
C GLN A 132 -5.13 25.22 -8.20
N GLN A 133 -4.96 25.17 -6.87
CA GLN A 133 -4.26 26.23 -6.16
C GLN A 133 -2.80 26.31 -6.58
N VAL A 134 -2.14 25.16 -6.75
CA VAL A 134 -0.78 25.13 -7.26
C VAL A 134 -0.72 25.75 -8.65
N THR A 135 -1.68 25.40 -9.51
CA THR A 135 -1.73 25.98 -10.85
C THR A 135 -1.89 27.49 -10.80
N LEU A 136 -2.77 27.99 -9.94
CA LEU A 136 -2.98 29.43 -9.85
C LEU A 136 -1.74 30.14 -9.34
N ASP A 137 -1.07 29.56 -8.33
CA ASP A 137 0.12 30.19 -7.77
C ASP A 137 1.27 30.22 -8.78
N LEU A 138 1.49 29.12 -9.50
CA LEU A 138 2.63 29.05 -10.39
C LEU A 138 2.41 29.82 -11.69
N THR A 139 1.18 29.83 -12.21
CA THR A 139 0.91 30.48 -13.49
C THR A 139 0.55 31.95 -13.34
N GLY A 140 0.02 32.36 -12.20
CA GLY A 140 -0.35 33.74 -12.01
C GLY A 140 -1.65 34.14 -12.68
N LEU A 141 -2.56 33.20 -12.90
CA LEU A 141 -3.84 33.47 -13.53
C LEU A 141 -4.97 33.21 -12.53
N ASP A 142 -6.20 33.42 -12.98
CA ASP A 142 -7.35 33.45 -12.09
C ASP A 142 -8.12 32.13 -12.03
N MET A 143 -8.27 31.42 -13.14
CA MET A 143 -9.06 30.20 -13.19
C MET A 143 -8.17 29.06 -13.66
N ALA A 144 -8.21 27.94 -12.94
CA ALA A 144 -7.41 26.77 -13.26
C ALA A 144 -8.30 25.55 -13.39
N SER A 145 -7.96 24.68 -14.34
CA SER A 145 -8.71 23.46 -14.55
C SER A 145 -8.29 22.39 -13.55
N ALA A 146 -9.07 21.31 -13.50
CA ALA A 146 -8.81 20.21 -12.58
C ALA A 146 -7.77 19.23 -13.10
N SER A 147 -7.25 19.45 -14.32
CA SER A 147 -6.17 18.75 -15.03
C SER A 147 -6.66 18.30 -16.41
N LEU A 148 -5.75 18.27 -17.37
CA LEU A 148 -6.01 17.79 -18.72
C LEU A 148 -5.22 16.52 -18.97
N LEU A 149 -5.39 15.95 -20.17
CA LEU A 149 -4.77 14.67 -20.47
C LEU A 149 -3.25 14.77 -20.50
N ASP A 150 -2.71 15.72 -21.29
CA ASP A 150 -1.27 15.87 -21.42
C ASP A 150 -0.99 17.23 -22.06
N GLU A 151 0.29 17.58 -22.11
CA GLU A 151 0.68 18.91 -22.55
C GLU A 151 0.32 19.17 -24.02
N ALA A 152 0.45 18.15 -24.87
CA ALA A 152 0.12 18.35 -26.28
C ALA A 152 -1.38 18.50 -26.48
N THR A 153 -2.18 17.66 -25.82
CA THR A 153 -3.63 17.84 -25.88
C THR A 153 -4.04 19.14 -25.21
N ALA A 154 -3.34 19.55 -24.15
CA ALA A 154 -3.62 20.83 -23.53
C ALA A 154 -3.30 21.98 -24.48
N ALA A 155 -2.27 21.84 -25.31
CA ALA A 155 -2.00 22.86 -26.32
C ALA A 155 -3.08 22.90 -27.38
N ALA A 156 -3.59 21.73 -27.78
CA ALA A 156 -4.71 21.71 -28.72
C ALA A 156 -5.95 22.37 -28.14
N GLU A 157 -6.23 22.11 -26.86
CA GLU A 157 -7.35 22.78 -26.19
C GLU A 157 -7.10 24.27 -26.03
N ALA A 158 -5.85 24.68 -25.82
CA ALA A 158 -5.53 26.11 -25.75
C ALA A 158 -5.80 26.78 -27.08
N MET A 159 -5.45 26.11 -28.19
CA MET A 159 -5.76 26.67 -29.51
C MET A 159 -7.26 26.75 -29.75
N ALA A 160 -8.00 25.70 -29.36
CA ALA A 160 -9.45 25.73 -29.53
C ALA A 160 -10.09 26.83 -28.68
N MET A 161 -9.62 27.01 -27.45
CA MET A 161 -10.15 28.05 -26.58
C MET A 161 -9.77 29.44 -27.06
N ALA A 162 -8.58 29.59 -27.63
CA ALA A 162 -8.20 30.86 -28.23
C ALA A 162 -9.11 31.21 -29.41
N LYS A 163 -9.48 30.20 -30.20
CA LYS A 163 -10.47 30.44 -31.25
C LYS A 163 -11.84 30.80 -30.67
N ARG A 164 -12.23 30.13 -29.58
CA ARG A 164 -13.53 30.40 -28.97
C ARG A 164 -13.62 31.82 -28.43
N VAL A 165 -12.55 32.30 -27.78
CA VAL A 165 -12.57 33.60 -27.13
C VAL A 165 -12.04 34.72 -28.02
N SER A 166 -11.63 34.42 -29.24
CA SER A 166 -11.10 35.44 -30.12
C SER A 166 -12.20 36.42 -30.52
N LYS A 167 -11.85 37.70 -30.55
CA LYS A 167 -12.78 38.76 -30.93
C LYS A 167 -12.48 39.31 -32.33
N LEU A 168 -11.74 38.56 -33.14
CA LEU A 168 -11.37 38.98 -34.48
C LEU A 168 -12.06 38.08 -35.49
N LYS A 169 -12.80 38.68 -36.41
CA LYS A 169 -13.41 37.94 -37.50
C LYS A 169 -12.39 37.71 -38.61
N ASN A 170 -12.58 36.62 -39.36
CA ASN A 170 -11.75 36.23 -40.49
C ASN A 170 -10.30 35.93 -40.12
N ALA A 171 -10.04 35.61 -38.85
CA ALA A 171 -8.69 35.25 -38.40
C ALA A 171 -8.67 33.75 -38.13
N ASN A 172 -8.10 32.98 -39.06
CA ASN A 172 -8.10 31.53 -38.96
C ASN A 172 -6.69 30.94 -38.89
N ARG A 173 -5.68 31.76 -38.62
CA ARG A 173 -4.31 31.30 -38.55
C ARG A 173 -3.85 31.23 -37.10
N PHE A 174 -3.26 30.09 -36.73
CA PHE A 174 -2.69 29.90 -35.40
C PHE A 174 -1.18 29.83 -35.52
N PHE A 175 -0.48 30.61 -34.70
CA PHE A 175 0.96 30.71 -34.75
C PHE A 175 1.59 29.87 -33.64
N VAL A 176 2.57 29.05 -34.00
CA VAL A 176 3.33 28.25 -33.06
C VAL A 176 4.80 28.62 -33.19
N ALA A 177 5.44 28.94 -32.06
CA ALA A 177 6.86 29.23 -32.06
C ALA A 177 7.65 27.96 -32.35
N SER A 178 8.75 28.12 -33.09
CA SER A 178 9.55 26.98 -33.52
C SER A 178 10.30 26.31 -32.36
N ASP A 179 10.34 26.93 -31.19
CA ASP A 179 11.00 26.36 -30.02
C ASP A 179 10.07 25.48 -29.20
N VAL A 180 8.85 25.24 -29.68
CA VAL A 180 7.93 24.37 -28.97
C VAL A 180 8.36 22.91 -29.17
N HIS A 181 8.07 22.08 -28.17
CA HIS A 181 8.39 20.66 -28.27
C HIS A 181 7.74 20.05 -29.51
N PRO A 182 8.47 19.22 -30.26
CA PRO A 182 7.93 18.70 -31.53
C PRO A 182 6.65 17.87 -31.38
N GLN A 183 6.50 17.11 -30.29
CA GLN A 183 5.29 16.32 -30.12
C GLN A 183 4.07 17.22 -29.94
N THR A 184 4.25 18.32 -29.21
CA THR A 184 3.19 19.31 -29.08
C THR A 184 2.82 19.90 -30.43
N LEU A 185 3.82 20.20 -31.25
CA LEU A 185 3.55 20.75 -32.58
C LEU A 185 2.79 19.76 -33.44
N ASP A 186 3.15 18.47 -33.37
CA ASP A 186 2.46 17.47 -34.17
C ASP A 186 1.00 17.34 -33.75
N VAL A 187 0.74 17.29 -32.44
CA VAL A 187 -0.64 17.16 -31.97
C VAL A 187 -1.45 18.39 -32.35
N VAL A 188 -0.85 19.57 -32.21
CA VAL A 188 -1.55 20.81 -32.57
C VAL A 188 -1.83 20.84 -34.07
N ARG A 189 -0.90 20.35 -34.89
CA ARG A 189 -1.12 20.32 -36.33
C ARG A 189 -2.25 19.38 -36.70
N THR A 190 -2.32 18.21 -36.07
CA THR A 190 -3.43 17.30 -36.33
C THR A 190 -4.77 17.92 -35.93
N ARG A 191 -4.82 18.53 -34.75
CA ARG A 191 -6.05 19.15 -34.29
C ARG A 191 -6.46 20.32 -35.17
N ALA A 192 -5.49 21.10 -35.65
CA ALA A 192 -5.80 22.22 -36.53
C ALA A 192 -6.25 21.75 -37.91
N GLU A 193 -5.69 20.65 -38.40
CA GLU A 193 -6.15 20.09 -39.67
C GLU A 193 -7.60 19.63 -39.54
N THR A 194 -7.96 19.01 -38.43
CA THR A 194 -9.36 18.62 -38.25
C THR A 194 -10.27 19.83 -38.01
N PHE A 195 -9.75 20.88 -37.35
CA PHE A 195 -10.54 22.07 -37.07
C PHE A 195 -10.62 23.03 -38.25
N GLY A 196 -9.74 22.89 -39.24
CA GLY A 196 -9.68 23.83 -40.33
C GLY A 196 -8.73 24.99 -40.14
N PHE A 197 -8.05 25.07 -39.00
CA PHE A 197 -7.11 26.16 -38.75
C PHE A 197 -5.88 26.02 -39.63
N GLU A 198 -5.24 27.16 -39.91
CA GLU A 198 -3.99 27.20 -40.63
C GLU A 198 -2.87 27.48 -39.64
N VAL A 199 -1.89 26.59 -39.57
CA VAL A 199 -0.82 26.68 -38.59
C VAL A 199 0.42 27.29 -39.24
N ILE A 200 0.98 28.31 -38.59
CA ILE A 200 2.23 28.93 -39.02
C ILE A 200 3.28 28.66 -37.94
N VAL A 201 4.40 28.08 -38.35
CA VAL A 201 5.50 27.75 -37.43
C VAL A 201 6.71 28.60 -37.83
N ASP A 202 7.19 29.40 -36.89
CA ASP A 202 8.28 30.34 -37.15
C ASP A 202 8.82 30.82 -35.81
N ASP A 203 9.77 31.74 -35.87
CA ASP A 203 10.25 32.40 -34.67
C ASP A 203 9.13 33.24 -34.05
N ALA A 204 9.19 33.39 -32.72
CA ALA A 204 8.11 34.06 -32.01
C ALA A 204 7.94 35.50 -32.46
N GLN A 205 9.05 36.20 -32.69
CA GLN A 205 8.98 37.61 -33.08
C GLN A 205 8.40 37.81 -34.47
N LYS A 206 8.35 36.75 -35.28
CA LYS A 206 7.87 36.88 -36.66
C LYS A 206 6.34 36.88 -36.76
N VAL A 207 5.63 36.66 -35.66
CA VAL A 207 4.17 36.67 -35.70
C VAL A 207 3.64 38.05 -36.05
N LEU A 208 4.42 39.10 -35.75
CA LEU A 208 3.97 40.46 -36.06
C LEU A 208 3.87 40.69 -37.56
N ASP A 209 4.64 39.94 -38.36
CA ASP A 209 4.56 40.10 -39.81
C ASP A 209 3.26 39.50 -40.35
N HIS A 210 2.83 38.36 -39.82
CA HIS A 210 1.67 37.66 -40.34
C HIS A 210 0.37 38.34 -39.92
N GLN A 211 -0.65 38.15 -40.73
CA GLN A 211 -1.98 38.69 -40.48
C GLN A 211 -2.97 37.56 -40.22
N ASP A 212 -4.18 37.95 -39.83
CA ASP A 212 -5.29 37.03 -39.62
C ASP A 212 -4.94 35.93 -38.62
N VAL A 213 -4.25 36.31 -37.55
CA VAL A 213 -3.84 35.37 -36.50
C VAL A 213 -4.77 35.57 -35.31
N PHE A 214 -5.44 34.50 -34.90
CA PHE A 214 -6.32 34.58 -33.74
C PHE A 214 -5.64 34.17 -32.44
N GLY A 215 -4.58 33.39 -32.50
CA GLY A 215 -3.89 32.96 -31.30
C GLY A 215 -2.47 32.55 -31.60
N VAL A 216 -1.65 32.61 -30.57
CA VAL A 216 -0.24 32.24 -30.67
C VAL A 216 0.10 31.27 -29.55
N LEU A 217 0.97 30.31 -29.86
CA LEU A 217 1.47 29.36 -28.87
C LEU A 217 2.95 29.64 -28.65
N LEU A 218 3.30 29.88 -27.38
CA LEU A 218 4.68 30.16 -27.00
C LEU A 218 5.11 29.18 -25.90
N GLN A 219 6.39 28.86 -25.88
CA GLN A 219 6.98 28.07 -24.80
C GLN A 219 7.90 28.98 -23.99
N GLN A 220 7.69 29.02 -22.68
CA GLN A 220 8.48 29.89 -21.82
C GLN A 220 9.96 29.55 -21.90
N VAL A 221 10.27 28.26 -21.84
CA VAL A 221 11.62 27.75 -22.07
C VAL A 221 11.58 26.93 -23.35
N GLY A 222 12.45 27.28 -24.30
CA GLY A 222 12.46 26.59 -25.57
C GLY A 222 12.83 25.13 -25.43
N THR A 223 12.57 24.39 -26.50
CA THR A 223 12.85 22.96 -26.49
C THR A 223 14.33 22.65 -26.35
N THR A 224 15.21 23.58 -26.73
CA THR A 224 16.64 23.43 -26.53
C THR A 224 17.15 24.20 -25.31
N GLY A 225 16.24 24.67 -24.45
CA GLY A 225 16.62 25.21 -23.16
C GLY A 225 16.67 26.71 -23.04
N GLU A 226 16.44 27.45 -24.12
CA GLU A 226 16.53 28.91 -24.06
C GLU A 226 15.36 29.50 -23.29
N ILE A 227 15.67 30.31 -22.29
CA ILE A 227 14.64 31.05 -21.56
C ILE A 227 14.29 32.30 -22.35
N HIS A 228 13.00 32.51 -22.59
CA HIS A 228 12.52 33.66 -23.34
C HIS A 228 11.85 34.65 -22.40
N ASP A 229 12.14 35.93 -22.60
CA ASP A 229 11.38 37.02 -22.00
C ASP A 229 10.42 37.53 -23.06
N TYR A 230 9.15 37.19 -22.91
CA TYR A 230 8.14 37.46 -23.92
C TYR A 230 7.26 38.67 -23.58
N THR A 231 7.64 39.47 -22.57
CA THR A 231 6.76 40.52 -22.07
C THR A 231 6.41 41.53 -23.15
N ALA A 232 7.41 42.04 -23.86
CA ALA A 232 7.15 43.04 -24.91
C ALA A 232 6.34 42.44 -26.05
N LEU A 233 6.71 41.23 -26.49
CA LEU A 233 5.98 40.58 -27.57
C LEU A 233 4.54 40.29 -27.17
N ILE A 234 4.33 39.83 -25.94
CA ILE A 234 2.98 39.54 -25.47
C ILE A 234 2.16 40.83 -25.38
N SER A 235 2.78 41.92 -24.93
CA SER A 235 2.06 43.20 -24.88
C SER A 235 1.66 43.66 -26.28
N GLU A 236 2.58 43.54 -27.25
CA GLU A 236 2.24 43.92 -28.62
C GLU A 236 1.14 43.02 -29.19
N LEU A 237 1.18 41.73 -28.86
CA LEU A 237 0.14 40.82 -29.33
C LEU A 237 -1.23 41.18 -28.74
N LYS A 238 -1.26 41.50 -27.44
CA LYS A 238 -2.52 41.88 -26.82
C LYS A 238 -3.03 43.20 -27.39
N SER A 239 -2.12 44.09 -27.81
CA SER A 239 -2.55 45.32 -28.48
C SER A 239 -3.26 45.02 -29.78
N ARG A 240 -3.06 43.84 -30.37
CA ARG A 240 -3.71 43.44 -31.61
C ARG A 240 -4.86 42.46 -31.39
N LYS A 241 -5.29 42.29 -30.13
CA LYS A 241 -6.41 41.41 -29.78
C LYS A 241 -6.13 39.96 -30.13
N ILE A 242 -4.86 39.55 -30.05
CA ILE A 242 -4.46 38.18 -30.32
C ILE A 242 -4.35 37.44 -28.99
N VAL A 243 -5.00 36.28 -28.89
CA VAL A 243 -4.91 35.48 -27.68
C VAL A 243 -3.53 34.86 -27.58
N VAL A 244 -2.95 34.89 -26.38
CA VAL A 244 -1.60 34.41 -26.14
C VAL A 244 -1.67 33.24 -25.18
N SER A 245 -1.21 32.07 -25.62
CA SER A 245 -1.09 30.89 -24.79
C SER A 245 0.37 30.53 -24.64
N VAL A 246 0.78 30.17 -23.43
CA VAL A 246 2.17 29.86 -23.12
C VAL A 246 2.25 28.48 -22.50
N ALA A 247 3.13 27.65 -23.03
CA ALA A 247 3.45 26.36 -22.43
C ALA A 247 4.60 26.53 -21.47
N ALA A 248 4.44 26.02 -20.24
CA ALA A 248 5.44 26.19 -19.20
C ALA A 248 5.63 24.88 -18.45
N ASP A 249 6.87 24.64 -18.01
CA ASP A 249 7.16 23.51 -17.16
C ASP A 249 6.80 23.83 -15.71
N ILE A 250 6.22 22.86 -15.01
CA ILE A 250 5.75 23.10 -13.64
C ILE A 250 6.93 23.39 -12.72
N MET A 251 8.06 22.71 -12.93
CA MET A 251 9.22 22.93 -12.07
C MET A 251 9.94 24.23 -12.42
N ALA A 252 9.93 24.62 -13.69
CA ALA A 252 10.55 25.89 -14.07
C ALA A 252 9.76 27.09 -13.56
N LEU A 253 8.45 26.91 -13.33
CA LEU A 253 7.63 28.01 -12.82
C LEU A 253 7.91 28.30 -11.36
N VAL A 254 8.58 27.39 -10.65
CA VAL A 254 8.99 27.67 -9.27
C VAL A 254 10.01 28.80 -9.24
N LEU A 255 10.91 28.85 -10.21
CA LEU A 255 11.96 29.84 -10.27
C LEU A 255 11.70 30.98 -11.24
N LEU A 256 10.95 30.74 -12.31
CA LEU A 256 10.77 31.74 -13.35
C LEU A 256 9.48 32.54 -13.13
N THR A 257 9.47 33.76 -13.67
CA THR A 257 8.31 34.63 -13.55
C THR A 257 7.08 33.98 -14.15
N ALA A 258 5.96 34.07 -13.45
CA ALA A 258 4.71 33.48 -13.92
C ALA A 258 4.30 34.13 -15.24
N PRO A 259 3.99 33.34 -16.27
CA PRO A 259 3.59 33.95 -17.54
C PRO A 259 2.31 34.78 -17.44
N GLY A 260 1.45 34.47 -16.48
CA GLY A 260 0.23 35.26 -16.31
C GLY A 260 0.53 36.71 -15.97
N LYS A 261 1.57 36.94 -15.17
CA LYS A 261 1.98 38.30 -14.83
C LYS A 261 2.76 38.98 -15.96
N GLN A 262 3.17 38.23 -16.98
CA GLN A 262 3.76 38.81 -18.17
C GLN A 262 2.74 39.08 -19.27
N GLY A 263 1.48 38.77 -19.04
CA GLY A 263 0.42 39.06 -19.98
C GLY A 263 -0.18 37.88 -20.72
N ALA A 264 0.21 36.65 -20.37
CA ALA A 264 -0.33 35.48 -21.06
C ALA A 264 -1.80 35.29 -20.72
N ASP A 265 -2.61 35.06 -21.75
CA ASP A 265 -4.03 34.78 -21.52
C ASP A 265 -4.24 33.36 -20.99
N ILE A 266 -3.52 32.38 -21.55
CA ILE A 266 -3.65 30.99 -21.18
C ILE A 266 -2.26 30.44 -20.88
N VAL A 267 -2.11 29.76 -19.75
CA VAL A 267 -0.88 29.10 -19.38
C VAL A 267 -1.18 27.65 -19.08
N PHE A 268 -0.44 26.75 -19.70
CA PHE A 268 -0.63 25.32 -19.53
C PHE A 268 0.74 24.65 -19.55
N GLY A 269 0.76 23.39 -19.12
CA GLY A 269 1.99 22.63 -19.18
C GLY A 269 1.80 21.29 -18.52
N SER A 270 2.91 20.56 -18.40
CA SER A 270 2.92 19.24 -17.78
C SER A 270 3.19 19.37 -16.29
N ALA A 271 2.39 18.69 -15.49
CA ALA A 271 2.63 18.56 -14.06
C ALA A 271 3.41 17.29 -13.73
N GLN A 272 4.06 16.69 -14.73
CA GLN A 272 4.73 15.42 -14.54
C GLN A 272 5.88 15.51 -13.54
N ARG A 273 6.64 16.60 -13.60
CA ARG A 273 7.84 16.73 -12.76
C ARG A 273 7.53 16.84 -11.27
N PHE A 274 6.26 17.03 -10.90
CA PHE A 274 5.88 17.02 -9.49
C PHE A 274 5.60 15.60 -9.01
N GLY A 275 6.61 14.76 -9.13
CA GLY A 275 6.60 13.43 -8.56
C GLY A 275 5.97 12.34 -9.40
N VAL A 276 5.56 12.63 -10.63
CA VAL A 276 4.92 11.65 -11.49
C VAL A 276 5.99 11.01 -12.37
N PRO A 277 6.22 9.71 -12.28
CA PRO A 277 7.22 9.06 -13.14
C PRO A 277 6.81 9.14 -14.61
N MET A 278 7.83 9.15 -15.48
CA MET A 278 7.57 9.29 -16.91
C MET A 278 6.74 8.12 -17.43
N GLY A 279 7.09 6.90 -17.04
CA GLY A 279 6.33 5.74 -17.46
C GLY A 279 6.26 5.54 -18.96
N TYR A 280 7.37 5.77 -19.66
CA TYR A 280 7.44 5.64 -21.11
C TYR A 280 6.38 6.50 -21.77
N GLY A 281 6.25 7.74 -21.29
CA GLY A 281 5.18 8.62 -21.71
C GLY A 281 3.86 8.34 -21.04
N GLY A 282 3.88 7.76 -19.85
CA GLY A 282 2.70 7.23 -19.19
C GLY A 282 1.69 8.29 -18.82
N PRO A 283 0.75 7.93 -17.94
CA PRO A 283 -0.32 8.87 -17.57
C PRO A 283 0.26 10.01 -16.74
N HIS A 284 0.07 11.23 -17.22
CA HIS A 284 0.49 12.43 -16.52
C HIS A 284 -0.66 13.43 -16.53
N ALA A 285 -0.68 14.30 -15.53
CA ALA A 285 -1.65 15.39 -15.50
C ALA A 285 -1.03 16.64 -16.09
N ALA A 286 -1.87 17.44 -16.73
CA ALA A 286 -1.48 18.73 -17.28
C ALA A 286 -2.28 19.83 -16.61
N PHE A 287 -1.59 20.89 -16.18
CA PHE A 287 -2.29 22.03 -15.62
C PHE A 287 -2.72 22.97 -16.73
N PHE A 288 -3.79 23.73 -16.47
CA PHE A 288 -4.38 24.62 -17.46
C PHE A 288 -4.97 25.80 -16.72
N ALA A 289 -4.56 27.01 -17.09
CA ALA A 289 -5.03 28.21 -16.42
C ALA A 289 -5.39 29.26 -17.47
N ALA A 290 -6.30 30.15 -17.10
CA ALA A 290 -6.72 31.23 -17.98
C ALA A 290 -7.15 32.42 -17.14
N LYS A 291 -7.28 33.57 -17.79
CA LYS A 291 -7.75 34.77 -17.13
C LYS A 291 -9.23 34.63 -16.74
N ASP A 292 -9.64 35.47 -15.79
CA ASP A 292 -11.00 35.37 -15.26
C ASP A 292 -12.05 35.71 -16.32
N GLU A 293 -11.68 36.53 -17.30
CA GLU A 293 -12.64 36.92 -18.34
C GLU A 293 -12.97 35.77 -19.29
N TYR A 294 -12.25 34.66 -19.23
CA TYR A 294 -12.48 33.52 -20.11
C TYR A 294 -13.01 32.30 -19.34
N LYS A 295 -13.64 32.51 -18.18
CA LYS A 295 -14.10 31.40 -17.37
C LYS A 295 -15.15 30.56 -18.09
N ARG A 296 -15.97 31.20 -18.93
CA ARG A 296 -17.03 30.48 -19.63
C ARG A 296 -16.49 29.50 -20.66
N SER A 297 -15.36 29.81 -21.28
CA SER A 297 -14.83 29.02 -22.38
C SER A 297 -13.72 28.06 -21.96
N MET A 298 -13.47 27.91 -20.67
CA MET A 298 -12.40 27.04 -20.21
C MET A 298 -12.77 25.59 -20.43
N PRO A 299 -11.88 24.77 -20.98
CA PRO A 299 -12.18 23.35 -21.16
C PRO A 299 -12.08 22.56 -19.87
N GLY A 300 -12.68 21.38 -19.88
CA GLY A 300 -12.55 20.46 -18.78
C GLY A 300 -13.42 20.80 -17.58
N ARG A 301 -13.04 20.21 -16.45
CA ARG A 301 -13.77 20.35 -15.20
C ARG A 301 -13.03 21.28 -14.26
N ILE A 302 -13.78 21.95 -13.38
CA ILE A 302 -13.23 22.85 -12.39
C ILE A 302 -13.87 22.54 -11.04
N ILE A 303 -13.04 22.38 -10.01
CA ILE A 303 -13.54 22.21 -8.65
C ILE A 303 -13.94 23.57 -8.10
N GLY A 304 -15.14 23.64 -7.52
CA GLY A 304 -15.63 24.88 -6.97
C GLY A 304 -16.07 24.70 -5.53
N VAL A 305 -16.11 25.82 -4.81
CA VAL A 305 -16.53 25.84 -3.42
C VAL A 305 -17.99 26.23 -3.36
N SER A 306 -18.82 25.30 -2.91
CA SER A 306 -20.26 25.50 -2.79
C SER A 306 -20.65 25.36 -1.32
N LYS A 307 -21.95 25.32 -1.07
CA LYS A 307 -22.47 25.17 0.28
C LYS A 307 -23.50 24.03 0.32
N ASP A 308 -23.64 23.45 1.50
CA ASP A 308 -24.54 22.33 1.72
C ASP A 308 -25.99 22.80 1.77
N ALA A 309 -26.89 21.84 1.90
CA ALA A 309 -28.26 22.15 2.32
C ALA A 309 -28.30 22.65 3.75
N ALA A 310 -27.28 22.33 4.55
CA ALA A 310 -27.14 22.83 5.91
C ALA A 310 -26.25 24.06 5.99
N GLY A 311 -25.74 24.55 4.87
CA GLY A 311 -24.88 25.72 4.85
C GLY A 311 -23.40 25.46 5.03
N ASN A 312 -23.00 24.21 5.28
CA ASN A 312 -21.59 23.91 5.43
C ASN A 312 -20.85 24.09 4.11
N THR A 313 -19.58 24.48 4.20
CA THR A 313 -18.76 24.60 3.01
C THR A 313 -18.50 23.23 2.40
N ALA A 314 -18.62 23.14 1.07
CA ALA A 314 -18.50 21.87 0.40
C ALA A 314 -17.94 22.07 -1.00
N LEU A 315 -17.14 21.11 -1.44
CA LEU A 315 -16.52 21.14 -2.76
C LEU A 315 -17.33 20.31 -3.74
N ARG A 316 -17.31 20.72 -5.00
CA ARG A 316 -17.96 19.97 -6.06
C ARG A 316 -17.28 20.25 -7.38
N MET A 317 -17.36 19.28 -8.28
CA MET A 317 -16.85 19.43 -9.65
C MET A 317 -17.95 20.11 -10.48
N ALA A 318 -17.70 21.35 -10.86
CA ALA A 318 -18.73 22.21 -11.43
C ALA A 318 -18.72 22.26 -12.95
N MET A 319 -17.57 22.59 -13.54
CA MET A 319 -17.51 22.85 -14.98
C MET A 319 -17.84 21.58 -15.76
N GLN A 320 -18.25 21.78 -17.02
CA GLN A 320 -18.59 20.67 -17.89
C GLN A 320 -17.44 20.34 -18.84
N ALA A 331 -16.82 26.61 -24.52
CA ALA A 331 -16.09 25.43 -24.06
C ALA A 331 -16.56 24.18 -24.80
N ASN A 332 -16.58 24.26 -26.13
CA ASN A 332 -17.02 23.14 -26.97
C ASN A 332 -15.80 22.25 -27.25
N SER A 333 -15.56 21.33 -26.32
CA SER A 333 -14.50 20.35 -26.44
C SER A 333 -15.04 18.99 -26.02
N ASN A 334 -14.34 17.93 -26.42
CA ASN A 334 -14.78 16.57 -26.15
C ASN A 334 -14.18 16.00 -24.87
N ILE A 335 -13.48 16.81 -24.07
CA ILE A 335 -12.99 16.34 -22.78
C ILE A 335 -14.18 16.07 -21.87
N CYS A 336 -14.18 14.88 -21.25
CA CYS A 336 -15.20 14.51 -20.29
C CYS A 336 -14.67 14.27 -18.89
N THR A 337 -13.38 13.95 -18.74
CA THR A 337 -12.80 13.62 -17.45
C THR A 337 -11.43 14.27 -17.34
N SER A 338 -10.79 14.05 -16.19
CA SER A 338 -9.47 14.59 -15.91
C SER A 338 -8.60 13.49 -15.30
N GLN A 339 -7.28 13.69 -15.40
CA GLN A 339 -6.31 12.76 -14.82
C GLN A 339 -6.26 12.99 -13.32
N VAL A 340 -7.29 12.51 -12.63
CA VAL A 340 -7.47 12.83 -11.22
C VAL A 340 -6.36 12.23 -10.37
N LEU A 341 -6.00 10.97 -10.63
CA LEU A 341 -5.00 10.30 -9.81
C LEU A 341 -3.64 10.99 -9.92
N LEU A 342 -3.25 11.38 -11.13
CA LEU A 342 -1.94 12.00 -11.31
C LEU A 342 -1.93 13.45 -10.84
N ALA A 343 -3.02 14.18 -11.05
CA ALA A 343 -3.12 15.53 -10.53
C ALA A 343 -3.09 15.54 -9.01
N ASN A 344 -3.74 14.56 -8.39
CA ASN A 344 -3.65 14.43 -6.94
C ASN A 344 -2.24 14.10 -6.48
N ILE A 345 -1.50 13.31 -7.27
CA ILE A 345 -0.11 13.03 -6.96
C ILE A 345 0.71 14.31 -6.99
N ALA A 346 0.51 15.13 -8.03
CA ALA A 346 1.25 16.38 -8.13
C ALA A 346 0.91 17.32 -6.98
N SER A 347 -0.38 17.42 -6.64
CA SER A 347 -0.79 18.29 -5.54
C SER A 347 -0.25 17.81 -4.20
N LEU A 348 -0.24 16.50 -3.97
CA LEU A 348 0.31 15.96 -2.73
C LEU A 348 1.82 16.14 -2.67
N TYR A 349 2.50 16.05 -3.81
CA TYR A 349 3.92 16.36 -3.89
C TYR A 349 4.20 17.80 -3.51
N ALA A 350 3.38 18.72 -4.04
CA ALA A 350 3.52 20.13 -3.67
C ALA A 350 3.25 20.35 -2.18
N VAL A 351 2.22 19.68 -1.64
CA VAL A 351 1.90 19.82 -0.23
C VAL A 351 3.04 19.29 0.64
N TYR A 352 3.61 18.14 0.26
CA TYR A 352 4.69 17.54 1.04
C TYR A 352 5.94 18.42 1.03
N HIS A 353 6.29 18.97 -0.13
CA HIS A 353 7.53 19.73 -0.19
C HIS A 353 7.38 21.14 0.36
N GLY A 354 6.27 21.82 0.06
CA GLY A 354 6.08 23.18 0.44
C GLY A 354 6.80 24.11 -0.51
N PRO A 355 6.53 25.41 -0.39
CA PRO A 355 7.28 26.37 -1.21
C PRO A 355 8.78 26.30 -1.00
N VAL A 356 9.23 26.11 0.24
CA VAL A 356 10.66 26.05 0.53
C VAL A 356 11.29 24.81 -0.10
N GLY A 357 10.64 23.65 0.04
CA GLY A 357 11.18 22.43 -0.56
C GLY A 357 11.18 22.48 -2.08
N LEU A 358 10.12 23.00 -2.67
CA LEU A 358 10.07 23.12 -4.13
C LEU A 358 11.13 24.08 -4.64
N LYS A 359 11.33 25.20 -3.94
CA LYS A 359 12.36 26.14 -4.32
C LYS A 359 13.74 25.51 -4.19
N ARG A 360 13.97 24.73 -3.15
CA ARG A 360 15.25 24.05 -3.00
C ARG A 360 15.50 23.07 -4.14
N ILE A 361 14.47 22.31 -4.54
CA ILE A 361 14.64 21.35 -5.63
C ILE A 361 14.98 22.08 -6.92
N ALA A 362 14.22 23.13 -7.24
CA ALA A 362 14.45 23.86 -8.48
C ALA A 362 15.82 24.54 -8.47
N ASN A 363 16.22 25.11 -7.33
CA ASN A 363 17.52 25.75 -7.24
C ASN A 363 18.66 24.74 -7.35
N ARG A 364 18.48 23.54 -6.80
CA ARG A 364 19.50 22.51 -6.96
C ARG A 364 19.64 22.10 -8.42
N ILE A 365 18.52 21.93 -9.13
CA ILE A 365 18.59 21.57 -10.54
C ILE A 365 19.31 22.67 -11.33
N HIS A 366 18.94 23.92 -11.07
CA HIS A 366 19.55 25.05 -11.78
C HIS A 366 21.04 25.17 -11.46
N ARG A 367 21.41 24.95 -10.19
CA ARG A 367 22.81 25.03 -9.79
C ARG A 367 23.65 23.93 -10.43
N LEU A 368 23.11 22.71 -10.50
CA LEU A 368 23.84 21.64 -11.16
C LEU A 368 24.01 21.93 -12.65
N THR A 369 22.97 22.47 -13.29
CA THR A 369 23.10 22.88 -14.68
C THR A 369 24.16 23.95 -14.85
N ASP A 370 24.20 24.92 -13.93
CA ASP A 370 25.21 25.97 -14.00
C ASP A 370 26.62 25.42 -13.83
N ILE A 371 26.80 24.48 -12.90
CA ILE A 371 28.10 23.87 -12.69
C ILE A 371 28.55 23.13 -13.94
N LEU A 372 27.65 22.33 -14.52
CA LEU A 372 28.00 21.61 -15.73
C LEU A 372 28.35 22.56 -16.87
N ALA A 373 27.58 23.63 -17.04
CA ALA A 373 27.86 24.60 -18.09
C ALA A 373 29.19 25.30 -17.88
N ALA A 374 29.48 25.69 -16.63
CA ALA A 374 30.75 26.35 -16.34
C ALA A 374 31.93 25.42 -16.61
N GLY A 375 31.83 24.15 -16.22
CA GLY A 375 32.89 23.21 -16.52
C GLY A 375 33.10 23.02 -18.01
N LEU A 376 32.00 22.82 -18.75
CA LEU A 376 32.10 22.61 -20.19
C LEU A 376 32.69 23.83 -20.89
N GLN A 377 32.29 25.03 -20.48
CA GLN A 377 32.79 26.24 -21.12
C GLN A 377 34.26 26.49 -20.74
N GLN A 378 34.63 26.15 -19.50
CA GLN A 378 36.03 26.23 -19.12
C GLN A 378 36.88 25.28 -19.94
N LYS A 379 36.32 24.14 -20.35
CA LYS A 379 37.05 23.18 -21.18
C LYS A 379 36.76 23.34 -22.67
N GLY A 380 36.45 24.55 -23.13
CA GLY A 380 36.46 24.85 -24.54
C GLY A 380 35.21 24.52 -25.33
N LEU A 381 34.15 24.07 -24.68
CA LEU A 381 32.90 23.77 -25.36
C LEU A 381 31.99 24.99 -25.35
N LYS A 382 31.28 25.19 -26.46
CA LYS A 382 30.42 26.34 -26.64
C LYS A 382 28.96 25.97 -26.42
N LEU A 383 28.18 26.92 -25.93
CA LEU A 383 26.77 26.73 -25.64
C LEU A 383 25.92 27.58 -26.57
N ARG A 384 24.87 26.97 -27.13
CA ARG A 384 24.00 27.70 -28.05
C ARG A 384 23.24 28.82 -27.36
N HIS A 385 22.76 28.58 -26.15
CA HIS A 385 21.91 29.53 -25.42
C HIS A 385 22.58 29.93 -24.12
N ALA A 386 22.65 31.23 -23.88
CA ALA A 386 23.24 31.77 -22.65
C ALA A 386 22.25 31.84 -21.50
N HIS A 387 20.95 31.68 -21.76
CA HIS A 387 19.93 31.76 -20.73
C HIS A 387 19.18 30.44 -20.68
N TYR A 388 19.20 29.79 -19.52
CA TYR A 388 18.66 28.44 -19.37
C TYR A 388 18.29 28.22 -17.92
N PHE A 389 17.49 27.17 -17.70
CA PHE A 389 17.13 26.75 -16.35
C PHE A 389 17.68 25.37 -16.02
N ASP A 390 17.37 24.36 -16.83
CA ASP A 390 17.81 23.00 -16.56
C ASP A 390 18.26 22.25 -17.81
N THR A 391 18.27 22.88 -18.97
CA THR A 391 18.61 22.22 -20.22
C THR A 391 19.73 22.96 -20.91
N LEU A 392 20.79 22.24 -21.27
CA LEU A 392 21.90 22.79 -22.03
C LEU A 392 21.83 22.31 -23.47
N CYS A 393 22.50 23.04 -24.35
CA CYS A 393 22.61 22.70 -25.76
C CYS A 393 24.09 22.84 -26.12
N VAL A 394 24.83 21.74 -25.98
CA VAL A 394 26.28 21.76 -26.13
C VAL A 394 26.63 21.50 -27.59
N GLU A 395 27.38 22.42 -28.19
CA GLU A 395 27.79 22.29 -29.58
C GLU A 395 29.04 21.43 -29.64
N VAL A 396 28.90 20.18 -30.09
CA VAL A 396 29.98 19.21 -30.13
C VAL A 396 30.46 19.05 -31.56
N ALA A 397 31.78 19.18 -31.76
CA ALA A 397 32.34 19.03 -33.10
C ALA A 397 32.17 17.61 -33.62
N ASP A 398 32.33 16.61 -32.75
CA ASP A 398 32.21 15.20 -33.11
C ASP A 398 31.00 14.65 -32.36
N LYS A 399 29.82 14.80 -32.95
CA LYS A 399 28.59 14.37 -32.30
C LYS A 399 28.54 12.85 -32.15
N ALA A 400 28.97 12.12 -33.18
CA ALA A 400 28.88 10.67 -33.16
C ALA A 400 29.74 10.07 -32.04
N GLY A 401 30.96 10.59 -31.88
CA GLY A 401 31.81 10.11 -30.80
C GLY A 401 31.24 10.38 -29.43
N VAL A 402 30.67 11.58 -29.24
CA VAL A 402 30.06 11.91 -27.95
C VAL A 402 28.89 11.00 -27.66
N LEU A 403 28.05 10.73 -28.68
CA LEU A 403 26.91 9.85 -28.48
C LEU A 403 27.34 8.43 -28.19
N THR A 404 28.39 7.95 -28.87
CA THR A 404 28.91 6.62 -28.60
C THR A 404 29.46 6.52 -27.18
N ARG A 405 30.20 7.53 -26.74
CA ARG A 405 30.73 7.53 -25.38
C ARG A 405 29.60 7.57 -24.34
N ALA A 406 28.57 8.38 -24.61
CA ALA A 406 27.43 8.44 -23.70
C ALA A 406 26.71 7.09 -23.63
N GLU A 407 26.55 6.41 -24.76
CA GLU A 407 25.95 5.09 -24.77
C GLU A 407 26.81 4.08 -24.00
N ALA A 408 28.13 4.18 -24.15
CA ALA A 408 29.02 3.33 -23.38
C ALA A 408 28.89 3.59 -21.88
N ALA A 409 28.61 4.83 -21.50
CA ALA A 409 28.37 5.17 -20.10
C ALA A 409 26.94 4.93 -19.66
N GLU A 410 26.09 4.41 -20.55
CA GLU A 410 24.67 4.17 -20.28
C GLU A 410 23.95 5.48 -19.94
N ILE A 411 24.21 6.50 -20.75
CA ILE A 411 23.62 7.82 -20.60
C ILE A 411 22.92 8.19 -21.89
N ASN A 412 21.67 8.62 -21.80
CA ASN A 412 20.90 9.08 -22.95
C ASN A 412 20.91 10.59 -22.99
N LEU A 413 21.34 11.15 -24.12
CA LEU A 413 21.28 12.58 -24.39
C LEU A 413 20.37 12.83 -25.58
N ARG A 414 19.83 14.05 -25.65
CA ARG A 414 19.03 14.43 -26.80
C ARG A 414 19.92 14.49 -28.04
N SER A 415 19.63 13.63 -29.02
CA SER A 415 20.52 13.41 -30.15
C SER A 415 19.95 13.90 -31.47
N ASP A 416 18.82 14.60 -31.46
CA ASP A 416 18.19 15.06 -32.69
C ASP A 416 18.46 16.52 -32.99
N ILE A 417 19.38 17.16 -32.25
CA ILE A 417 19.75 18.55 -32.50
C ILE A 417 20.97 18.56 -33.41
N LEU A 418 20.91 19.34 -34.49
CA LEU A 418 21.99 19.38 -35.45
C LEU A 418 23.26 19.97 -34.83
N ASN A 419 24.38 19.28 -35.05
CA ASN A 419 25.70 19.72 -34.59
C ASN A 419 25.73 20.02 -33.10
N ALA A 420 24.89 19.34 -32.33
CA ALA A 420 24.83 19.59 -30.89
C ALA A 420 24.23 18.40 -30.18
N VAL A 421 24.44 18.36 -28.87
CA VAL A 421 23.81 17.38 -27.99
C VAL A 421 23.03 18.15 -26.93
N GLY A 422 21.98 17.52 -26.41
CA GLY A 422 21.14 18.16 -25.43
C GLY A 422 21.10 17.44 -24.11
N ILE A 423 21.38 18.16 -23.02
CA ILE A 423 21.38 17.60 -21.68
C ILE A 423 20.32 18.33 -20.85
N THR A 424 19.43 17.57 -20.23
CA THR A 424 18.41 18.11 -19.34
C THR A 424 18.56 17.44 -17.98
N LEU A 425 18.76 18.25 -16.95
CA LEU A 425 18.92 17.76 -15.59
C LEU A 425 17.58 17.77 -14.87
N ASP A 426 17.46 16.94 -13.83
CA ASP A 426 16.22 16.83 -13.09
C ASP A 426 16.52 16.66 -11.61
N GLU A 427 15.49 16.29 -10.85
CA GLU A 427 15.56 16.19 -9.40
C GLU A 427 16.53 15.10 -8.94
N THR A 428 16.78 14.10 -9.78
CA THR A 428 17.62 12.97 -9.40
C THR A 428 19.09 13.15 -9.76
N THR A 429 19.45 14.26 -10.40
CA THR A 429 20.85 14.48 -10.77
C THR A 429 21.69 14.83 -9.54
N THR A 430 22.86 14.20 -9.45
CA THR A 430 23.81 14.41 -8.36
C THR A 430 25.12 14.94 -8.94
N ARG A 431 26.10 15.20 -8.05
CA ARG A 431 27.42 15.59 -8.52
C ARG A 431 28.11 14.46 -9.26
N GLU A 432 27.86 13.22 -8.86
CA GLU A 432 28.42 12.08 -9.57
C GLU A 432 27.93 12.04 -11.00
N ASN A 433 26.66 12.35 -11.23
CA ASN A 433 26.12 12.40 -12.58
C ASN A 433 26.79 13.50 -13.40
N VAL A 434 27.03 14.67 -12.79
CA VAL A 434 27.69 15.76 -13.49
C VAL A 434 29.12 15.39 -13.83
N MET A 435 29.80 14.67 -12.94
CA MET A 435 31.15 14.19 -13.24
C MET A 435 31.13 13.18 -14.38
N GLN A 436 30.15 12.29 -14.40
CA GLN A 436 29.99 11.36 -15.51
C GLN A 436 29.77 12.10 -16.83
N LEU A 437 28.97 13.16 -16.78
CA LEU A 437 28.74 13.96 -17.99
C LEU A 437 30.02 14.66 -18.45
N PHE A 438 30.81 15.16 -17.50
CA PHE A 438 32.10 15.74 -17.86
C PHE A 438 32.99 14.71 -18.53
N ASN A 439 33.01 13.49 -18.00
CA ASN A 439 33.80 12.43 -18.63
C ASN A 439 33.27 12.11 -20.03
N VAL A 440 31.96 12.10 -20.20
CA VAL A 440 31.37 11.75 -21.49
C VAL A 440 31.69 12.81 -22.53
N LEU A 441 31.48 14.08 -22.21
CA LEU A 441 31.58 15.14 -23.21
C LEU A 441 32.98 15.70 -23.39
N LEU A 442 33.83 15.64 -22.37
CA LEU A 442 35.18 16.16 -22.48
C LEU A 442 36.27 15.09 -22.45
N GLY A 443 35.92 13.85 -22.12
CA GLY A 443 36.90 12.81 -21.97
C GLY A 443 37.48 12.77 -20.57
N ASP A 444 38.41 11.83 -20.38
CA ASP A 444 39.06 11.69 -19.10
C ASP A 444 40.14 12.76 -18.92
N ASN A 445 40.62 12.88 -17.68
CA ASN A 445 41.66 13.84 -17.32
C ASN A 445 41.26 15.27 -17.68
N HIS A 446 40.00 15.61 -17.43
CA HIS A 446 39.58 17.00 -17.60
C HIS A 446 40.03 17.87 -16.44
N GLY A 447 40.07 17.33 -15.23
CA GLY A 447 40.60 18.06 -14.09
C GLY A 447 39.65 19.03 -13.42
N LEU A 448 38.37 19.02 -13.79
CA LEU A 448 37.39 19.88 -13.14
C LEU A 448 37.01 19.33 -11.78
N ASP A 449 36.69 20.24 -10.86
CA ASP A 449 36.22 19.89 -9.53
C ASP A 449 34.91 20.60 -9.26
N ILE A 450 33.94 19.87 -8.69
CA ILE A 450 32.59 20.40 -8.53
C ILE A 450 32.58 21.56 -7.55
N ASP A 451 33.41 21.51 -6.51
CA ASP A 451 33.35 22.50 -5.44
C ASP A 451 33.84 23.88 -5.90
N THR A 452 34.96 23.93 -6.62
CA THR A 452 35.43 25.22 -7.12
C THR A 452 34.48 25.79 -8.16
N LEU A 453 33.95 24.94 -9.04
CA LEU A 453 32.93 25.39 -9.98
C LEU A 453 31.68 25.86 -9.25
N ASP A 454 31.31 25.15 -8.17
CA ASP A 454 30.15 25.56 -7.38
C ASP A 454 30.35 26.93 -6.77
N LYS A 455 31.54 27.19 -6.21
CA LYS A 455 31.84 28.50 -5.65
C LYS A 455 31.81 29.58 -6.73
N ASP A 456 32.33 29.26 -7.91
CA ASP A 456 32.30 30.24 -9.00
C ASP A 456 30.87 30.56 -9.42
N VAL A 457 30.01 29.55 -9.55
CA VAL A 457 28.68 29.78 -10.11
C VAL A 457 27.72 30.36 -9.08
N ALA A 458 27.91 30.05 -7.80
CA ALA A 458 27.04 30.63 -6.77
C ALA A 458 27.21 32.15 -6.70
N HIS A 459 28.45 32.63 -6.80
CA HIS A 459 28.69 34.06 -6.80
C HIS A 459 28.25 34.70 -8.11
N ASP A 460 28.61 34.08 -9.23
CA ASP A 460 28.35 34.64 -10.56
C ASP A 460 27.41 33.71 -11.31
N SER A 461 26.14 34.09 -11.41
CA SER A 461 25.14 33.33 -12.15
C SER A 461 24.29 34.29 -12.95
N ARG A 462 24.40 34.24 -14.28
CA ARG A 462 23.63 35.10 -15.17
C ARG A 462 22.80 34.28 -16.15
N SER A 463 22.62 32.98 -15.89
CA SER A 463 21.86 32.14 -16.81
C SER A 463 20.36 32.45 -16.79
N ILE A 464 19.89 33.18 -15.79
CA ILE A 464 18.50 33.60 -15.72
C ILE A 464 18.47 35.12 -15.68
N GLN A 465 17.71 35.72 -16.60
CA GLN A 465 17.62 37.16 -16.66
C GLN A 465 16.99 37.70 -15.38
N PRO A 466 17.37 38.90 -14.94
CA PRO A 466 16.78 39.45 -13.72
C PRO A 466 15.27 39.59 -13.78
N ALA A 467 14.71 39.91 -14.95
CA ALA A 467 13.27 40.06 -15.06
C ALA A 467 12.54 38.73 -15.04
N MET A 468 13.21 37.63 -15.40
CA MET A 468 12.57 36.33 -15.45
C MET A 468 12.71 35.55 -14.15
N LEU A 469 13.35 36.11 -13.14
CA LEU A 469 13.49 35.44 -11.85
C LEU A 469 12.30 35.79 -10.96
N ARG A 470 11.65 34.75 -10.43
CA ARG A 470 10.47 34.95 -9.61
C ARG A 470 10.84 35.61 -8.28
N ASP A 471 10.03 36.58 -7.86
CA ASP A 471 10.24 37.29 -6.61
C ASP A 471 9.02 37.32 -5.71
N ASP A 472 7.89 36.79 -6.15
CA ASP A 472 6.67 36.77 -5.35
C ASP A 472 6.66 35.56 -4.42
N GLU A 473 5.59 35.41 -3.65
CA GLU A 473 5.41 34.29 -2.75
C GLU A 473 4.39 33.32 -3.34
N ILE A 474 4.78 32.06 -3.46
CA ILE A 474 3.89 31.02 -3.97
C ILE A 474 3.54 30.07 -2.83
N LEU A 475 2.39 29.40 -2.97
CA LEU A 475 1.94 28.38 -2.03
C LEU A 475 1.86 28.92 -0.60
N THR A 476 1.33 30.14 -0.46
CA THR A 476 1.15 30.71 0.87
C THR A 476 -0.07 30.15 1.58
N HIS A 477 -0.91 29.38 0.89
CA HIS A 477 -2.08 28.78 1.52
C HIS A 477 -1.63 27.78 2.59
N PRO A 478 -2.34 27.70 3.71
CA PRO A 478 -1.84 26.92 4.86
C PRO A 478 -1.59 25.44 4.57
N VAL A 479 -2.33 24.84 3.64
CA VAL A 479 -2.17 23.40 3.37
C VAL A 479 -0.77 23.09 2.83
N PHE A 480 -0.09 24.06 2.25
CA PHE A 480 1.25 23.86 1.74
C PHE A 480 2.34 24.13 2.77
N ASN A 481 1.96 24.45 4.01
CA ASN A 481 2.93 24.87 5.02
C ASN A 481 2.80 24.12 6.33
N ARG A 482 2.05 23.01 6.39
CA ARG A 482 1.83 22.35 7.67
C ARG A 482 1.89 20.83 7.62
N TYR A 483 2.24 20.22 6.50
CA TYR A 483 2.28 18.76 6.40
C TYR A 483 3.63 18.30 5.87
N HIS A 484 4.71 18.89 6.38
CA HIS A 484 6.04 18.52 5.93
C HIS A 484 6.64 17.37 6.73
N SER A 485 6.08 17.03 7.87
CA SER A 485 6.45 15.79 8.54
C SER A 485 5.83 14.61 7.81
N GLU A 486 6.53 13.47 7.87
CA GLU A 486 5.96 12.26 7.27
C GLU A 486 4.73 11.82 8.02
N THR A 487 4.74 11.94 9.34
CA THR A 487 3.56 11.59 10.14
C THR A 487 2.39 12.50 9.81
N GLU A 488 2.62 13.81 9.74
CA GLU A 488 1.54 14.74 9.43
C GLU A 488 1.03 14.55 8.01
N MET A 489 1.93 14.31 7.06
CA MET A 489 1.51 14.09 5.68
C MET A 489 0.70 12.80 5.56
N MET A 490 1.14 11.74 6.24
CA MET A 490 0.39 10.49 6.25
C MET A 490 -1.00 10.67 6.85
N ARG A 491 -1.09 11.43 7.94
CA ARG A 491 -2.39 11.66 8.56
C ARG A 491 -3.28 12.54 7.69
N TYR A 492 -2.71 13.51 6.98
CA TYR A 492 -3.49 14.32 6.06
C TYR A 492 -4.04 13.48 4.90
N MET A 493 -3.21 12.62 4.32
CA MET A 493 -3.67 11.76 3.24
C MET A 493 -4.74 10.78 3.74
N HIS A 494 -4.57 10.25 4.95
CA HIS A 494 -5.57 9.37 5.52
C HIS A 494 -6.88 10.10 5.77
N SER A 495 -6.80 11.35 6.24
CA SER A 495 -8.01 12.13 6.49
C SER A 495 -8.75 12.44 5.19
N LEU A 496 -8.00 12.74 4.12
CA LEU A 496 -8.64 12.91 2.82
C LEU A 496 -9.27 11.61 2.34
N GLU A 497 -8.59 10.49 2.54
CA GLU A 497 -9.09 9.20 2.06
C GLU A 497 -10.32 8.75 2.83
N ARG A 498 -10.40 9.06 4.13
CA ARG A 498 -11.53 8.65 4.94
C ARG A 498 -12.84 9.30 4.50
N LYS A 499 -12.77 10.45 3.83
CA LYS A 499 -13.96 11.16 3.43
C LYS A 499 -14.67 10.53 2.24
N ASP A 500 -13.99 9.67 1.50
CA ASP A 500 -14.48 9.17 0.23
C ASP A 500 -15.03 7.76 0.34
N LEU A 501 -15.93 7.43 -0.57
CA LEU A 501 -16.51 6.10 -0.70
C LEU A 501 -15.88 5.44 -1.92
N ALA A 502 -15.00 4.47 -1.68
CA ALA A 502 -14.26 3.80 -2.74
C ALA A 502 -14.74 2.36 -2.87
N LEU A 503 -14.16 1.65 -3.84
CA LEU A 503 -14.54 0.26 -4.09
C LEU A 503 -14.10 -0.67 -2.97
N ASN A 504 -13.13 -0.27 -2.14
CA ASN A 504 -12.72 -1.09 -1.01
C ASN A 504 -13.71 -1.02 0.15
N GLN A 505 -14.80 -0.27 0.01
CA GLN A 505 -15.86 -0.22 1.01
C GLN A 505 -17.18 -0.72 0.48
N ALA A 506 -17.59 -0.31 -0.72
CA ALA A 506 -18.90 -0.65 -1.23
C ALA A 506 -18.89 -0.73 -2.75
N MET A 507 -19.93 -1.35 -3.30
CA MET A 507 -20.11 -1.40 -4.74
C MET A 507 -20.47 -0.02 -5.29
N ILE A 508 -19.99 0.25 -6.50
CA ILE A 508 -20.31 1.50 -7.20
C ILE A 508 -20.99 1.12 -8.50
N PRO A 509 -22.30 0.87 -8.49
CA PRO A 509 -23.00 0.34 -9.67
C PRO A 509 -23.40 1.42 -10.67
N LEU A 510 -22.39 2.09 -11.23
CA LEU A 510 -22.65 3.17 -12.19
C LEU A 510 -22.89 2.58 -13.57
N GLY A 511 -24.01 2.92 -14.17
CA GLY A 511 -24.24 2.56 -15.56
C GLY A 511 -23.30 3.29 -16.50
N SER A 512 -23.05 2.67 -17.65
CA SER A 512 -22.11 3.16 -18.66
C SER A 512 -20.67 3.20 -18.16
N CYS A 513 -20.42 2.72 -16.95
CA CYS A 513 -19.09 2.63 -16.39
C CYS A 513 -18.92 1.24 -15.80
N THR A 514 -17.78 0.60 -16.07
CA THR A 514 -17.54 -0.76 -15.61
C THR A 514 -16.62 -0.69 -14.38
N MET A 515 -17.24 -0.47 -13.22
CA MET A 515 -16.52 -0.41 -11.95
C MET A 515 -16.23 -1.82 -11.44
N LYS A 516 -15.49 -2.57 -12.24
CA LYS A 516 -15.12 -3.93 -11.89
C LYS A 516 -13.91 -3.91 -10.97
N LEU A 517 -13.32 -5.09 -10.73
CA LEU A 517 -12.21 -5.20 -9.80
C LEU A 517 -10.91 -4.73 -10.44
N ASN A 518 -10.19 -3.88 -9.72
CA ASN A 518 -8.81 -3.50 -10.08
C ASN A 518 -7.90 -4.34 -9.18
N ALA A 519 -7.58 -5.55 -9.64
CA ALA A 519 -6.85 -6.50 -8.83
C ALA A 519 -5.44 -5.99 -8.51
N ALA A 520 -4.95 -6.38 -7.33
CA ALA A 520 -3.62 -5.97 -6.91
C ALA A 520 -2.54 -6.52 -7.84
N ALA A 521 -2.74 -7.73 -8.38
CA ALA A 521 -1.77 -8.29 -9.30
C ALA A 521 -1.66 -7.48 -10.59
N GLU A 522 -2.78 -6.91 -11.04
CA GLU A 522 -2.72 -6.04 -12.22
C GLU A 522 -2.07 -4.69 -11.90
N MET A 523 -2.24 -4.21 -10.66
CA MET A 523 -1.69 -2.92 -10.26
C MET A 523 -0.21 -2.97 -9.90
N ILE A 524 0.32 -4.13 -9.51
CA ILE A 524 1.71 -4.20 -9.04
C ILE A 524 2.71 -3.78 -10.12
N PRO A 525 2.64 -4.29 -11.37
CA PRO A 525 3.69 -3.96 -12.34
C PRO A 525 3.75 -2.49 -12.74
N ILE A 526 2.70 -1.70 -12.54
CA ILE A 526 2.71 -0.33 -13.03
C ILE A 526 3.63 0.57 -12.22
N THR A 527 4.02 0.15 -11.00
CA THR A 527 5.00 0.88 -10.22
C THR A 527 6.39 0.26 -10.30
N TRP A 528 6.58 -0.76 -11.14
CA TRP A 528 7.90 -1.31 -11.34
C TRP A 528 8.80 -0.26 -11.99
N PRO A 529 10.05 -0.13 -11.53
CA PRO A 529 10.97 0.80 -12.19
C PRO A 529 11.27 0.44 -13.63
N GLU A 530 11.08 -0.82 -14.02
CA GLU A 530 11.33 -1.21 -15.40
C GLU A 530 10.26 -0.64 -16.33
N PHE A 531 9.02 -0.56 -15.89
CA PHE A 531 7.94 0.03 -16.67
C PHE A 531 7.85 1.53 -16.46
N ALA A 532 7.94 1.99 -15.23
CA ALA A 532 8.09 3.41 -14.95
C ALA A 532 9.53 3.83 -15.27
N GLU A 533 9.88 5.06 -14.94
CA GLU A 533 11.26 5.54 -15.04
C GLU A 533 11.84 5.41 -16.44
N LEU A 534 11.01 5.28 -17.47
CA LEU A 534 11.47 5.19 -18.84
C LEU A 534 11.04 6.43 -19.61
N HIS A 535 12.00 7.05 -20.29
CA HIS A 535 11.69 8.22 -21.11
C HIS A 535 10.98 7.78 -22.39
N PRO A 536 9.87 8.43 -22.75
CA PRO A 536 9.16 8.02 -23.97
C PRO A 536 9.99 8.14 -25.23
N PHE A 537 10.93 9.07 -25.28
CA PHE A 537 11.73 9.33 -26.49
C PHE A 537 13.11 8.69 -26.42
N CYS A 538 13.30 7.72 -25.53
CA CYS A 538 14.55 6.97 -25.49
C CYS A 538 14.68 6.13 -26.76
N PRO A 539 15.92 5.76 -27.13
CA PRO A 539 16.11 4.88 -28.29
C PRO A 539 15.35 3.59 -28.11
N PRO A 540 14.64 3.14 -29.15
CA PRO A 540 13.72 2.00 -28.99
C PRO A 540 14.39 0.70 -28.59
N GLU A 541 15.69 0.54 -28.85
CA GLU A 541 16.38 -0.68 -28.46
C GLU A 541 16.43 -0.87 -26.95
N GLN A 542 16.31 0.21 -26.18
CA GLN A 542 16.26 0.14 -24.74
C GLN A 542 14.85 -0.10 -24.20
N ALA A 543 13.85 -0.17 -25.08
CA ALA A 543 12.47 -0.41 -24.70
C ALA A 543 11.95 -1.67 -25.39
N GLU A 544 12.75 -2.73 -25.39
CA GLU A 544 12.34 -3.98 -26.03
C GLU A 544 11.27 -4.71 -25.22
N GLY A 545 11.32 -4.61 -23.90
CA GLY A 545 10.28 -5.20 -23.08
C GLY A 545 8.92 -4.56 -23.32
N TYR A 546 8.90 -3.23 -23.40
CA TYR A 546 7.67 -2.53 -23.74
C TYR A 546 7.16 -2.96 -25.11
N GLN A 547 8.06 -3.08 -26.09
CA GLN A 547 7.65 -3.49 -27.43
C GLN A 547 7.04 -4.88 -27.41
N GLN A 548 7.68 -5.81 -26.69
CA GLN A 548 7.15 -7.17 -26.62
C GLN A 548 5.77 -7.20 -25.96
N MET A 549 5.64 -6.50 -24.84
CA MET A 549 4.36 -6.50 -24.12
C MET A 549 3.26 -5.85 -24.95
N ILE A 550 3.56 -4.73 -25.60
CA ILE A 550 2.55 -4.03 -26.38
C ILE A 550 2.16 -4.84 -27.61
N ALA A 551 3.12 -5.52 -28.23
CA ALA A 551 2.79 -6.40 -29.35
C ALA A 551 1.88 -7.54 -28.91
N GLN A 552 2.18 -8.15 -27.76
CA GLN A 552 1.32 -9.22 -27.24
C GLN A 552 -0.09 -8.69 -26.96
N LEU A 553 -0.17 -7.52 -26.35
CA LEU A 553 -1.47 -6.93 -26.05
C LEU A 553 -2.25 -6.62 -27.32
N ALA A 554 -1.57 -6.10 -28.35
CA ALA A 554 -2.24 -5.79 -29.60
C ALA A 554 -2.75 -7.06 -30.29
N ASP A 555 -1.95 -8.13 -30.26
CA ASP A 555 -2.43 -9.39 -30.82
C ASP A 555 -3.64 -9.92 -30.07
N TRP A 556 -3.59 -9.85 -28.73
CA TRP A 556 -4.73 -10.28 -27.93
C TRP A 556 -5.97 -9.46 -28.26
N LEU A 557 -5.81 -8.15 -28.40
CA LEU A 557 -6.97 -7.28 -28.65
C LEU A 557 -7.53 -7.47 -30.04
N VAL A 558 -6.68 -7.70 -31.05
CA VAL A 558 -7.23 -7.98 -32.37
C VAL A 558 -7.95 -9.31 -32.39
N LYS A 559 -7.47 -10.29 -31.61
CA LYS A 559 -8.23 -11.53 -31.51
C LYS A 559 -9.57 -11.31 -30.83
N LEU A 560 -9.58 -10.53 -29.74
CA LEU A 560 -10.79 -10.36 -28.94
C LEU A 560 -11.85 -9.54 -29.66
N THR A 561 -11.44 -8.49 -30.36
CA THR A 561 -12.38 -7.56 -30.99
C THR A 561 -12.74 -7.94 -32.42
N GLY A 562 -12.13 -8.99 -32.96
CA GLY A 562 -12.43 -9.38 -34.33
C GLY A 562 -11.85 -8.50 -35.39
N TYR A 563 -10.93 -7.60 -35.04
CA TYR A 563 -10.36 -6.65 -35.98
C TYR A 563 -9.03 -7.17 -36.51
N ASP A 564 -8.32 -6.31 -37.24
CA ASP A 564 -7.05 -6.68 -37.86
C ASP A 564 -5.84 -5.94 -37.29
N ALA A 565 -6.04 -4.77 -36.69
CA ALA A 565 -4.93 -4.01 -36.14
C ALA A 565 -5.44 -3.16 -34.97
N VAL A 566 -4.51 -2.78 -34.09
CA VAL A 566 -4.84 -2.01 -32.90
C VAL A 566 -3.76 -0.94 -32.70
N CYS A 567 -4.19 0.27 -32.36
CA CYS A 567 -3.29 1.38 -32.04
C CYS A 567 -3.55 1.83 -30.61
N MET A 568 -2.47 1.91 -29.81
CA MET A 568 -2.57 2.23 -28.39
C MET A 568 -2.40 3.70 -28.06
N GLN A 569 -2.19 4.56 -29.05
CA GLN A 569 -1.87 5.96 -28.77
C GLN A 569 -2.96 6.70 -27.98
N PRO A 570 -4.25 6.63 -28.34
CA PRO A 570 -5.24 7.45 -27.63
C PRO A 570 -5.27 7.16 -26.14
N ASN A 571 -5.35 8.23 -25.34
CA ASN A 571 -5.29 8.13 -23.89
C ASN A 571 -6.62 8.47 -23.23
N SER A 572 -7.72 8.43 -23.97
CA SER A 572 -9.06 8.60 -23.42
C SER A 572 -10.06 8.04 -24.42
N GLY A 573 -11.26 7.76 -23.92
CA GLY A 573 -12.31 7.25 -24.79
C GLY A 573 -12.70 8.25 -25.87
N ALA A 574 -12.82 9.52 -25.51
CA ALA A 574 -13.07 10.55 -26.51
C ALA A 574 -11.90 10.64 -27.49
N GLN A 575 -10.67 10.52 -26.98
CA GLN A 575 -9.50 10.49 -27.86
C GLN A 575 -9.54 9.29 -28.79
N GLY A 576 -9.99 8.13 -28.29
CA GLY A 576 -10.13 6.97 -29.16
C GLY A 576 -11.16 7.17 -30.25
N GLU A 577 -12.31 7.75 -29.89
CA GLU A 577 -13.33 8.04 -30.90
C GLU A 577 -12.79 9.01 -31.95
N TYR A 578 -12.06 10.04 -31.49
CA TYR A 578 -11.48 11.01 -32.41
C TYR A 578 -10.46 10.36 -33.33
N ALA A 579 -9.64 9.44 -32.80
CA ALA A 579 -8.65 8.75 -33.62
C ALA A 579 -9.32 7.84 -34.64
N GLY A 580 -10.36 7.12 -34.24
CA GLY A 580 -11.07 6.28 -35.19
C GLY A 580 -11.74 7.09 -36.30
N LEU A 581 -12.33 8.22 -35.94
CA LEU A 581 -12.92 9.09 -36.95
C LEU A 581 -11.86 9.67 -37.87
N LEU A 582 -10.67 9.97 -37.32
CA LEU A 582 -9.57 10.42 -38.16
C LEU A 582 -9.14 9.34 -39.14
N ALA A 583 -9.11 8.08 -38.69
CA ALA A 583 -8.79 6.99 -39.59
C ALA A 583 -9.82 6.88 -40.71
N ILE A 584 -11.10 7.01 -40.36
CA ILE A 584 -12.16 6.97 -41.38
C ILE A 584 -11.98 8.11 -42.38
N ARG A 585 -11.70 9.32 -41.88
CA ARG A 585 -11.55 10.48 -42.75
C ARG A 585 -10.34 10.34 -43.67
N HIS A 586 -9.22 9.85 -43.13
CA HIS A 586 -8.02 9.67 -43.94
C HIS A 586 -8.22 8.58 -44.98
N TYR A 587 -8.95 7.51 -44.63
CA TYR A 587 -9.28 6.49 -45.62
C TYR A 587 -10.14 7.07 -46.74
N HIS A 588 -11.13 7.89 -46.39
CA HIS A 588 -11.98 8.50 -47.42
C HIS A 588 -11.16 9.43 -48.29
N GLU A 589 -10.23 10.19 -47.70
CA GLU A 589 -9.41 11.11 -48.49
C GLU A 589 -8.41 10.37 -49.37
N SER A 590 -7.98 9.17 -48.95
CA SER A 590 -7.01 8.42 -49.73
C SER A 590 -7.60 7.83 -51.01
N ARG A 591 -8.94 7.78 -51.11
CA ARG A 591 -9.61 7.28 -52.31
C ARG A 591 -10.27 8.40 -53.10
N ASN A 592 -9.80 9.64 -52.92
CA ASN A 592 -10.37 10.82 -53.58
C ASN A 592 -11.86 10.97 -53.25
N GLU A 593 -12.23 10.66 -52.02
CA GLU A 593 -13.60 10.74 -51.55
C GLU A 593 -13.68 11.60 -50.29
N GLY A 594 -12.99 12.74 -50.30
CA GLY A 594 -12.99 13.62 -49.15
C GLY A 594 -14.30 14.34 -48.91
N HIS A 595 -15.17 14.39 -49.93
CA HIS A 595 -16.45 15.06 -49.77
C HIS A 595 -17.37 14.34 -48.81
N ARG A 596 -17.13 13.06 -48.52
CA ARG A 596 -17.89 12.34 -47.52
C ARG A 596 -17.59 12.92 -46.15
N ASP A 597 -18.56 13.62 -45.57
CA ASP A 597 -18.37 14.22 -44.24
C ASP A 597 -19.59 14.06 -43.36
N ILE A 598 -20.61 13.32 -43.78
CA ILE A 598 -21.84 13.15 -43.02
C ILE A 598 -21.67 11.97 -42.09
N CYS A 599 -21.87 12.20 -40.78
CA CYS A 599 -21.74 11.17 -39.76
C CYS A 599 -23.10 10.94 -39.13
N LEU A 600 -23.72 9.81 -39.44
CA LEU A 600 -25.01 9.48 -38.87
C LEU A 600 -24.84 9.06 -37.41
N ILE A 601 -25.64 9.64 -36.54
CA ILE A 601 -25.59 9.33 -35.11
C ILE A 601 -27.00 9.04 -34.62
N PRO A 602 -27.24 7.91 -33.95
CA PRO A 602 -28.58 7.65 -33.41
C PRO A 602 -28.94 8.65 -32.33
N ALA A 603 -30.25 8.92 -32.21
CA ALA A 603 -30.74 9.89 -31.26
C ALA A 603 -30.53 9.48 -29.81
N SER A 604 -30.19 8.22 -29.54
CA SER A 604 -29.99 7.73 -28.19
C SER A 604 -28.52 7.64 -27.80
N ALA A 605 -27.61 8.17 -28.61
CA ALA A 605 -26.19 8.00 -28.38
C ALA A 605 -25.71 8.83 -27.19
N HIS A 606 -24.48 8.55 -26.75
CA HIS A 606 -23.85 9.36 -25.72
C HIS A 606 -23.57 10.76 -26.25
N GLY A 607 -23.33 11.68 -25.32
CA GLY A 607 -23.00 13.04 -25.71
C GLY A 607 -21.59 13.20 -26.24
N THR A 608 -20.71 12.24 -25.97
CA THR A 608 -19.33 12.35 -26.44
C THR A 608 -19.22 12.15 -27.95
N ASN A 609 -20.06 11.28 -28.52
CA ASN A 609 -19.96 10.98 -29.95
C ASN A 609 -20.18 12.19 -30.84
N PRO A 610 -21.24 13.00 -30.66
CA PRO A 610 -21.35 14.20 -31.50
C PRO A 610 -20.19 15.17 -31.33
N ALA A 611 -19.66 15.29 -30.11
CA ALA A 611 -18.52 16.16 -29.88
C ALA A 611 -17.30 15.68 -30.66
N SER A 612 -17.03 14.38 -30.63
CA SER A 612 -15.90 13.83 -31.38
C SER A 612 -16.12 13.96 -32.88
N ALA A 613 -17.35 13.76 -33.35
CA ALA A 613 -17.64 13.90 -34.77
C ALA A 613 -17.46 15.33 -35.23
N HIS A 614 -17.85 16.30 -34.40
CA HIS A 614 -17.62 17.70 -34.76
C HIS A 614 -16.14 18.05 -34.71
N MET A 615 -15.41 17.46 -33.77
CA MET A 615 -13.96 17.67 -33.71
C MET A 615 -13.28 17.14 -34.96
N ALA A 616 -13.74 15.99 -35.47
CA ALA A 616 -13.17 15.40 -36.67
C ALA A 616 -13.66 16.06 -37.96
N GLY A 617 -14.33 17.20 -37.86
CA GLY A 617 -14.82 17.89 -39.04
C GLY A 617 -15.90 17.15 -39.80
N MET A 618 -16.87 16.58 -39.09
CA MET A 618 -17.94 15.81 -39.69
C MET A 618 -19.28 16.47 -39.38
N GLN A 619 -20.13 16.58 -40.41
CA GLN A 619 -21.50 17.02 -40.18
C GLN A 619 -22.30 15.92 -39.51
N VAL A 620 -22.97 16.24 -38.42
CA VAL A 620 -23.72 15.27 -37.64
C VAL A 620 -25.16 15.27 -38.12
N VAL A 621 -25.65 14.12 -38.53
CA VAL A 621 -27.06 13.93 -38.89
C VAL A 621 -27.65 12.94 -37.90
N VAL A 622 -28.68 13.35 -37.19
CA VAL A 622 -29.31 12.51 -36.18
C VAL A 622 -30.38 11.65 -36.84
N VAL A 623 -30.36 10.35 -36.53
CA VAL A 623 -31.38 9.41 -37.00
C VAL A 623 -32.23 9.00 -35.80
N ALA A 624 -33.54 9.03 -35.99
CA ALA A 624 -34.46 8.78 -34.90
C ALA A 624 -34.54 7.30 -34.57
N CYS A 625 -34.73 7.01 -33.28
CA CYS A 625 -34.97 5.65 -32.80
C CYS A 625 -36.47 5.46 -32.63
N ASP A 626 -37.00 4.36 -33.17
CA ASP A 626 -38.45 4.15 -33.16
C ASP A 626 -39.01 4.14 -31.76
N LYS A 627 -38.43 3.31 -30.89
CA LYS A 627 -38.78 3.24 -29.47
C LYS A 627 -37.83 2.26 -28.82
N ASN A 628 -37.84 2.25 -27.48
CA ASN A 628 -36.96 1.41 -26.68
C ASN A 628 -35.49 1.66 -26.99
N GLY A 629 -35.19 2.76 -27.67
CA GLY A 629 -33.84 3.10 -28.06
C GLY A 629 -33.32 2.39 -29.29
N ASN A 630 -34.13 1.55 -29.93
CA ASN A 630 -33.72 0.84 -31.12
C ASN A 630 -33.92 1.75 -32.32
N ILE A 631 -32.85 2.00 -33.07
CA ILE A 631 -32.96 2.82 -34.27
C ILE A 631 -33.80 2.08 -35.30
N ASP A 632 -34.66 2.81 -36.00
CA ASP A 632 -35.53 2.21 -36.99
C ASP A 632 -34.87 2.24 -38.36
N LEU A 633 -35.03 1.14 -39.10
CA LEU A 633 -34.33 0.99 -40.37
C LEU A 633 -34.83 1.98 -41.41
N THR A 634 -36.14 2.29 -41.39
CA THR A 634 -36.69 3.19 -42.40
C THR A 634 -36.07 4.59 -42.30
N ASP A 635 -35.95 5.13 -41.08
CA ASP A 635 -35.32 6.42 -40.93
C ASP A 635 -33.82 6.35 -41.25
N LEU A 636 -33.16 5.27 -40.84
CA LEU A 636 -31.75 5.10 -41.20
C LEU A 636 -31.56 5.00 -42.71
N ARG A 637 -32.44 4.23 -43.37
CA ARG A 637 -32.35 4.11 -44.82
C ARG A 637 -32.56 5.45 -45.50
N ALA A 638 -33.56 6.22 -45.04
CA ALA A 638 -33.82 7.52 -45.64
C ALA A 638 -32.67 8.48 -45.42
N LYS A 639 -32.12 8.51 -44.20
CA LYS A 639 -31.00 9.41 -43.91
C LYS A 639 -29.77 9.04 -44.71
N ALA A 640 -29.49 7.74 -44.85
CA ALA A 640 -28.33 7.32 -45.63
C ALA A 640 -28.53 7.56 -47.12
N GLU A 641 -29.77 7.44 -47.62
CA GLU A 641 -30.07 7.82 -48.99
C GLU A 641 -29.85 9.31 -49.20
N GLN A 642 -30.29 10.13 -48.25
CA GLN A 642 -30.09 11.57 -48.35
C GLN A 642 -28.61 11.91 -48.34
N ALA A 643 -27.83 11.26 -47.47
CA ALA A 643 -26.40 11.44 -47.47
C ALA A 643 -25.78 11.00 -48.79
N GLY A 644 -26.09 9.77 -49.20
CA GLY A 644 -25.65 9.29 -50.51
C GLY A 644 -24.15 9.26 -50.62
N ASP A 645 -23.62 9.95 -51.63
CA ASP A 645 -22.19 9.99 -51.90
C ASP A 645 -21.42 10.80 -50.88
N ASN A 646 -22.09 11.56 -50.02
CA ASN A 646 -21.42 12.36 -49.00
C ASN A 646 -21.47 11.73 -47.62
N LEU A 647 -21.90 10.47 -47.52
CA LEU A 647 -21.96 9.78 -46.24
C LEU A 647 -20.56 9.32 -45.85
N SER A 648 -20.07 9.81 -44.71
CA SER A 648 -18.74 9.45 -44.25
C SER A 648 -18.75 8.18 -43.41
N CYS A 649 -19.56 8.15 -42.35
CA CYS A 649 -19.56 7.01 -41.44
C CYS A 649 -20.81 7.08 -40.57
N ILE A 650 -20.95 6.08 -39.68
CA ILE A 650 -21.99 6.02 -38.69
C ILE A 650 -21.33 5.72 -37.35
N MET A 651 -22.01 6.09 -36.27
CA MET A 651 -21.46 5.98 -34.91
C MET A 651 -22.51 5.34 -34.01
N VAL A 652 -22.51 4.01 -33.94
CA VAL A 652 -23.48 3.28 -33.14
C VAL A 652 -22.77 2.63 -31.95
N THR A 653 -23.56 2.28 -30.94
CA THR A 653 -23.09 1.57 -29.77
C THR A 653 -23.81 0.24 -29.69
N TYR A 654 -23.05 -0.84 -29.53
CA TYR A 654 -23.63 -2.18 -29.40
C TYR A 654 -23.00 -2.88 -28.20
N PRO A 655 -23.80 -3.31 -27.21
CA PRO A 655 -25.27 -3.11 -27.09
C PRO A 655 -25.60 -1.63 -26.88
N SER A 656 -26.83 -1.22 -27.17
CA SER A 656 -27.18 0.19 -27.25
C SER A 656 -26.97 0.88 -25.90
N THR A 657 -27.10 2.21 -25.93
CA THR A 657 -26.94 3.00 -24.71
C THR A 657 -27.93 2.57 -23.64
N HIS A 658 -29.10 2.09 -24.05
CA HIS A 658 -30.07 1.50 -23.14
C HIS A 658 -29.75 0.05 -22.78
N GLY A 659 -28.57 -0.44 -23.15
CA GLY A 659 -28.18 -1.80 -22.81
C GLY A 659 -29.05 -2.87 -23.45
N VAL A 660 -29.39 -2.69 -24.72
CA VAL A 660 -30.26 -3.62 -25.44
C VAL A 660 -29.47 -4.23 -26.58
N TYR A 661 -29.49 -5.57 -26.66
CA TYR A 661 -28.87 -6.29 -27.76
C TYR A 661 -29.84 -6.25 -28.95
N GLU A 662 -29.72 -5.21 -29.76
CA GLU A 662 -30.62 -5.03 -30.89
C GLU A 662 -30.43 -6.16 -31.90
N GLU A 663 -31.53 -6.56 -32.53
CA GLU A 663 -31.54 -7.66 -33.47
C GLU A 663 -31.32 -7.22 -34.91
N THR A 664 -31.11 -5.92 -35.15
CA THR A 664 -30.96 -5.40 -36.51
C THR A 664 -29.60 -4.75 -36.73
N ILE A 665 -28.60 -5.07 -35.92
CA ILE A 665 -27.30 -4.42 -36.03
C ILE A 665 -26.60 -4.81 -37.32
N ARG A 666 -26.77 -6.08 -37.74
CA ARG A 666 -26.12 -6.54 -38.97
C ARG A 666 -26.66 -5.78 -40.18
N GLU A 667 -27.97 -5.60 -40.26
CA GLU A 667 -28.52 -4.86 -41.39
C GLU A 667 -28.31 -3.35 -41.27
N VAL A 668 -28.12 -2.83 -40.06
CA VAL A 668 -27.67 -1.45 -39.92
C VAL A 668 -26.28 -1.29 -40.55
N CYS A 669 -25.38 -2.21 -40.24
CA CYS A 669 -24.06 -2.17 -40.85
C CYS A 669 -24.14 -2.35 -42.37
N GLU A 670 -25.02 -3.22 -42.83
CA GLU A 670 -25.21 -3.42 -44.26
C GLU A 670 -25.71 -2.16 -44.94
N VAL A 671 -26.68 -1.48 -44.32
CA VAL A 671 -27.21 -0.23 -44.89
C VAL A 671 -26.13 0.82 -44.96
N VAL A 672 -25.32 0.93 -43.90
CA VAL A 672 -24.23 1.92 -43.91
C VAL A 672 -23.22 1.59 -45.01
N HIS A 673 -22.85 0.31 -45.14
CA HIS A 673 -21.85 -0.08 -46.13
C HIS A 673 -22.36 -0.02 -47.56
N GLN A 674 -23.69 -0.07 -47.75
CA GLN A 674 -24.24 -0.05 -49.10
C GLN A 674 -23.94 1.27 -49.82
N PHE A 675 -23.78 2.36 -49.06
CA PHE A 675 -23.53 3.67 -49.64
C PHE A 675 -22.07 4.12 -49.45
N GLY A 676 -21.17 3.19 -49.22
CA GLY A 676 -19.76 3.55 -49.08
C GLY A 676 -19.39 4.22 -47.78
N GLY A 677 -20.20 4.04 -46.74
CA GLY A 677 -19.92 4.63 -45.44
C GLY A 677 -19.32 3.60 -44.49
N GLN A 678 -18.38 4.06 -43.66
CA GLN A 678 -17.78 3.19 -42.66
C GLN A 678 -18.69 3.09 -41.44
N VAL A 679 -18.45 2.06 -40.64
CA VAL A 679 -19.22 1.81 -39.42
C VAL A 679 -18.27 1.95 -38.23
N TYR A 680 -18.57 2.92 -37.37
CA TYR A 680 -17.84 3.07 -36.12
C TYR A 680 -18.72 2.54 -35.00
N LEU A 681 -18.32 1.43 -34.39
CA LEU A 681 -19.01 0.87 -33.25
C LEU A 681 -18.35 1.41 -31.98
N ASP A 682 -19.11 2.17 -31.20
CA ASP A 682 -18.57 2.71 -29.95
C ASP A 682 -18.40 1.59 -28.94
N GLY A 683 -17.21 1.49 -28.35
CA GLY A 683 -16.89 0.41 -27.45
C GLY A 683 -17.19 0.71 -25.99
N ALA A 684 -18.22 1.54 -25.75
CA ALA A 684 -18.61 1.84 -24.38
C ALA A 684 -19.14 0.60 -23.66
N ASN A 685 -19.91 -0.23 -24.37
CA ASN A 685 -20.54 -1.41 -23.79
C ASN A 685 -19.81 -2.70 -24.14
N MET A 686 -18.49 -2.62 -24.36
CA MET A 686 -17.72 -3.80 -24.71
C MET A 686 -17.67 -4.84 -23.60
N ASN A 687 -17.96 -4.44 -22.36
CA ASN A 687 -17.97 -5.40 -21.25
C ASN A 687 -19.03 -6.48 -21.43
N ALA A 688 -20.05 -6.22 -22.24
CA ALA A 688 -21.11 -7.19 -22.50
C ALA A 688 -20.83 -8.04 -23.73
N GLN A 689 -19.69 -7.87 -24.39
CA GLN A 689 -19.38 -8.60 -25.60
C GLN A 689 -18.24 -9.61 -25.46
N VAL A 690 -17.23 -9.31 -24.64
CA VAL A 690 -15.97 -10.04 -24.69
C VAL A 690 -16.20 -11.52 -24.46
N GLY A 691 -15.88 -12.34 -25.47
CA GLY A 691 -16.07 -13.76 -25.46
C GLY A 691 -17.36 -14.22 -26.10
N ILE A 692 -18.43 -13.43 -25.97
CA ILE A 692 -19.71 -13.79 -26.56
C ILE A 692 -19.82 -13.32 -28.00
N THR A 693 -19.39 -12.08 -28.27
CA THR A 693 -19.43 -11.52 -29.61
C THR A 693 -18.33 -10.47 -29.72
N SER A 694 -18.05 -10.05 -30.93
CA SER A 694 -17.05 -9.03 -31.17
C SER A 694 -17.55 -8.04 -32.20
N PRO A 695 -17.18 -6.76 -32.07
CA PRO A 695 -17.60 -5.77 -33.07
C PRO A 695 -17.11 -6.07 -34.47
N GLY A 696 -15.92 -6.65 -34.60
CA GLY A 696 -15.43 -7.02 -35.93
C GLY A 696 -16.26 -8.11 -36.58
N PHE A 697 -16.65 -9.12 -35.80
CA PHE A 697 -17.51 -10.17 -36.33
C PHE A 697 -18.92 -9.65 -36.63
N ILE A 698 -19.35 -8.64 -35.88
CA ILE A 698 -20.66 -8.03 -36.13
C ILE A 698 -20.67 -7.35 -37.51
N GLY A 699 -19.59 -6.64 -37.84
CA GLY A 699 -19.48 -6.00 -39.14
C GLY A 699 -18.94 -4.60 -39.09
N ALA A 700 -18.57 -4.13 -37.90
CA ALA A 700 -18.01 -2.79 -37.76
C ALA A 700 -16.62 -2.73 -38.38
N ASP A 701 -16.26 -1.54 -38.87
CA ASP A 701 -14.97 -1.33 -39.49
C ASP A 701 -13.93 -0.74 -38.55
N VAL A 702 -14.34 -0.14 -37.45
CA VAL A 702 -13.43 0.50 -36.51
C VAL A 702 -14.17 0.69 -35.19
N SER A 703 -13.44 0.51 -34.09
CA SER A 703 -14.00 0.68 -32.76
C SER A 703 -12.89 1.13 -31.83
N HIS A 704 -13.28 1.65 -30.67
CA HIS A 704 -12.34 2.02 -29.63
C HIS A 704 -12.65 1.23 -28.37
N LEU A 705 -11.62 0.80 -27.67
CA LEU A 705 -11.74 -0.02 -26.47
C LEU A 705 -11.39 0.81 -25.25
N ASN A 706 -12.28 0.83 -24.26
CA ASN A 706 -12.02 1.52 -22.99
C ASN A 706 -11.40 0.51 -22.05
N LEU A 707 -10.06 0.45 -22.07
CA LEU A 707 -9.36 -0.47 -21.17
C LEU A 707 -9.64 -0.13 -19.71
N HIS A 708 -9.95 1.13 -19.41
CA HIS A 708 -10.31 1.50 -18.05
C HIS A 708 -11.65 0.91 -17.64
N LYS A 709 -12.52 0.57 -18.59
CA LYS A 709 -13.80 -0.05 -18.28
C LYS A 709 -13.74 -1.57 -18.38
N THR A 710 -13.45 -2.10 -19.57
CA THR A 710 -13.63 -3.53 -19.82
C THR A 710 -12.42 -4.38 -19.46
N PHE A 711 -11.21 -3.80 -19.40
CA PHE A 711 -10.01 -4.58 -19.14
C PHE A 711 -9.31 -4.15 -17.86
N CYS A 712 -10.09 -3.65 -16.90
CA CYS A 712 -9.74 -3.53 -15.48
C CYS A 712 -8.73 -2.43 -15.16
N ILE A 713 -8.42 -1.54 -16.11
CA ILE A 713 -7.56 -0.41 -15.76
C ILE A 713 -8.32 0.53 -14.82
N PRO A 714 -7.77 0.85 -13.65
CA PRO A 714 -8.57 1.55 -12.64
C PRO A 714 -8.90 2.98 -13.03
N HIS A 715 -10.01 3.46 -12.48
CA HIS A 715 -10.31 4.88 -12.48
C HIS A 715 -9.72 5.48 -11.21
N GLY A 716 -8.86 6.48 -11.37
CA GLY A 716 -8.25 7.10 -10.22
C GLY A 716 -9.01 8.31 -9.74
N GLY A 717 -10.32 8.16 -9.51
CA GLY A 717 -11.19 9.29 -9.31
C GLY A 717 -11.68 9.94 -10.59
N GLY A 718 -11.26 9.43 -11.74
CA GLY A 718 -11.68 9.90 -13.05
C GLY A 718 -11.38 8.82 -14.04
N GLY A 719 -11.87 9.02 -15.27
CA GLY A 719 -11.75 7.99 -16.29
C GLY A 719 -10.96 8.32 -17.54
N PRO A 720 -9.76 8.98 -17.42
CA PRO A 720 -8.94 9.25 -18.60
C PRO A 720 -7.97 8.11 -18.91
N GLY A 721 -8.49 6.89 -18.94
CA GLY A 721 -7.67 5.72 -19.18
C GLY A 721 -7.40 5.51 -20.65
N MET A 722 -6.79 4.36 -20.95
CA MET A 722 -6.41 4.07 -22.33
C MET A 722 -7.62 3.99 -23.23
N GLY A 723 -7.47 4.51 -24.45
CA GLY A 723 -8.51 4.48 -25.44
C GLY A 723 -8.11 3.85 -26.77
N PRO A 724 -7.38 2.73 -26.75
CA PRO A 724 -6.87 2.17 -28.01
C PRO A 724 -8.00 1.77 -28.95
N ILE A 725 -7.74 1.87 -30.25
CA ILE A 725 -8.74 1.62 -31.28
C ILE A 725 -8.35 0.38 -32.07
N GLY A 726 -9.35 -0.38 -32.48
CA GLY A 726 -9.18 -1.52 -33.37
C GLY A 726 -9.82 -1.21 -34.71
N VAL A 727 -9.14 -1.60 -35.79
CA VAL A 727 -9.58 -1.28 -37.13
C VAL A 727 -9.52 -2.53 -38.00
N LYS A 728 -10.20 -2.48 -39.13
CA LYS A 728 -10.08 -3.51 -40.15
C LYS A 728 -8.81 -3.28 -40.95
N ALA A 729 -8.59 -4.14 -41.95
CA ALA A 729 -7.34 -4.09 -42.71
C ALA A 729 -7.22 -2.79 -43.51
N HIS A 730 -8.32 -2.32 -44.09
CA HIS A 730 -8.25 -1.15 -44.96
C HIS A 730 -8.04 0.14 -44.18
N LEU A 731 -8.44 0.20 -42.92
CA LEU A 731 -8.22 1.38 -42.09
C LEU A 731 -6.91 1.33 -41.31
N ALA A 732 -6.19 0.22 -41.35
CA ALA A 732 -4.94 0.12 -40.61
C ALA A 732 -3.89 1.16 -40.98
N PRO A 733 -3.66 1.50 -42.25
CA PRO A 733 -2.62 2.50 -42.56
C PRO A 733 -2.87 3.88 -41.99
N PHE A 734 -4.10 4.19 -41.57
CA PHE A 734 -4.50 5.55 -41.25
C PHE A 734 -4.65 5.80 -39.75
N VAL A 735 -4.20 4.88 -38.91
CA VAL A 735 -4.23 5.08 -37.46
C VAL A 735 -3.19 6.14 -37.09
N PRO A 736 -3.35 6.83 -35.96
CA PRO A 736 -2.38 7.88 -35.62
C PRO A 736 -0.97 7.34 -35.45
N GLY A 737 0.00 8.12 -35.89
CA GLY A 737 1.39 7.74 -35.77
C GLY A 737 2.16 8.61 -34.81
N HIS A 738 3.46 8.80 -35.08
CA HIS A 738 4.29 9.64 -34.24
C HIS A 738 5.43 10.20 -35.09
N SER A 739 5.96 11.34 -34.65
CA SER A 739 7.05 12.00 -35.36
C SER A 739 8.38 11.88 -34.63
N VAL A 740 8.39 11.98 -33.31
CA VAL A 740 9.63 11.87 -32.56
C VAL A 740 10.15 10.44 -32.57
N VAL A 741 9.27 9.47 -32.38
CA VAL A 741 9.63 8.07 -32.24
C VAL A 741 9.28 7.34 -33.52
N GLN A 742 10.21 6.52 -34.01
CA GLN A 742 10.00 5.68 -35.18
C GLN A 742 10.28 4.23 -34.81
N ILE A 743 9.24 3.40 -34.84
CA ILE A 743 9.37 1.96 -34.59
C ILE A 743 8.70 1.23 -35.74
N GLU A 744 9.47 0.40 -36.44
CA GLU A 744 8.94 -0.30 -37.60
C GLU A 744 7.99 -1.41 -37.17
N GLY A 745 6.82 -1.47 -37.80
CA GLY A 745 5.82 -2.48 -37.52
C GLY A 745 4.92 -2.19 -36.35
N MET A 746 5.13 -1.09 -35.63
CA MET A 746 4.33 -0.76 -34.47
C MET A 746 3.89 0.69 -34.42
N LEU A 747 4.48 1.57 -35.21
CA LEU A 747 4.13 2.98 -35.23
C LEU A 747 4.11 3.47 -36.67
N THR A 748 3.03 4.16 -37.05
CA THR A 748 2.94 4.74 -38.37
C THR A 748 3.50 6.16 -38.35
N ARG A 749 3.50 6.82 -39.51
CA ARG A 749 3.97 8.18 -39.64
C ARG A 749 2.83 9.20 -39.76
N GLN A 750 1.61 8.79 -39.42
CA GLN A 750 0.48 9.69 -39.45
C GLN A 750 0.57 10.69 -38.29
N GLY A 751 -0.28 11.71 -38.35
CA GLY A 751 -0.34 12.70 -37.29
C GLY A 751 -0.67 12.11 -35.94
N ALA A 752 0.12 12.47 -34.93
CA ALA A 752 -0.07 11.90 -33.60
C ALA A 752 -1.32 12.45 -32.93
N VAL A 753 -1.96 11.61 -32.14
CA VAL A 753 -3.11 12.02 -31.35
C VAL A 753 -2.75 12.28 -29.89
N SER A 754 -1.62 11.77 -29.42
CA SER A 754 -1.16 11.96 -28.05
C SER A 754 0.30 12.39 -28.06
N ALA A 755 0.76 12.88 -26.91
CA ALA A 755 2.15 13.31 -26.78
C ALA A 755 3.11 12.13 -26.90
N ALA A 756 2.78 11.00 -26.25
CA ALA A 756 3.61 9.82 -26.29
C ALA A 756 3.23 8.93 -27.47
N PRO A 757 4.18 8.16 -28.00
CA PRO A 757 3.85 7.24 -29.11
C PRO A 757 2.83 6.18 -28.74
N PHE A 758 2.81 5.71 -27.49
CA PHE A 758 1.87 4.68 -27.06
C PHE A 758 0.92 5.18 -25.98
N GLY A 759 0.74 6.49 -25.88
CA GLY A 759 -0.12 7.03 -24.84
C GLY A 759 0.44 6.73 -23.46
N SER A 760 -0.45 6.46 -22.52
CA SER A 760 -0.07 6.08 -21.16
C SER A 760 0.34 4.61 -21.18
N ALA A 761 1.62 4.37 -21.52
CA ALA A 761 2.10 3.01 -21.71
C ALA A 761 2.29 2.25 -20.39
N SER A 762 2.44 2.96 -19.28
CA SER A 762 2.75 2.31 -18.02
C SER A 762 1.52 1.76 -17.30
N ILE A 763 0.32 1.95 -17.86
CA ILE A 763 -0.87 1.29 -17.34
C ILE A 763 -1.36 0.18 -18.26
N LEU A 764 -0.79 0.04 -19.45
CA LEU A 764 -1.04 -1.14 -20.26
C LEU A 764 -0.64 -2.45 -19.60
N PRO A 765 0.33 -2.51 -18.67
CA PRO A 765 0.52 -3.76 -17.91
C PRO A 765 -0.72 -4.23 -17.20
N ILE A 766 -1.63 -3.33 -16.80
CA ILE A 766 -2.88 -3.77 -16.17
C ILE A 766 -3.68 -4.64 -17.12
N SER A 767 -3.88 -4.16 -18.35
CA SER A 767 -4.64 -4.91 -19.34
C SER A 767 -3.92 -6.20 -19.71
N TRP A 768 -2.59 -6.13 -19.87
CA TRP A 768 -1.82 -7.34 -20.17
C TRP A 768 -2.02 -8.39 -19.08
N MET A 769 -1.88 -7.98 -17.82
CA MET A 769 -2.03 -8.91 -16.69
C MET A 769 -3.43 -9.47 -16.64
N TYR A 770 -4.44 -8.63 -16.87
CA TYR A 770 -5.82 -9.09 -16.80
C TYR A 770 -6.09 -10.15 -17.86
N ILE A 771 -5.71 -9.88 -19.11
CA ILE A 771 -5.98 -10.85 -20.17
C ILE A 771 -5.18 -12.13 -19.94
N ARG A 772 -3.90 -11.99 -19.56
CA ARG A 772 -3.05 -13.15 -19.33
C ARG A 772 -3.59 -14.02 -18.21
N MET A 773 -4.13 -13.40 -17.15
CA MET A 773 -4.64 -14.16 -16.02
C MET A 773 -6.01 -14.76 -16.29
N MET A 774 -6.84 -14.13 -17.13
CA MET A 774 -8.18 -14.66 -17.38
C MET A 774 -8.16 -15.73 -18.47
N GLY A 775 -7.66 -15.39 -19.65
CA GLY A 775 -7.78 -16.28 -20.79
C GLY A 775 -9.13 -16.13 -21.47
N ALA A 776 -9.28 -16.89 -22.56
CA ALA A 776 -10.48 -16.77 -23.40
C ALA A 776 -11.74 -17.14 -22.64
N GLU A 777 -11.75 -18.32 -22.02
CA GLU A 777 -12.93 -18.78 -21.30
C GLU A 777 -13.19 -17.92 -20.07
N GLY A 778 -12.13 -17.45 -19.41
CA GLY A 778 -12.32 -16.55 -18.28
C GLY A 778 -12.99 -15.25 -18.67
N LEU A 779 -12.56 -14.65 -19.79
CA LEU A 779 -13.17 -13.42 -20.25
C LEU A 779 -14.63 -13.64 -20.64
N LYS A 780 -14.91 -14.73 -21.36
CA LYS A 780 -16.31 -15.01 -21.73
C LYS A 780 -17.17 -15.22 -20.49
N LYS A 781 -16.66 -15.97 -19.51
CA LYS A 781 -17.40 -16.20 -18.28
C LYS A 781 -17.64 -14.91 -17.54
N ALA A 782 -16.65 -14.01 -17.51
CA ALA A 782 -16.84 -12.72 -16.87
C ALA A 782 -17.96 -11.93 -17.53
N SER A 783 -17.99 -11.92 -18.87
CA SER A 783 -19.06 -11.20 -19.58
C SER A 783 -20.43 -11.78 -19.23
N GLN A 784 -20.57 -13.10 -19.29
CA GLN A 784 -21.90 -13.66 -19.04
C GLN A 784 -22.28 -13.60 -17.56
N VAL A 785 -21.31 -13.56 -16.65
CA VAL A 785 -21.63 -13.38 -15.24
C VAL A 785 -22.09 -11.95 -14.97
N ALA A 786 -21.47 -10.97 -15.64
CA ALA A 786 -21.97 -9.61 -15.53
C ALA A 786 -23.40 -9.51 -16.05
N ILE A 787 -23.69 -10.18 -17.16
CA ILE A 787 -25.06 -10.23 -17.68
C ILE A 787 -25.99 -10.86 -16.65
N LEU A 788 -25.55 -11.95 -16.01
CA LEU A 788 -26.38 -12.63 -15.02
C LEU A 788 -26.65 -11.74 -13.82
N ASN A 789 -25.64 -11.01 -13.34
CA ASN A 789 -25.84 -10.11 -12.21
C ASN A 789 -26.84 -9.02 -12.54
N ALA A 790 -26.72 -8.43 -13.74
CA ALA A 790 -27.69 -7.42 -14.14
C ALA A 790 -29.10 -7.98 -14.21
N ASN A 791 -29.26 -9.18 -14.76
CA ASN A 791 -30.59 -9.79 -14.86
C ASN A 791 -31.14 -10.17 -13.49
N TYR A 792 -30.28 -10.59 -12.56
CA TYR A 792 -30.73 -10.88 -11.22
C TYR A 792 -31.24 -9.63 -10.52
N ILE A 793 -30.50 -8.53 -10.63
CA ILE A 793 -30.97 -7.28 -10.05
C ILE A 793 -32.29 -6.86 -10.69
N ALA A 794 -32.41 -7.01 -12.01
CA ALA A 794 -33.64 -6.64 -12.70
C ALA A 794 -34.81 -7.51 -12.23
N SER A 795 -34.60 -8.81 -12.06
CA SER A 795 -35.70 -9.69 -11.69
C SER A 795 -36.09 -9.52 -10.23
N ARG A 796 -35.15 -9.11 -9.37
CA ARG A 796 -35.50 -8.86 -7.97
C ARG A 796 -36.13 -7.50 -7.74
N LEU A 797 -36.05 -6.57 -8.70
CA LEU A 797 -36.55 -5.22 -8.51
C LEU A 797 -37.65 -4.84 -9.49
N GLN A 798 -38.17 -5.79 -10.28
CA GLN A 798 -39.15 -5.43 -11.29
C GLN A 798 -40.48 -4.99 -10.69
N ASP A 799 -40.87 -5.60 -9.56
CA ASP A 799 -42.14 -5.24 -8.94
C ASP A 799 -42.06 -3.91 -8.19
N ALA A 800 -40.88 -3.54 -7.71
CA ALA A 800 -40.73 -2.25 -7.02
C ALA A 800 -40.62 -1.10 -8.02
N PHE A 801 -39.62 -1.15 -8.89
CA PHE A 801 -39.43 -0.16 -9.93
C PHE A 801 -39.53 -0.82 -11.29
N PRO A 802 -40.29 -0.27 -12.23
CA PRO A 802 -40.37 -0.89 -13.57
C PRO A 802 -39.01 -0.91 -14.25
N VAL A 803 -38.74 -2.02 -14.93
CA VAL A 803 -37.49 -2.21 -15.65
C VAL A 803 -37.71 -1.85 -17.11
N LEU A 804 -36.93 -0.91 -17.60
CA LEU A 804 -37.07 -0.38 -18.95
C LEU A 804 -36.13 -1.09 -19.90
N TYR A 805 -36.50 -1.08 -21.18
CA TYR A 805 -35.61 -1.47 -22.28
C TYR A 805 -35.15 -2.92 -22.13
N THR A 806 -36.12 -3.82 -21.98
CA THR A 806 -35.83 -5.24 -21.94
C THR A 806 -35.68 -5.78 -23.37
N GLY A 807 -34.95 -6.89 -23.48
CA GLY A 807 -34.74 -7.55 -24.74
C GLY A 807 -35.69 -8.72 -24.92
N ARG A 808 -35.20 -9.77 -25.57
CA ARG A 808 -36.01 -10.96 -25.78
C ARG A 808 -36.33 -11.61 -24.44
N ASP A 809 -37.59 -12.04 -24.29
CA ASP A 809 -38.10 -12.67 -23.06
C ASP A 809 -37.96 -11.74 -21.86
N GLY A 810 -38.01 -10.44 -22.08
CA GLY A 810 -37.96 -9.48 -20.99
C GLY A 810 -36.66 -9.50 -20.19
N ARG A 811 -35.53 -9.51 -20.90
CA ARG A 811 -34.23 -9.60 -20.24
C ARG A 811 -33.38 -8.39 -20.61
N VAL A 812 -32.50 -8.02 -19.67
CA VAL A 812 -31.56 -6.93 -19.87
C VAL A 812 -30.20 -7.54 -20.20
N ALA A 813 -29.33 -6.74 -20.83
CA ALA A 813 -28.03 -7.28 -21.22
C ALA A 813 -27.04 -7.23 -20.04
N HIS A 814 -26.61 -6.04 -19.67
CA HIS A 814 -25.66 -5.91 -18.57
C HIS A 814 -25.96 -4.69 -17.70
N GLU A 815 -26.95 -3.89 -18.05
CA GLU A 815 -27.38 -2.75 -17.27
C GLU A 815 -28.87 -2.86 -17.04
N CYS A 816 -29.31 -2.59 -15.81
CA CYS A 816 -30.71 -2.63 -15.45
C CYS A 816 -31.19 -1.20 -15.26
N ILE A 817 -32.03 -0.73 -16.17
CA ILE A 817 -32.55 0.64 -16.12
C ILE A 817 -33.88 0.62 -15.37
N LEU A 818 -33.95 1.38 -14.29
CA LEU A 818 -35.13 1.44 -13.44
C LEU A 818 -35.92 2.68 -13.78
N ASP A 819 -37.23 2.52 -13.93
CA ASP A 819 -38.13 3.62 -14.26
C ASP A 819 -38.64 4.26 -12.98
N ILE A 820 -38.20 5.49 -12.70
CA ILE A 820 -38.63 6.21 -11.50
C ILE A 820 -39.71 7.24 -11.80
N ARG A 821 -40.00 7.50 -13.08
CA ARG A 821 -40.94 8.57 -13.42
C ARG A 821 -42.35 8.37 -12.87
N PRO A 822 -42.97 7.20 -12.93
CA PRO A 822 -44.30 7.07 -12.28
C PRO A 822 -44.25 7.37 -10.79
N LEU A 823 -43.22 6.89 -10.09
CA LEU A 823 -43.08 7.18 -8.67
C LEU A 823 -42.95 8.68 -8.42
N LYS A 824 -42.13 9.35 -9.24
CA LYS A 824 -41.98 10.80 -9.10
C LYS A 824 -43.28 11.52 -9.37
N GLU A 825 -44.08 11.02 -10.31
CA GLU A 825 -45.35 11.67 -10.63
C GLU A 825 -46.34 11.55 -9.49
N GLU A 826 -46.52 10.34 -8.95
CA GLU A 826 -47.56 10.16 -7.94
C GLU A 826 -47.06 10.33 -6.51
N THR A 827 -45.78 10.61 -6.30
CA THR A 827 -45.30 10.89 -4.96
C THR A 827 -44.50 12.18 -4.85
N GLY A 828 -43.73 12.53 -5.88
CA GLY A 828 -42.83 13.66 -5.82
C GLY A 828 -41.40 13.32 -5.54
N ILE A 829 -41.10 12.06 -5.21
CA ILE A 829 -39.73 11.63 -4.93
C ILE A 829 -39.05 11.34 -6.27
N SER A 830 -37.93 12.00 -6.51
CA SER A 830 -37.22 11.90 -7.78
C SER A 830 -36.09 10.87 -7.71
N GLU A 831 -35.46 10.63 -8.85
CA GLU A 831 -34.32 9.71 -8.90
C GLU A 831 -33.12 10.26 -8.14
N LEU A 832 -33.00 11.59 -8.06
CA LEU A 832 -31.94 12.20 -7.27
C LEU A 832 -32.14 11.93 -5.78
N ASP A 833 -33.39 11.94 -5.32
CA ASP A 833 -33.67 11.62 -3.92
C ASP A 833 -33.23 10.20 -3.59
N ILE A 834 -33.56 9.24 -4.47
CA ILE A 834 -33.14 7.86 -4.26
C ILE A 834 -31.62 7.75 -4.31
N ALA A 835 -30.99 8.46 -5.25
CA ALA A 835 -29.54 8.43 -5.36
C ALA A 835 -28.87 8.93 -4.09
N LYS A 836 -29.37 10.01 -3.51
CA LYS A 836 -28.80 10.53 -2.28
C LYS A 836 -29.14 9.65 -1.08
N ARG A 837 -30.32 9.01 -1.09
CA ARG A 837 -30.69 8.15 0.03
C ARG A 837 -29.89 6.85 0.04
N LEU A 838 -29.45 6.39 -1.13
CA LEU A 838 -28.60 5.21 -1.18
C LEU A 838 -27.26 5.44 -0.48
N ILE A 839 -26.84 6.70 -0.32
CA ILE A 839 -25.65 7.01 0.46
C ILE A 839 -25.84 6.62 1.92
N ASP A 840 -27.04 6.88 2.46
CA ASP A 840 -27.31 6.53 3.85
C ASP A 840 -27.30 5.02 4.07
N TYR A 841 -27.56 4.24 3.02
CA TYR A 841 -27.46 2.79 3.10
C TYR A 841 -26.05 2.29 2.81
N GLY A 842 -25.12 3.18 2.49
CA GLY A 842 -23.74 2.81 2.26
C GLY A 842 -23.47 2.40 0.83
N PHE A 843 -24.04 3.12 -0.13
CA PHE A 843 -23.86 2.81 -1.54
C PHE A 843 -23.53 4.06 -2.32
N HIS A 844 -22.62 3.92 -3.29
CA HIS A 844 -22.48 4.93 -4.32
C HIS A 844 -23.68 4.85 -5.26
N ALA A 845 -24.27 6.00 -5.56
CA ALA A 845 -25.49 6.01 -6.34
C ALA A 845 -25.23 5.52 -7.77
N PRO A 846 -26.24 4.89 -8.39
CA PRO A 846 -26.10 4.51 -9.81
C PRO A 846 -26.13 5.74 -10.71
N THR A 847 -26.00 5.51 -12.02
CA THR A 847 -26.06 6.61 -12.97
C THR A 847 -27.49 7.14 -13.06
N MET A 848 -27.65 8.46 -12.97
CA MET A 848 -28.96 9.09 -13.05
C MET A 848 -29.12 9.77 -14.39
N SER A 849 -30.23 9.48 -15.07
CA SER A 849 -30.69 10.26 -16.22
C SER A 849 -29.68 10.30 -17.35
N PHE A 850 -28.89 9.25 -17.54
CA PHE A 850 -27.96 9.28 -18.66
C PHE A 850 -28.71 9.07 -19.98
N PRO A 851 -29.42 7.93 -20.19
CA PRO A 851 -30.16 7.81 -21.45
C PRO A 851 -31.43 8.66 -21.46
N VAL A 852 -32.22 8.58 -20.38
CA VAL A 852 -33.48 9.29 -20.27
C VAL A 852 -33.59 9.85 -18.85
N ALA A 853 -34.13 11.05 -18.73
CA ALA A 853 -34.32 11.68 -17.43
C ALA A 853 -35.36 10.94 -16.63
N GLY A 854 -35.19 10.93 -15.31
CA GLY A 854 -36.12 10.26 -14.42
C GLY A 854 -35.89 8.77 -14.26
N THR A 855 -34.71 8.27 -14.60
CA THR A 855 -34.40 6.86 -14.51
C THR A 855 -33.05 6.66 -13.82
N LEU A 856 -32.83 5.45 -13.33
CA LEU A 856 -31.57 5.05 -12.72
C LEU A 856 -31.04 3.83 -13.44
N MET A 857 -29.77 3.87 -13.83
CA MET A 857 -29.12 2.77 -14.53
C MET A 857 -28.15 2.09 -13.58
N VAL A 858 -28.43 0.83 -13.27
CA VAL A 858 -27.59 0.02 -12.40
C VAL A 858 -26.79 -0.93 -13.28
N GLU A 859 -25.46 -0.84 -13.19
CA GLU A 859 -24.56 -1.76 -13.90
C GLU A 859 -23.69 -2.47 -12.88
N PRO A 860 -24.09 -3.66 -12.43
CA PRO A 860 -23.18 -4.47 -11.63
C PRO A 860 -22.22 -5.23 -12.55
N THR A 861 -20.94 -5.19 -12.22
CA THR A 861 -19.98 -5.94 -13.00
C THR A 861 -20.00 -7.41 -12.56
N GLU A 862 -19.13 -8.20 -13.16
CA GLU A 862 -18.95 -9.58 -12.72
C GLU A 862 -18.25 -9.68 -11.37
N SER A 863 -17.70 -8.58 -10.87
CA SER A 863 -16.87 -8.61 -9.67
C SER A 863 -17.67 -8.54 -8.37
N GLU A 864 -18.96 -8.21 -8.43
CA GLU A 864 -19.77 -8.09 -7.23
C GLU A 864 -20.43 -9.41 -6.90
N SER A 865 -20.28 -9.86 -5.66
CA SER A 865 -20.85 -11.12 -5.21
C SER A 865 -22.35 -10.98 -4.94
N LYS A 866 -23.00 -12.12 -4.73
CA LYS A 866 -24.43 -12.11 -4.49
C LYS A 866 -24.80 -11.42 -3.18
N VAL A 867 -23.88 -11.41 -2.20
CA VAL A 867 -24.16 -10.73 -0.94
C VAL A 867 -24.28 -9.23 -1.15
N GLU A 868 -23.37 -8.64 -1.94
CA GLU A 868 -23.43 -7.21 -2.21
C GLU A 868 -24.66 -6.87 -3.07
N LEU A 869 -24.98 -7.71 -4.04
CA LEU A 869 -26.17 -7.49 -4.85
C LEU A 869 -27.43 -7.56 -3.98
N ASP A 870 -27.48 -8.51 -3.06
CA ASP A 870 -28.62 -8.63 -2.15
C ASP A 870 -28.71 -7.42 -1.23
N ARG A 871 -27.57 -6.91 -0.75
CA ARG A 871 -27.58 -5.70 0.05
C ARG A 871 -28.14 -4.52 -0.73
N PHE A 872 -27.72 -4.37 -2.00
CA PHE A 872 -28.22 -3.29 -2.83
C PHE A 872 -29.72 -3.44 -3.09
N ILE A 873 -30.18 -4.67 -3.36
CA ILE A 873 -31.59 -4.91 -3.61
C ILE A 873 -32.41 -4.60 -2.36
N ASP A 874 -31.91 -5.00 -1.20
CA ASP A 874 -32.59 -4.71 0.06
C ASP A 874 -32.67 -3.21 0.30
N ALA A 875 -31.59 -2.48 0.00
CA ALA A 875 -31.61 -1.03 0.14
C ALA A 875 -32.66 -0.41 -0.78
N MET A 876 -32.74 -0.88 -2.03
CA MET A 876 -33.71 -0.34 -2.97
C MET A 876 -35.14 -0.65 -2.55
N LEU A 877 -35.38 -1.86 -2.04
CA LEU A 877 -36.72 -2.21 -1.56
C LEU A 877 -37.10 -1.39 -0.34
N ALA A 878 -36.15 -1.15 0.57
CA ALA A 878 -36.41 -0.29 1.70
C ALA A 878 -36.71 1.14 1.28
N ILE A 879 -36.00 1.63 0.25
CA ILE A 879 -36.27 2.97 -0.26
C ILE A 879 -37.65 3.04 -0.91
N ARG A 880 -38.05 1.96 -1.60
CA ARG A 880 -39.40 1.90 -2.14
C ARG A 880 -40.45 1.92 -1.02
N ALA A 881 -40.18 1.21 0.08
CA ALA A 881 -41.07 1.25 1.23
C ALA A 881 -41.16 2.65 1.82
N GLU A 882 -40.03 3.35 1.87
CA GLU A 882 -40.03 4.73 2.35
C GLU A 882 -40.84 5.65 1.44
N ILE A 883 -40.75 5.45 0.13
CA ILE A 883 -41.56 6.23 -0.80
C ILE A 883 -43.04 5.93 -0.60
N ASP A 884 -43.36 4.66 -0.32
CA ASP A 884 -44.74 4.30 0.01
C ASP A 884 -45.21 5.01 1.28
N GLN A 885 -44.33 5.10 2.27
CA GLN A 885 -44.67 5.85 3.49
C GLN A 885 -44.91 7.32 3.18
N VAL A 886 -44.09 7.90 2.30
CA VAL A 886 -44.28 9.29 1.91
C VAL A 886 -45.64 9.48 1.24
N LYS A 887 -46.02 8.52 0.38
CA LYS A 887 -47.35 8.58 -0.24
C LYS A 887 -48.45 8.47 0.82
N ALA A 888 -48.27 7.58 1.79
CA ALA A 888 -49.32 7.29 2.77
C ALA A 888 -49.60 8.45 3.72
N GLY A 889 -48.77 9.48 3.71
CA GLY A 889 -48.95 10.60 4.62
C GLY A 889 -48.20 10.47 5.92
N VAL A 890 -47.41 9.40 6.10
CA VAL A 890 -46.62 9.25 7.32
C VAL A 890 -45.60 10.38 7.42
N TRP A 891 -44.91 10.66 6.31
CA TRP A 891 -43.94 11.73 6.26
C TRP A 891 -44.32 12.74 5.20
N PRO A 892 -44.23 14.03 5.48
CA PRO A 892 -44.50 15.04 4.46
C PRO A 892 -43.48 15.00 3.34
N LEU A 893 -43.89 15.48 2.17
CA LEU A 893 -42.95 15.58 1.06
C LEU A 893 -41.82 16.56 1.38
N GLU A 894 -42.10 17.57 2.20
CA GLU A 894 -41.08 18.54 2.57
C GLU A 894 -40.07 17.95 3.55
N ASP A 895 -40.55 17.13 4.48
CA ASP A 895 -39.73 16.63 5.59
C ASP A 895 -39.81 15.10 5.64
N ASN A 896 -38.87 14.44 4.98
CA ASN A 896 -38.81 12.98 4.96
C ASN A 896 -37.36 12.59 4.69
N PRO A 897 -36.98 11.35 5.00
CA PRO A 897 -35.57 10.95 4.81
C PRO A 897 -35.12 10.97 3.36
N LEU A 898 -36.03 10.86 2.39
CA LEU A 898 -35.61 10.86 0.99
C LEU A 898 -35.08 12.23 0.57
N VAL A 899 -35.82 13.30 0.88
CA VAL A 899 -35.43 14.63 0.44
C VAL A 899 -34.33 15.24 1.31
N ASN A 900 -34.09 14.67 2.49
CA ASN A 900 -33.08 15.19 3.41
C ASN A 900 -31.79 14.39 3.40
N ALA A 901 -31.63 13.48 2.46
CA ALA A 901 -30.45 12.64 2.40
C ALA A 901 -29.37 13.28 1.52
N PRO A 902 -28.09 13.02 1.77
CA PRO A 902 -27.53 12.18 2.84
C PRO A 902 -27.53 12.86 4.22
N HIS A 903 -27.49 12.06 5.28
CA HIS A 903 -27.49 12.56 6.65
C HIS A 903 -26.08 12.44 7.22
N ILE A 904 -25.61 13.53 7.86
CA ILE A 904 -24.27 13.58 8.41
C ILE A 904 -24.35 13.51 9.93
N GLN A 905 -23.24 13.09 10.55
CA GLN A 905 -23.25 12.82 11.98
C GLN A 905 -23.39 14.08 12.82
N SER A 906 -23.13 15.26 12.25
CA SER A 906 -23.38 16.50 12.97
C SER A 906 -24.87 16.70 13.26
N GLU A 907 -25.74 16.13 12.42
CA GLU A 907 -27.17 16.23 12.65
C GLU A 907 -27.61 15.44 13.87
N LEU A 908 -26.91 14.33 14.17
CA LEU A 908 -27.34 13.46 15.26
C LEU A 908 -27.29 14.17 16.60
N VAL A 909 -26.24 14.97 16.84
CA VAL A 909 -26.06 15.62 18.13
C VAL A 909 -26.76 16.98 18.20
N ALA A 910 -27.36 17.43 17.11
CA ALA A 910 -28.15 18.65 17.12
C ALA A 910 -29.62 18.32 17.44
N GLU A 911 -30.41 19.38 17.61
CA GLU A 911 -31.83 19.20 17.89
C GLU A 911 -32.52 18.56 16.69
N TRP A 912 -33.37 17.56 16.96
CA TRP A 912 -34.02 16.77 15.93
C TRP A 912 -35.49 17.17 15.86
N ALA A 913 -35.89 17.81 14.76
CA ALA A 913 -37.26 18.20 14.53
C ALA A 913 -37.95 17.39 13.44
N HIS A 914 -37.25 16.42 12.85
CA HIS A 914 -37.80 15.64 11.77
C HIS A 914 -38.90 14.70 12.28
N PRO A 915 -39.86 14.34 11.43
CA PRO A 915 -40.89 13.38 11.83
C PRO A 915 -40.42 11.93 11.82
N TYR A 916 -39.22 11.66 11.32
CA TYR A 916 -38.65 10.33 11.30
C TYR A 916 -37.47 10.26 12.28
N SER A 917 -37.22 9.05 12.78
CA SER A 917 -36.26 8.86 13.85
C SER A 917 -34.83 9.09 13.36
N ARG A 918 -33.93 9.29 14.33
CA ARG A 918 -32.51 9.39 14.02
C ARG A 918 -31.99 8.09 13.41
N GLU A 919 -32.43 6.95 13.95
CA GLU A 919 -31.99 5.66 13.44
C GLU A 919 -32.45 5.44 12.01
N VAL A 920 -33.72 5.78 11.72
CA VAL A 920 -34.21 5.69 10.35
C VAL A 920 -33.40 6.59 9.43
N ALA A 921 -33.10 7.80 9.89
CA ALA A 921 -32.35 8.75 9.08
C ALA A 921 -30.95 8.25 8.76
N VAL A 922 -30.27 7.68 9.75
CA VAL A 922 -28.82 7.55 9.65
C VAL A 922 -28.36 6.09 9.61
N PHE A 923 -29.13 5.19 10.21
CA PHE A 923 -28.82 3.75 10.19
C PHE A 923 -30.05 2.98 9.73
N PRO A 924 -30.48 3.17 8.47
CA PRO A 924 -31.68 2.47 8.00
C PRO A 924 -31.46 0.99 7.77
N ALA A 925 -30.21 0.55 7.58
CA ALA A 925 -29.90 -0.86 7.34
C ALA A 925 -28.93 -1.41 8.36
N GLY A 926 -28.74 -0.74 9.49
CA GLY A 926 -27.84 -1.18 10.53
C GLY A 926 -26.72 -0.18 10.78
N VAL A 927 -25.95 -0.48 11.83
CA VAL A 927 -24.89 0.40 12.29
C VAL A 927 -23.50 -0.08 11.91
N ALA A 928 -23.35 -1.33 11.51
CA ALA A 928 -22.03 -1.90 11.24
C ALA A 928 -21.47 -1.39 9.92
N ASP A 929 -20.16 -1.16 9.90
CA ASP A 929 -19.43 -0.73 8.70
C ASP A 929 -20.03 0.53 8.09
N LYS A 930 -20.37 1.50 8.94
CA LYS A 930 -21.03 2.71 8.49
C LYS A 930 -20.03 3.65 7.84
N TYR A 931 -20.28 4.00 6.58
CA TYR A 931 -19.57 5.09 5.93
C TYR A 931 -20.29 6.39 6.20
N TRP A 932 -19.54 7.44 6.50
CA TRP A 932 -20.13 8.72 6.83
C TRP A 932 -19.89 9.72 5.70
N PRO A 933 -20.93 10.13 4.98
CA PRO A 933 -20.76 11.28 4.08
C PRO A 933 -20.37 12.51 4.88
N THR A 934 -19.47 13.31 4.32
CA THR A 934 -18.91 14.43 5.05
C THR A 934 -19.80 15.66 4.98
N VAL A 935 -20.52 15.84 3.87
CA VAL A 935 -21.34 17.01 3.65
C VAL A 935 -22.76 16.57 3.31
N LYS A 936 -23.70 17.48 3.51
CA LYS A 936 -25.09 17.26 3.13
C LYS A 936 -25.25 17.44 1.63
N ARG A 937 -26.49 17.45 1.15
CA ARG A 937 -26.75 17.57 -0.27
C ARG A 937 -26.23 18.89 -0.82
N LEU A 938 -25.55 18.81 -1.95
CA LEU A 938 -25.04 19.99 -2.65
C LEU A 938 -26.03 20.44 -3.71
N ASP A 939 -26.49 21.68 -3.58
CA ASP A 939 -27.39 22.24 -4.59
C ASP A 939 -26.70 22.39 -5.94
N ASP A 940 -25.45 22.87 -5.93
CA ASP A 940 -24.61 23.00 -7.13
C ASP A 940 -25.16 24.08 -8.06
N VAL A 941 -26.30 24.67 -7.71
CA VAL A 941 -26.90 25.71 -8.54
C VAL A 941 -26.19 27.04 -8.32
N CYS A 949 -14.03 27.97 -6.09
CA CYS A 949 -12.89 27.36 -6.76
C CYS A 949 -11.58 27.75 -6.07
N SER A 950 -11.68 28.17 -4.81
CA SER A 950 -10.55 28.65 -4.04
C SER A 950 -10.28 27.70 -2.88
N CYS A 951 -9.01 27.35 -2.69
CA CYS A 951 -8.64 26.46 -1.61
C CYS A 951 -8.92 27.12 -0.26
N VAL A 952 -9.33 26.31 0.70
CA VAL A 952 -9.65 26.82 2.04
C VAL A 952 -8.98 25.96 3.11
N THR B 3 23.27 33.50 -1.13
CA THR B 3 22.98 32.27 -1.85
C THR B 3 23.13 31.04 -0.95
N GLN B 4 23.10 29.86 -1.56
CA GLN B 4 23.27 28.60 -0.86
C GLN B 4 24.37 27.80 -1.54
N THR B 5 25.09 27.03 -0.75
CA THR B 5 26.08 26.12 -1.31
C THR B 5 25.39 24.91 -1.93
N LEU B 6 26.15 24.17 -2.74
CA LEU B 6 25.60 22.96 -3.35
C LEU B 6 25.20 21.94 -2.30
N SER B 7 25.92 21.87 -1.18
CA SER B 7 25.57 20.95 -0.11
C SER B 7 24.21 21.29 0.49
N GLN B 8 23.93 22.59 0.68
CA GLN B 8 22.63 22.99 1.19
C GLN B 8 21.50 22.68 0.21
N LEU B 9 21.78 22.76 -1.09
CA LEU B 9 20.76 22.46 -2.08
C LEU B 9 20.52 20.96 -2.22
N GLU B 10 21.56 20.15 -2.04
CA GLU B 10 21.37 18.70 -2.05
C GLU B 10 20.54 18.23 -0.87
N ASN B 11 20.65 18.91 0.27
CA ASN B 11 19.83 18.65 1.44
C ASN B 11 19.96 17.20 1.90
N SER B 12 21.20 16.76 2.10
CA SER B 12 21.44 15.53 2.84
C SER B 12 21.06 15.78 4.30
N GLY B 13 20.26 14.89 4.86
CA GLY B 13 19.56 15.19 6.09
C GLY B 13 18.14 15.66 5.88
N ALA B 14 17.58 15.50 4.68
CA ALA B 14 16.18 15.80 4.44
C ALA B 14 15.27 14.88 5.24
N PHE B 15 15.69 13.63 5.46
CA PHE B 15 14.87 12.71 6.23
C PHE B 15 14.82 13.07 7.71
N ILE B 16 15.83 13.80 8.22
CA ILE B 16 15.81 14.20 9.62
C ILE B 16 14.60 15.08 9.89
N GLU B 17 14.28 15.99 8.97
CA GLU B 17 13.15 16.88 9.14
C GLU B 17 11.82 16.24 8.77
N ARG B 18 11.83 15.09 8.11
CA ARG B 18 10.59 14.34 7.92
C ARG B 18 10.29 13.46 9.13
N HIS B 19 11.32 12.88 9.73
CA HIS B 19 11.13 12.00 10.87
C HIS B 19 10.79 12.78 12.14
N ILE B 20 11.46 13.90 12.35
CA ILE B 20 11.20 14.73 13.53
C ILE B 20 10.00 15.60 13.24
N GLY B 21 9.00 15.54 14.12
CA GLY B 21 7.76 16.24 13.94
C GLY B 21 7.90 17.75 13.89
N PRO B 22 8.29 18.37 15.00
CA PRO B 22 8.40 19.83 15.02
C PRO B 22 9.48 20.36 14.10
N ASP B 23 9.23 21.52 13.53
CA ASP B 23 10.22 22.22 12.73
C ASP B 23 10.99 23.20 13.63
N ALA B 24 11.85 24.01 13.02
CA ALA B 24 12.70 24.91 13.80
C ALA B 24 11.88 25.93 14.58
N ALA B 25 10.86 26.51 13.96
CA ALA B 25 10.05 27.52 14.64
C ALA B 25 9.24 26.90 15.77
N GLN B 26 8.65 25.73 15.54
CA GLN B 26 7.91 25.05 16.60
C GLN B 26 8.84 24.65 17.74
N GLN B 27 10.06 24.20 17.41
CA GLN B 27 11.03 23.86 18.44
C GLN B 27 11.40 25.09 19.26
N GLN B 28 11.57 26.24 18.60
CA GLN B 28 11.87 27.47 19.32
C GLN B 28 10.72 27.88 20.24
N GLU B 29 9.48 27.75 19.76
CA GLU B 29 8.33 28.08 20.60
C GLU B 29 8.25 27.16 21.81
N MET B 30 8.48 25.86 21.61
CA MET B 30 8.45 24.92 22.73
C MET B 30 9.57 25.20 23.71
N LEU B 31 10.77 25.54 23.20
CA LEU B 31 11.88 25.87 24.09
C LEU B 31 11.57 27.12 24.91
N ASN B 32 10.93 28.11 24.30
CA ASN B 32 10.49 29.29 25.04
C ASN B 32 9.47 28.91 26.11
N ALA B 33 8.54 28.01 25.78
CA ALA B 33 7.53 27.59 26.74
C ALA B 33 8.16 26.87 27.94
N VAL B 34 9.17 26.04 27.69
CA VAL B 34 9.82 25.30 28.77
C VAL B 34 10.98 26.07 29.38
N GLY B 35 11.24 27.30 28.94
CA GLY B 35 12.29 28.12 29.52
C GLY B 35 13.71 27.61 29.28
N ALA B 36 14.02 27.18 28.06
CA ALA B 36 15.35 26.71 27.70
C ALA B 36 15.84 27.46 26.49
N GLN B 37 17.16 27.66 26.41
CA GLN B 37 17.75 28.41 25.30
C GLN B 37 17.77 27.59 24.02
N SER B 38 18.16 26.31 24.11
CA SER B 38 18.30 25.48 22.92
C SER B 38 18.19 24.02 23.33
N LEU B 39 18.20 23.14 22.33
CA LEU B 39 18.18 21.71 22.60
C LEU B 39 19.42 21.29 23.39
N ASN B 40 20.58 21.83 23.03
CA ASN B 40 21.81 21.50 23.74
C ASN B 40 21.74 21.95 25.19
N ALA B 41 21.23 23.16 25.45
CA ALA B 41 21.14 23.65 26.82
C ALA B 41 20.17 22.83 27.65
N LEU B 42 18.99 22.52 27.09
CA LEU B 42 18.00 21.72 27.79
C LEU B 42 18.56 20.34 28.11
N THR B 43 19.17 19.69 27.12
CA THR B 43 19.70 18.35 27.32
C THR B 43 20.85 18.36 28.32
N GLY B 44 21.73 19.36 28.25
CA GLY B 44 22.84 19.45 29.18
C GLY B 44 22.43 19.80 30.60
N GLN B 45 21.29 20.46 30.77
CA GLN B 45 20.76 20.68 32.10
C GLN B 45 19.90 19.53 32.60
N ILE B 46 19.48 18.62 31.72
CA ILE B 46 18.73 17.45 32.16
C ILE B 46 19.64 16.25 32.41
N VAL B 47 20.49 15.92 31.45
CA VAL B 47 21.38 14.77 31.57
C VAL B 47 22.54 15.12 32.50
N PRO B 48 22.90 14.25 33.43
CA PRO B 48 24.03 14.55 34.32
C PRO B 48 25.33 14.75 33.55
N LYS B 49 26.17 15.66 34.05
CA LYS B 49 27.35 16.09 33.31
C LYS B 49 28.35 14.96 33.13
N ASP B 50 28.53 14.13 34.16
CA ASP B 50 29.59 13.11 34.12
C ASP B 50 29.30 11.98 33.13
N ILE B 51 28.10 11.92 32.57
CA ILE B 51 27.74 10.87 31.62
C ILE B 51 27.37 11.44 30.26
N GLN B 52 27.71 12.70 30.01
CA GLN B 52 27.36 13.35 28.75
C GLN B 52 28.45 13.12 27.72
N LEU B 53 28.05 12.70 26.52
CA LEU B 53 28.99 12.57 25.41
C LEU B 53 29.18 13.93 24.76
N ALA B 54 30.43 14.38 24.67
CA ALA B 54 30.71 15.63 23.99
C ALA B 54 30.32 15.57 22.52
N THR B 55 30.64 14.45 21.87
CA THR B 55 30.33 14.21 20.48
C THR B 55 29.42 13.00 20.34
N PRO B 56 28.39 13.07 19.49
CA PRO B 56 27.56 11.88 19.25
C PRO B 56 28.36 10.81 18.56
N PRO B 57 28.00 9.53 18.75
CA PRO B 57 28.75 8.45 18.09
C PRO B 57 28.72 8.59 16.57
N GLN B 58 29.90 8.46 15.96
CA GLN B 58 30.08 8.78 14.55
C GLN B 58 29.65 7.60 13.69
N VAL B 59 28.36 7.58 13.34
CA VAL B 59 27.84 6.54 12.45
C VAL B 59 27.85 6.97 10.99
N GLY B 60 28.12 8.23 10.70
CA GLY B 60 28.24 8.71 9.34
C GLY B 60 27.31 9.88 9.06
N ALA B 61 27.48 10.44 7.87
CA ALA B 61 26.67 11.55 7.40
C ALA B 61 25.28 11.05 6.99
N PRO B 62 24.27 11.89 7.12
CA PRO B 62 22.92 11.48 6.68
C PRO B 62 22.85 11.30 5.17
N ALA B 63 21.93 10.44 4.75
CA ALA B 63 21.66 10.21 3.35
C ALA B 63 20.17 10.39 3.10
N THR B 64 19.83 10.72 1.84
CA THR B 64 18.43 10.85 1.49
C THR B 64 17.78 9.47 1.39
N GLU B 65 16.45 9.47 1.37
CA GLU B 65 15.71 8.22 1.28
C GLU B 65 16.03 7.48 -0.01
N TYR B 66 16.14 8.22 -1.12
CA TYR B 66 16.43 7.59 -2.41
C TYR B 66 17.85 7.04 -2.45
N ALA B 67 18.82 7.80 -1.95
CA ALA B 67 20.19 7.32 -1.93
C ALA B 67 20.35 6.11 -1.02
N ALA B 68 19.72 6.15 0.16
CA ALA B 68 19.78 5.02 1.09
C ALA B 68 19.11 3.79 0.50
N LEU B 69 17.96 3.98 -0.17
CA LEU B 69 17.28 2.86 -0.80
C LEU B 69 18.12 2.26 -1.93
N ALA B 70 18.79 3.12 -2.71
CA ALA B 70 19.65 2.61 -3.78
C ALA B 70 20.84 1.85 -3.21
N GLU B 71 21.45 2.36 -2.15
CA GLU B 71 22.56 1.66 -1.52
C GLU B 71 22.13 0.31 -0.95
N LEU B 72 20.97 0.27 -0.28
CA LEU B 72 20.47 -0.98 0.26
C LEU B 72 20.06 -1.95 -0.85
N LYS B 73 19.55 -1.44 -1.97
CA LYS B 73 19.25 -2.31 -3.10
C LYS B 73 20.52 -2.92 -3.68
N ALA B 74 21.58 -2.12 -3.79
CA ALA B 74 22.85 -2.65 -4.26
C ALA B 74 23.39 -3.71 -3.30
N ILE B 75 23.22 -3.50 -2.00
CA ILE B 75 23.63 -4.50 -1.02
C ILE B 75 22.81 -5.77 -1.16
N ALA B 76 21.49 -5.64 -1.26
CA ALA B 76 20.60 -6.78 -1.32
C ALA B 76 20.76 -7.58 -2.60
N SER B 77 21.23 -6.93 -3.67
CA SER B 77 21.49 -7.63 -4.92
C SER B 77 22.65 -8.63 -4.80
N ARG B 78 23.42 -8.58 -3.71
CA ARG B 78 24.46 -9.58 -3.49
C ARG B 78 23.90 -10.92 -3.02
N ASN B 79 22.65 -10.95 -2.53
CA ASN B 79 22.02 -12.21 -2.20
C ASN B 79 21.69 -12.98 -3.48
N LYS B 80 21.81 -14.30 -3.42
CA LYS B 80 21.48 -15.17 -4.53
C LYS B 80 20.14 -15.85 -4.26
N ARG B 81 19.25 -15.79 -5.23
CA ARG B 81 17.89 -16.32 -5.07
C ARG B 81 17.79 -17.71 -5.73
N PHE B 82 18.44 -18.67 -5.09
CA PHE B 82 18.28 -20.06 -5.49
C PHE B 82 16.90 -20.56 -5.10
N THR B 83 16.41 -21.56 -5.82
CA THR B 83 15.20 -22.25 -5.41
C THR B 83 15.55 -23.21 -4.28
N SER B 84 14.86 -23.07 -3.15
CA SER B 84 15.21 -23.75 -1.92
C SER B 84 14.30 -24.95 -1.72
N TYR B 85 14.89 -26.13 -1.58
CA TYR B 85 14.21 -27.33 -1.13
C TYR B 85 14.79 -27.84 0.18
N ILE B 86 15.47 -26.97 0.92
CA ILE B 86 16.14 -27.36 2.15
C ILE B 86 15.13 -27.85 3.19
N GLY B 87 14.04 -27.13 3.36
CA GLY B 87 13.02 -27.54 4.32
C GLY B 87 13.39 -27.10 5.72
N MET B 88 13.38 -28.05 6.65
CA MET B 88 13.73 -27.82 8.06
C MET B 88 12.86 -26.71 8.66
N GLY B 89 11.58 -26.69 8.30
CA GLY B 89 10.65 -25.75 8.86
C GLY B 89 10.47 -24.45 8.11
N TYR B 90 11.10 -24.29 6.95
CA TYR B 90 10.98 -23.09 6.15
C TYR B 90 10.77 -23.47 4.70
N THR B 91 9.76 -22.88 4.07
CA THR B 91 9.48 -23.13 2.66
C THR B 91 9.02 -21.82 2.02
N ALA B 92 9.20 -21.74 0.71
CA ALA B 92 8.71 -20.60 -0.04
C ALA B 92 7.18 -20.59 -0.06
N VAL B 93 6.61 -19.40 0.10
CA VAL B 93 5.17 -19.22 0.11
C VAL B 93 4.78 -18.36 -1.08
N GLN B 94 3.48 -18.36 -1.37
CA GLN B 94 2.89 -17.46 -2.36
C GLN B 94 1.93 -16.54 -1.61
N LEU B 95 2.45 -15.41 -1.16
CA LEU B 95 1.61 -14.43 -0.46
C LEU B 95 0.66 -13.78 -1.46
N PRO B 96 -0.64 -13.85 -1.26
CA PRO B 96 -1.59 -13.23 -2.19
C PRO B 96 -1.33 -11.75 -2.31
N PRO B 97 -1.32 -11.21 -3.54
CA PRO B 97 -1.08 -9.77 -3.71
C PRO B 97 -2.11 -8.89 -3.01
N VAL B 98 -3.34 -9.39 -2.82
CA VAL B 98 -4.35 -8.58 -2.14
C VAL B 98 -3.97 -8.39 -0.67
N ILE B 99 -3.43 -9.43 -0.03
CA ILE B 99 -3.00 -9.30 1.36
C ILE B 99 -1.73 -8.45 1.46
N LEU B 100 -0.79 -8.65 0.53
CA LEU B 100 0.44 -7.87 0.56
C LEU B 100 0.16 -6.39 0.34
N ARG B 101 -0.72 -6.06 -0.59
CA ARG B 101 -1.02 -4.67 -0.91
C ARG B 101 -1.77 -3.99 0.22
N ASN B 102 -2.83 -4.63 0.72
CA ASN B 102 -3.78 -3.99 1.60
C ASN B 102 -3.53 -4.23 3.08
N MET B 103 -2.64 -5.16 3.43
CA MET B 103 -2.29 -5.38 4.82
C MET B 103 -0.81 -5.15 5.10
N LEU B 104 0.08 -5.85 4.39
CA LEU B 104 1.49 -5.84 4.74
C LEU B 104 2.14 -4.49 4.46
N GLU B 105 1.71 -3.81 3.40
CA GLU B 105 2.22 -2.49 3.06
C GLU B 105 1.25 -1.39 3.43
N ASN B 106 0.29 -1.67 4.31
CA ASN B 106 -0.70 -0.71 4.73
C ASN B 106 -0.37 -0.23 6.14
N PRO B 107 0.00 1.03 6.34
CA PRO B 107 0.35 1.50 7.69
C PRO B 107 -0.78 1.39 8.68
N GLY B 108 -2.04 1.35 8.22
CA GLY B 108 -3.15 1.10 9.12
C GLY B 108 -3.11 -0.25 9.79
N TRP B 109 -2.28 -1.17 9.28
CA TRP B 109 -2.15 -2.49 9.87
C TRP B 109 -0.86 -2.67 10.67
N TYR B 110 0.20 -1.93 10.37
CA TYR B 110 1.49 -2.15 11.04
C TYR B 110 1.96 -0.95 11.85
N THR B 111 1.12 0.04 12.12
CA THR B 111 1.51 1.18 12.94
C THR B 111 0.73 1.22 14.26
N ALA B 112 0.12 0.12 14.66
CA ALA B 112 -0.58 0.02 15.93
C ALA B 112 0.22 -0.84 16.90
N TYR B 113 -0.12 -0.76 18.18
CA TYR B 113 0.61 -1.48 19.20
C TYR B 113 -0.33 -2.49 19.87
N THR B 114 0.16 -3.09 20.96
CA THR B 114 -0.59 -4.10 21.67
C THR B 114 -1.94 -3.54 22.11
N PRO B 115 -3.03 -4.29 21.95
CA PRO B 115 -4.35 -3.76 22.29
C PRO B 115 -4.54 -3.52 23.77
N TYR B 116 -3.81 -2.56 24.33
CA TYR B 116 -4.08 -2.10 25.69
C TYR B 116 -5.47 -1.49 25.78
N GLN B 117 -6.00 -1.00 24.65
CA GLN B 117 -7.37 -0.49 24.57
C GLN B 117 -8.13 -1.32 23.55
N PRO B 118 -8.85 -2.36 23.98
CA PRO B 118 -9.64 -3.16 23.04
C PRO B 118 -10.75 -2.37 22.36
N GLU B 119 -11.18 -1.25 22.93
CA GLU B 119 -12.24 -0.46 22.31
C GLU B 119 -11.81 0.11 20.97
N VAL B 120 -10.51 0.32 20.77
CA VAL B 120 -9.97 0.89 19.55
C VAL B 120 -9.17 -0.13 18.76
N SER B 121 -9.28 -1.42 19.09
CA SER B 121 -8.48 -2.45 18.44
C SER B 121 -9.32 -3.67 18.03
N GLN B 122 -10.62 -3.48 17.80
CA GLN B 122 -11.49 -4.61 17.51
C GLN B 122 -11.17 -5.26 16.16
N GLY B 123 -10.65 -4.49 15.21
CA GLY B 123 -10.38 -5.05 13.90
C GLY B 123 -9.24 -6.06 13.90
N ARG B 124 -8.13 -5.72 14.55
CA ARG B 124 -7.00 -6.65 14.63
C ARG B 124 -7.27 -7.76 15.64
N LEU B 125 -8.09 -7.49 16.66
CA LEU B 125 -8.51 -8.54 17.58
C LEU B 125 -9.30 -9.61 16.86
N GLU B 126 -10.10 -9.23 15.85
CA GLU B 126 -10.85 -10.23 15.10
C GLU B 126 -9.94 -11.08 14.22
N ALA B 127 -8.90 -10.47 13.65
CA ALA B 127 -7.93 -11.26 12.89
C ALA B 127 -7.17 -12.22 13.79
N LEU B 128 -6.80 -11.77 15.00
CA LEU B 128 -6.16 -12.67 15.94
C LEU B 128 -7.10 -13.79 16.38
N LEU B 129 -8.39 -13.47 16.51
CA LEU B 129 -9.38 -14.50 16.82
C LEU B 129 -9.51 -15.50 15.67
N ASN B 130 -9.42 -15.03 14.43
CA ASN B 130 -9.43 -15.92 13.28
C ASN B 130 -8.21 -16.82 13.28
N PHE B 131 -7.04 -16.28 13.65
CA PHE B 131 -5.84 -17.09 13.77
C PHE B 131 -6.02 -18.17 14.83
N GLN B 132 -6.62 -17.80 15.97
CA GLN B 132 -6.90 -18.80 17.01
C GLN B 132 -7.88 -19.85 16.53
N GLN B 133 -8.89 -19.45 15.74
CA GLN B 133 -9.83 -20.41 15.19
C GLN B 133 -9.14 -21.38 14.23
N VAL B 134 -8.24 -20.88 13.39
CA VAL B 134 -7.44 -21.74 12.52
C VAL B 134 -6.62 -22.72 13.36
N THR B 135 -6.00 -22.24 14.43
CA THR B 135 -5.23 -23.10 15.30
C THR B 135 -6.10 -24.20 15.91
N LEU B 136 -7.29 -23.84 16.39
CA LEU B 136 -8.17 -24.83 16.99
C LEU B 136 -8.63 -25.86 15.98
N ASP B 137 -8.96 -25.42 14.76
CA ASP B 137 -9.43 -26.35 13.74
C ASP B 137 -8.33 -27.30 13.29
N LEU B 138 -7.11 -26.80 13.10
CA LEU B 138 -6.04 -27.64 12.58
C LEU B 138 -5.46 -28.56 13.64
N THR B 139 -5.36 -28.10 14.89
CA THR B 139 -4.74 -28.90 15.93
C THR B 139 -5.72 -29.81 16.65
N GLY B 140 -7.01 -29.48 16.66
CA GLY B 140 -7.98 -30.31 17.34
C GLY B 140 -7.99 -30.17 18.85
N LEU B 141 -7.56 -29.03 19.38
CA LEU B 141 -7.53 -28.79 20.81
C LEU B 141 -8.50 -27.66 21.16
N ASP B 142 -8.57 -27.32 22.44
CA ASP B 142 -9.61 -26.43 22.96
C ASP B 142 -9.17 -24.99 23.10
N MET B 143 -7.95 -24.73 23.55
CA MET B 143 -7.48 -23.37 23.80
C MET B 143 -6.26 -23.10 22.92
N ALA B 144 -6.28 -21.96 22.23
CA ALA B 144 -5.20 -21.57 21.33
C ALA B 144 -4.68 -20.19 21.72
N SER B 145 -3.37 -20.00 21.60
CA SER B 145 -2.77 -18.73 21.90
C SER B 145 -2.90 -17.77 20.72
N ALA B 146 -2.59 -16.50 20.96
CA ALA B 146 -2.70 -15.47 19.94
C ALA B 146 -1.48 -15.41 19.03
N SER B 147 -0.47 -16.27 19.27
CA SER B 147 0.75 -16.52 18.50
C SER B 147 1.97 -16.37 19.41
N LEU B 148 3.02 -17.14 19.12
CA LEU B 148 4.28 -17.07 19.83
C LEU B 148 5.37 -16.59 18.88
N LEU B 149 6.59 -16.45 19.40
CA LEU B 149 7.67 -15.86 18.61
C LEU B 149 8.04 -16.76 17.44
N ASP B 150 8.33 -18.04 17.68
CA ASP B 150 8.74 -18.95 16.63
C ASP B 150 8.62 -20.38 17.17
N GLU B 151 8.84 -21.34 16.27
CA GLU B 151 8.59 -22.73 16.62
C GLU B 151 9.55 -23.24 17.69
N ALA B 152 10.81 -22.80 17.65
CA ALA B 152 11.76 -23.25 18.67
C ALA B 152 11.44 -22.66 20.04
N THR B 153 11.12 -21.36 20.08
CA THR B 153 10.69 -20.76 21.34
C THR B 153 9.37 -21.34 21.79
N ALA B 154 8.48 -21.67 20.85
CA ALA B 154 7.23 -22.33 21.21
C ALA B 154 7.48 -23.70 21.80
N ALA B 155 8.51 -24.41 21.32
CA ALA B 155 8.87 -25.69 21.91
C ALA B 155 9.41 -25.50 23.32
N ALA B 156 10.21 -24.46 23.54
CA ALA B 156 10.70 -24.18 24.88
C ALA B 156 9.54 -23.85 25.84
N GLU B 157 8.57 -23.07 25.37
CA GLU B 157 7.38 -22.80 26.19
C GLU B 157 6.55 -24.05 26.39
N ALA B 158 6.49 -24.95 25.41
CA ALA B 158 5.78 -26.21 25.59
C ALA B 158 6.43 -27.04 26.68
N MET B 159 7.77 -27.07 26.71
CA MET B 159 8.46 -27.79 27.77
C MET B 159 8.22 -27.15 29.13
N ALA B 160 8.26 -25.81 29.20
CA ALA B 160 7.99 -25.13 30.46
C ALA B 160 6.56 -25.38 30.94
N MET B 161 5.59 -25.35 30.02
CA MET B 161 4.20 -25.60 30.38
C MET B 161 3.97 -27.05 30.77
N ALA B 162 4.67 -27.98 30.13
CA ALA B 162 4.60 -29.38 30.55
C ALA B 162 5.12 -29.57 31.95
N LYS B 163 6.19 -28.85 32.30
CA LYS B 163 6.66 -28.87 33.69
C LYS B 163 5.63 -28.25 34.63
N ARG B 164 5.00 -27.15 34.21
CA ARG B 164 4.02 -26.48 35.06
C ARG B 164 2.81 -27.37 35.34
N VAL B 165 2.32 -28.09 34.33
CA VAL B 165 1.11 -28.87 34.47
C VAL B 165 1.39 -30.32 34.84
N SER B 166 2.65 -30.71 35.00
CA SER B 166 2.96 -32.09 35.33
C SER B 166 2.49 -32.42 36.74
N LYS B 167 1.93 -33.61 36.90
CA LYS B 167 1.45 -34.08 38.20
C LYS B 167 2.37 -35.14 38.80
N LEU B 168 3.61 -35.21 38.34
CA LEU B 168 4.58 -36.18 38.83
C LEU B 168 5.69 -35.45 39.57
N LYS B 169 5.92 -35.84 40.83
CA LYS B 169 7.03 -35.31 41.59
C LYS B 169 8.32 -36.03 41.21
N ASN B 170 9.44 -35.33 41.37
CA ASN B 170 10.79 -35.83 41.11
C ASN B 170 11.03 -36.23 39.66
N ALA B 171 10.24 -35.69 38.73
CA ALA B 171 10.42 -35.96 37.30
C ALA B 171 10.99 -34.70 36.65
N ASN B 172 12.28 -34.72 36.37
CA ASN B 172 12.97 -33.54 35.84
C ASN B 172 13.59 -33.79 34.47
N ARG B 173 13.21 -34.87 33.79
CA ARG B 173 13.76 -35.20 32.49
C ARG B 173 12.75 -34.90 31.40
N PHE B 174 13.19 -34.19 30.36
CA PHE B 174 12.37 -33.89 29.20
C PHE B 174 12.91 -34.67 28.01
N PHE B 175 12.02 -35.37 27.31
CA PHE B 175 12.39 -36.22 26.20
C PHE B 175 12.10 -35.51 24.87
N VAL B 176 13.07 -35.51 23.98
CA VAL B 176 12.93 -34.96 22.64
C VAL B 176 13.23 -36.06 21.64
N ALA B 177 12.33 -36.26 20.69
CA ALA B 177 12.54 -37.23 19.63
C ALA B 177 13.65 -36.75 18.70
N SER B 178 14.47 -37.70 18.22
CA SER B 178 15.62 -37.36 17.39
C SER B 178 15.23 -36.84 16.01
N ASP B 179 13.96 -36.96 15.62
CA ASP B 179 13.49 -36.47 14.34
C ASP B 179 13.03 -35.01 14.39
N VAL B 180 13.22 -34.35 15.53
CA VAL B 180 12.87 -32.94 15.64
C VAL B 180 13.90 -32.10 14.91
N HIS B 181 13.45 -30.95 14.39
CA HIS B 181 14.36 -30.04 13.70
C HIS B 181 15.51 -29.65 14.62
N PRO B 182 16.74 -29.62 14.11
CA PRO B 182 17.89 -29.35 14.99
C PRO B 182 17.87 -27.98 15.67
N GLN B 183 17.35 -26.95 15.01
CA GLN B 183 17.29 -25.63 15.65
C GLN B 183 16.36 -25.65 16.86
N THR B 184 15.24 -26.36 16.73
CA THR B 184 14.33 -26.54 17.85
C THR B 184 15.02 -27.26 19.00
N LEU B 185 15.80 -28.30 18.68
CA LEU B 185 16.51 -29.03 19.72
C LEU B 185 17.53 -28.14 20.43
N ASP B 186 18.24 -27.30 19.66
CA ASP B 186 19.23 -26.42 20.28
C ASP B 186 18.57 -25.41 21.21
N VAL B 187 17.47 -24.79 20.77
CA VAL B 187 16.80 -23.82 21.63
C VAL B 187 16.24 -24.49 22.88
N VAL B 188 15.67 -25.68 22.72
CA VAL B 188 15.12 -26.41 23.87
C VAL B 188 16.25 -26.79 24.83
N ARG B 189 17.42 -27.16 24.30
CA ARG B 189 18.54 -27.51 25.16
C ARG B 189 19.03 -26.30 25.95
N THR B 190 19.11 -25.14 25.32
CA THR B 190 19.51 -23.93 26.03
C THR B 190 18.50 -23.59 27.13
N ARG B 191 17.21 -23.65 26.81
CA ARG B 191 16.19 -23.33 27.79
C ARG B 191 16.18 -24.33 28.94
N ALA B 192 16.43 -25.62 28.65
CA ALA B 192 16.47 -26.62 29.70
C ALA B 192 17.71 -26.48 30.57
N GLU B 193 18.84 -26.07 29.98
CA GLU B 193 20.03 -25.81 30.78
C GLU B 193 19.79 -24.67 31.74
N THR B 194 19.11 -23.61 31.29
CA THR B 194 18.80 -22.52 32.21
C THR B 194 17.73 -22.91 33.23
N PHE B 195 16.79 -23.79 32.84
CA PHE B 195 15.73 -24.21 33.76
C PHE B 195 16.16 -25.32 34.70
N GLY B 196 17.27 -26.00 34.42
CA GLY B 196 17.69 -27.13 35.21
C GLY B 196 17.17 -28.47 34.73
N PHE B 197 16.38 -28.51 33.66
CA PHE B 197 15.87 -29.77 33.14
C PHE B 197 16.97 -30.60 32.52
N GLU B 198 16.78 -31.92 32.52
CA GLU B 198 17.68 -32.85 31.85
C GLU B 198 17.01 -33.32 30.56
N VAL B 199 17.68 -33.12 29.44
CA VAL B 199 17.13 -33.41 28.14
C VAL B 199 17.67 -34.75 27.65
N ILE B 200 16.76 -35.63 27.22
CA ILE B 200 17.12 -36.91 26.62
C ILE B 200 16.66 -36.89 25.17
N VAL B 201 17.59 -37.16 24.26
CA VAL B 201 17.32 -37.16 22.82
C VAL B 201 17.51 -38.60 22.32
N ASP B 202 16.46 -39.16 21.74
CA ASP B 202 16.47 -40.55 21.29
C ASP B 202 15.28 -40.76 20.38
N ASP B 203 15.10 -42.00 19.94
CA ASP B 203 13.90 -42.37 19.19
C ASP B 203 12.67 -42.23 20.08
N ALA B 204 11.53 -41.93 19.45
CA ALA B 204 10.32 -41.66 20.20
C ALA B 204 9.88 -42.86 21.04
N GLN B 205 10.00 -44.06 20.48
CA GLN B 205 9.56 -45.26 21.20
C GLN B 205 10.43 -45.57 22.41
N LYS B 206 11.63 -44.99 22.49
CA LYS B 206 12.55 -45.30 23.58
C LYS B 206 12.23 -44.54 24.87
N VAL B 207 11.26 -43.62 24.84
CA VAL B 207 10.90 -42.89 26.05
C VAL B 207 10.31 -43.82 27.10
N LEU B 208 9.74 -44.94 26.68
CA LEU B 208 9.16 -45.88 27.65
C LEU B 208 10.22 -46.52 28.52
N ASP B 209 11.47 -46.58 28.04
CA ASP B 209 12.55 -47.15 28.85
C ASP B 209 12.96 -46.19 29.96
N HIS B 210 13.00 -44.90 29.68
CA HIS B 210 13.48 -43.91 30.63
C HIS B 210 12.44 -43.62 31.71
N GLN B 211 12.92 -43.21 32.87
CA GLN B 211 12.09 -42.86 34.01
C GLN B 211 12.20 -41.37 34.30
N ASP B 212 11.36 -40.91 35.23
CA ASP B 212 11.38 -39.54 35.72
C ASP B 212 11.23 -38.53 34.59
N VAL B 213 10.35 -38.83 33.64
CA VAL B 213 10.10 -37.95 32.49
C VAL B 213 8.79 -37.22 32.74
N PHE B 214 8.83 -35.90 32.72
CA PHE B 214 7.62 -35.11 32.91
C PHE B 214 6.95 -34.71 31.60
N GLY B 215 7.70 -34.68 30.50
CA GLY B 215 7.13 -34.30 29.23
C GLY B 215 7.97 -34.81 28.08
N VAL B 216 7.31 -34.95 26.94
CA VAL B 216 7.95 -35.43 25.71
C VAL B 216 7.65 -34.47 24.58
N LEU B 217 8.63 -34.27 23.71
CA LEU B 217 8.46 -33.46 22.51
C LEU B 217 8.53 -34.37 21.29
N LEU B 218 7.47 -34.33 20.48
CA LEU B 218 7.38 -35.13 19.27
C LEU B 218 7.12 -34.22 18.07
N GLN B 219 7.61 -34.63 16.91
CA GLN B 219 7.30 -33.96 15.66
C GLN B 219 6.42 -34.89 14.82
N GLN B 220 5.28 -34.36 14.39
CA GLN B 220 4.33 -35.17 13.61
C GLN B 220 4.97 -35.70 12.34
N VAL B 221 5.68 -34.84 11.62
CA VAL B 221 6.49 -35.22 10.47
C VAL B 221 7.94 -34.99 10.85
N GLY B 222 8.75 -36.03 10.72
CA GLY B 222 10.15 -35.93 11.07
C GLY B 222 10.89 -34.92 10.23
N THR B 223 12.09 -34.56 10.71
CA THR B 223 12.90 -33.57 10.00
C THR B 223 13.34 -34.06 8.63
N THR B 224 13.38 -35.38 8.42
CA THR B 224 13.69 -35.95 7.10
C THR B 224 12.43 -36.40 6.36
N GLY B 225 11.25 -36.02 6.84
CA GLY B 225 10.02 -36.20 6.10
C GLY B 225 9.15 -37.37 6.49
N GLU B 226 9.58 -38.19 7.45
CA GLU B 226 8.80 -39.36 7.83
C GLU B 226 7.55 -38.95 8.61
N ILE B 227 6.40 -39.42 8.15
CA ILE B 227 5.15 -39.21 8.88
C ILE B 227 5.05 -40.28 9.97
N HIS B 228 4.79 -39.85 11.20
CA HIS B 228 4.67 -40.75 12.33
C HIS B 228 3.21 -40.86 12.76
N ASP B 229 2.78 -42.08 13.03
CA ASP B 229 1.52 -42.35 13.73
C ASP B 229 1.87 -42.60 15.19
N TYR B 230 1.58 -41.61 16.03
CA TYR B 230 1.99 -41.64 17.43
C TYR B 230 0.85 -42.01 18.38
N THR B 231 -0.28 -42.50 17.86
CA THR B 231 -1.47 -42.70 18.68
C THR B 231 -1.21 -43.67 19.83
N ALA B 232 -0.64 -44.83 19.53
CA ALA B 232 -0.38 -45.82 20.57
C ALA B 232 0.65 -45.32 21.58
N LEU B 233 1.73 -44.72 21.09
CA LEU B 233 2.75 -44.19 21.99
C LEU B 233 2.19 -43.07 22.86
N ILE B 234 1.38 -42.18 22.28
CA ILE B 234 0.79 -41.10 23.05
C ILE B 234 -0.17 -41.65 24.10
N SER B 235 -0.94 -42.68 23.76
CA SER B 235 -1.83 -43.29 24.74
C SER B 235 -1.05 -43.91 25.89
N GLU B 236 0.04 -44.61 25.57
CA GLU B 236 0.87 -45.19 26.62
C GLU B 236 1.50 -44.11 27.48
N LEU B 237 1.92 -43.01 26.88
CA LEU B 237 2.50 -41.91 27.64
C LEU B 237 1.47 -41.28 28.58
N LYS B 238 0.25 -41.08 28.09
CA LYS B 238 -0.80 -40.52 28.95
C LYS B 238 -1.17 -41.48 30.06
N SER B 239 -1.04 -42.79 29.83
CA SER B 239 -1.25 -43.75 30.91
C SER B 239 -0.22 -43.57 32.03
N ARG B 240 0.92 -42.96 31.74
CA ARG B 240 1.96 -42.72 32.73
C ARG B 240 1.98 -41.28 33.23
N LYS B 241 0.94 -40.49 32.92
CA LYS B 241 0.81 -39.10 33.36
C LYS B 241 1.93 -38.23 32.81
N ILE B 242 2.42 -38.54 31.62
CA ILE B 242 3.46 -37.77 30.95
C ILE B 242 2.80 -36.80 29.98
N VAL B 243 3.15 -35.52 30.08
CA VAL B 243 2.61 -34.53 29.15
C VAL B 243 3.22 -34.73 27.78
N VAL B 244 2.39 -34.65 26.75
CA VAL B 244 2.80 -34.90 25.37
C VAL B 244 2.61 -33.62 24.58
N SER B 245 3.70 -33.10 24.03
CA SER B 245 3.67 -31.96 23.13
C SER B 245 4.13 -32.39 21.75
N VAL B 246 3.45 -31.91 20.72
CA VAL B 246 3.72 -32.29 19.34
C VAL B 246 3.97 -31.04 18.53
N ALA B 247 5.07 -31.03 17.78
CA ALA B 247 5.34 -29.98 16.81
C ALA B 247 4.77 -30.40 15.46
N ALA B 248 4.00 -29.50 14.84
CA ALA B 248 3.33 -29.81 13.58
C ALA B 248 3.47 -28.62 12.63
N ASP B 249 3.55 -28.94 11.34
CA ASP B 249 3.53 -27.92 10.31
C ASP B 249 2.09 -27.50 10.02
N ILE B 250 1.88 -26.20 9.83
CA ILE B 250 0.52 -25.69 9.62
C ILE B 250 -0.06 -26.21 8.32
N MET B 251 0.76 -26.34 7.28
CA MET B 251 0.26 -26.84 6.00
C MET B 251 0.06 -28.35 6.01
N ALA B 252 0.88 -29.08 6.77
CA ALA B 252 0.68 -30.53 6.87
C ALA B 252 -0.56 -30.88 7.67
N LEU B 253 -1.00 -29.99 8.56
CA LEU B 253 -2.20 -30.25 9.34
C LEU B 253 -3.47 -30.14 8.51
N VAL B 254 -3.39 -29.53 7.32
CA VAL B 254 -4.55 -29.51 6.42
C VAL B 254 -4.90 -30.91 5.96
N LEU B 255 -3.88 -31.74 5.72
CA LEU B 255 -4.08 -33.09 5.22
C LEU B 255 -3.96 -34.17 6.28
N LEU B 256 -3.17 -33.96 7.32
CA LEU B 256 -2.90 -35.00 8.30
C LEU B 256 -3.83 -34.88 9.50
N THR B 257 -4.03 -36.00 10.18
CA THR B 257 -4.89 -36.04 11.35
C THR B 257 -4.38 -35.09 12.44
N ALA B 258 -5.31 -34.33 13.02
CA ALA B 258 -4.94 -33.38 14.06
C ALA B 258 -4.33 -34.12 15.25
N PRO B 259 -3.16 -33.68 15.73
CA PRO B 259 -2.55 -34.38 16.88
C PRO B 259 -3.41 -34.32 18.14
N GLY B 260 -4.26 -33.31 18.28
CA GLY B 260 -5.13 -33.24 19.44
C GLY B 260 -6.08 -34.42 19.52
N LYS B 261 -6.58 -34.88 18.37
CA LYS B 261 -7.45 -36.04 18.33
C LYS B 261 -6.68 -37.36 18.47
N GLN B 262 -5.35 -37.33 18.38
CA GLN B 262 -4.54 -38.49 18.66
C GLN B 262 -4.06 -38.54 20.11
N GLY B 263 -4.42 -37.55 20.92
CA GLY B 263 -4.09 -37.55 22.33
C GLY B 263 -3.03 -36.56 22.77
N ALA B 264 -2.56 -35.68 21.88
CA ALA B 264 -1.54 -34.71 22.26
C ALA B 264 -2.11 -33.68 23.22
N ASP B 265 -1.37 -33.42 24.30
CA ASP B 265 -1.79 -32.38 25.24
C ASP B 265 -1.53 -30.98 24.68
N ILE B 266 -0.37 -30.78 24.04
CA ILE B 266 0.02 -29.49 23.50
C ILE B 266 0.43 -29.68 22.05
N VAL B 267 -0.09 -28.84 21.16
CA VAL B 267 0.28 -28.86 19.76
C VAL B 267 0.71 -27.45 19.38
N PHE B 268 1.89 -27.35 18.77
CA PHE B 268 2.45 -26.07 18.37
C PHE B 268 3.18 -26.26 17.04
N GLY B 269 3.50 -25.16 16.39
CA GLY B 269 4.26 -25.21 15.17
C GLY B 269 4.37 -23.83 14.56
N SER B 270 4.95 -23.81 13.36
CA SER B 270 5.14 -22.56 12.62
C SER B 270 3.94 -22.31 11.72
N ALA B 271 3.43 -21.09 11.76
CA ALA B 271 2.41 -20.63 10.84
C ALA B 271 3.01 -19.94 9.62
N GLN B 272 4.30 -20.14 9.37
CA GLN B 272 4.99 -19.43 8.31
C GLN B 272 4.43 -19.77 6.94
N ARG B 273 4.12 -21.04 6.70
CA ARG B 273 3.69 -21.48 5.38
C ARG B 273 2.34 -20.91 4.95
N PHE B 274 1.61 -20.27 5.86
CA PHE B 274 0.36 -19.60 5.49
C PHE B 274 0.65 -18.18 5.02
N GLY B 275 1.44 -18.09 3.96
CA GLY B 275 1.68 -16.84 3.26
C GLY B 275 2.76 -15.94 3.81
N VAL B 276 3.50 -16.36 4.82
CA VAL B 276 4.54 -15.55 5.43
C VAL B 276 5.86 -15.91 4.77
N PRO B 277 6.53 -14.97 4.11
CA PRO B 277 7.84 -15.27 3.49
C PRO B 277 8.88 -15.61 4.55
N MET B 278 9.85 -16.44 4.15
CA MET B 278 10.86 -16.89 5.10
C MET B 278 11.68 -15.72 5.63
N GLY B 279 12.10 -14.82 4.76
CA GLY B 279 12.83 -13.64 5.18
C GLY B 279 14.14 -13.96 5.89
N TYR B 280 14.88 -14.95 5.40
CA TYR B 280 16.14 -15.37 6.00
C TYR B 280 15.95 -15.71 7.47
N GLY B 281 14.88 -16.46 7.76
CA GLY B 281 14.47 -16.73 9.11
C GLY B 281 13.72 -15.60 9.77
N GLY B 282 13.06 -14.75 8.99
CA GLY B 282 12.50 -13.52 9.45
C GLY B 282 11.37 -13.68 10.45
N PRO B 283 10.61 -12.61 10.67
CA PRO B 283 9.53 -12.68 11.68
C PRO B 283 8.41 -13.59 11.18
N HIS B 284 8.11 -14.61 11.98
CA HIS B 284 7.03 -15.53 11.71
C HIS B 284 6.21 -15.72 12.98
N ALA B 285 4.94 -16.06 12.80
CA ALA B 285 4.09 -16.39 13.94
C ALA B 285 4.08 -17.89 14.14
N ALA B 286 3.96 -18.30 15.39
CA ALA B 286 3.84 -19.70 15.77
C ALA B 286 2.51 -19.93 16.46
N PHE B 287 1.79 -20.96 16.05
CA PHE B 287 0.55 -21.31 16.74
C PHE B 287 0.85 -22.20 17.93
N PHE B 288 -0.04 -22.15 18.92
CA PHE B 288 0.14 -22.88 20.17
C PHE B 288 -1.23 -23.24 20.69
N ALA B 289 -1.46 -24.52 20.95
CA ALA B 289 -2.75 -24.99 21.41
C ALA B 289 -2.55 -25.99 22.55
N ALA B 290 -3.55 -26.08 23.41
CA ALA B 290 -3.51 -27.01 24.53
C ALA B 290 -4.94 -27.43 24.87
N LYS B 291 -5.04 -28.49 25.68
CA LYS B 291 -6.33 -28.96 26.14
C LYS B 291 -6.96 -27.97 27.11
N ASP B 292 -8.29 -28.08 27.26
CA ASP B 292 -9.02 -27.13 28.09
C ASP B 292 -8.62 -27.20 29.55
N GLU B 293 -8.13 -28.36 30.01
CA GLU B 293 -7.75 -28.50 31.41
C GLU B 293 -6.48 -27.74 31.76
N TYR B 294 -5.76 -27.21 30.77
CA TYR B 294 -4.51 -26.50 31.00
C TYR B 294 -4.64 -25.01 30.65
N LYS B 295 -5.85 -24.46 30.70
CA LYS B 295 -6.05 -23.07 30.31
C LYS B 295 -5.29 -22.11 31.22
N ARG B 296 -5.15 -22.44 32.51
CA ARG B 296 -4.49 -21.55 33.45
C ARG B 296 -3.00 -21.42 33.17
N SER B 297 -2.36 -22.48 32.68
CA SER B 297 -0.92 -22.51 32.50
C SER B 297 -0.48 -22.21 31.08
N MET B 298 -1.40 -21.78 30.21
CA MET B 298 -1.05 -21.51 28.83
C MET B 298 -0.20 -20.24 28.75
N PRO B 299 0.90 -20.26 28.01
CA PRO B 299 1.72 -19.04 27.86
C PRO B 299 1.11 -18.05 26.89
N GLY B 300 1.59 -16.82 26.98
CA GLY B 300 1.23 -15.79 26.02
C GLY B 300 -0.15 -15.20 26.26
N ARG B 301 -0.67 -14.57 25.21
CA ARG B 301 -1.93 -13.87 25.24
C ARG B 301 -3.01 -14.67 24.52
N ILE B 302 -4.25 -14.51 24.94
CA ILE B 302 -5.40 -15.17 24.32
C ILE B 302 -6.49 -14.13 24.09
N ILE B 303 -7.02 -14.10 22.88
CA ILE B 303 -8.17 -13.25 22.56
C ILE B 303 -9.43 -13.92 23.08
N GLY B 304 -10.26 -13.16 23.79
CA GLY B 304 -11.48 -13.68 24.34
C GLY B 304 -12.68 -12.84 23.93
N VAL B 305 -13.85 -13.45 24.01
CA VAL B 305 -15.11 -12.80 23.67
C VAL B 305 -15.73 -12.31 24.97
N SER B 306 -15.84 -11.00 25.11
CA SER B 306 -16.41 -10.35 26.28
C SER B 306 -17.64 -9.56 25.86
N LYS B 307 -18.16 -8.76 26.78
CA LYS B 307 -19.31 -7.92 26.51
C LYS B 307 -19.02 -6.48 26.92
N ASP B 308 -19.72 -5.56 26.29
CA ASP B 308 -19.57 -4.13 26.52
C ASP B 308 -20.25 -3.73 27.84
N ALA B 309 -20.07 -2.46 28.20
CA ALA B 309 -20.93 -1.86 29.21
C ALA B 309 -22.37 -1.73 28.72
N ALA B 310 -22.58 -1.75 27.40
CA ALA B 310 -23.90 -1.76 26.79
C ALA B 310 -24.38 -3.17 26.45
N GLY B 311 -23.58 -4.19 26.74
CA GLY B 311 -23.96 -5.56 26.44
C GLY B 311 -23.58 -6.07 25.07
N ASN B 312 -23.03 -5.22 24.20
CA ASN B 312 -22.61 -5.67 22.89
C ASN B 312 -21.44 -6.64 22.99
N THR B 313 -21.38 -7.58 22.04
CA THR B 313 -20.27 -8.51 21.98
C THR B 313 -18.99 -7.77 21.61
N ALA B 314 -17.89 -8.09 22.29
CA ALA B 314 -16.63 -7.39 22.06
C ALA B 314 -15.47 -8.32 22.35
N LEU B 315 -14.42 -8.19 21.56
CA LEU B 315 -13.21 -9.00 21.66
C LEU B 315 -12.18 -8.26 22.51
N ARG B 316 -11.36 -9.02 23.22
CA ARG B 316 -10.24 -8.42 23.93
C ARG B 316 -9.16 -9.45 24.22
N MET B 317 -7.94 -8.95 24.41
CA MET B 317 -6.79 -9.77 24.75
C MET B 317 -6.78 -9.97 26.27
N ALA B 318 -7.05 -11.20 26.70
CA ALA B 318 -7.32 -11.47 28.11
C ALA B 318 -6.11 -12.04 28.86
N MET B 319 -5.48 -13.08 28.32
CA MET B 319 -4.44 -13.78 29.07
C MET B 319 -3.24 -12.87 29.33
N GLN B 320 -2.41 -13.29 30.27
CA GLN B 320 -1.21 -12.54 30.63
C GLN B 320 0.04 -13.17 30.03
N ALA B 331 1.52 -20.30 34.31
CA ALA B 331 1.97 -19.60 33.12
C ALA B 331 3.10 -18.63 33.43
N ASN B 332 4.12 -19.13 34.12
CA ASN B 332 5.28 -18.31 34.49
C ASN B 332 6.29 -18.32 33.35
N SER B 333 6.05 -17.44 32.38
CA SER B 333 6.94 -17.25 31.24
C SER B 333 7.16 -15.76 31.04
N ASN B 334 8.23 -15.43 30.31
CA ASN B 334 8.60 -14.04 30.09
C ASN B 334 8.03 -13.47 28.80
N ILE B 335 7.15 -14.20 28.11
CA ILE B 335 6.49 -13.65 26.93
C ILE B 335 5.57 -12.51 27.35
N CYS B 336 5.71 -11.37 26.69
CA CYS B 336 4.84 -10.23 26.94
C CYS B 336 3.97 -9.85 25.75
N THR B 337 4.36 -10.22 24.53
CA THR B 337 3.64 -9.83 23.33
C THR B 337 3.57 -11.02 22.38
N SER B 338 2.94 -10.80 21.23
CA SER B 338 2.78 -11.81 20.20
C SER B 338 3.07 -11.21 18.84
N GLN B 339 3.41 -12.09 17.89
CA GLN B 339 3.68 -11.66 16.51
C GLN B 339 2.35 -11.38 15.82
N VAL B 340 1.78 -10.23 16.17
CA VAL B 340 0.41 -9.92 15.74
C VAL B 340 0.33 -9.74 14.24
N LEU B 341 1.30 -9.03 13.64
CA LEU B 341 1.24 -8.75 12.21
C LEU B 341 1.34 -10.04 11.39
N LEU B 342 2.22 -10.95 11.79
CA LEU B 342 2.39 -12.19 11.02
C LEU B 342 1.25 -13.17 11.27
N ALA B 343 0.75 -13.24 12.51
CA ALA B 343 -0.40 -14.08 12.79
C ALA B 343 -1.62 -13.60 12.03
N ASN B 344 -1.79 -12.28 11.94
CA ASN B 344 -2.89 -11.74 11.14
C ASN B 344 -2.71 -12.07 9.66
N ILE B 345 -1.46 -12.08 9.19
CA ILE B 345 -1.20 -12.48 7.80
C ILE B 345 -1.62 -13.93 7.58
N ALA B 346 -1.25 -14.82 8.51
CA ALA B 346 -1.63 -16.22 8.37
C ALA B 346 -3.14 -16.39 8.42
N SER B 347 -3.82 -15.69 9.32
CA SER B 347 -5.27 -15.80 9.42
C SER B 347 -5.97 -15.25 8.17
N LEU B 348 -5.46 -14.14 7.62
CA LEU B 348 -6.03 -13.60 6.40
C LEU B 348 -5.78 -14.51 5.21
N TYR B 349 -4.62 -15.17 5.18
CA TYR B 349 -4.35 -16.18 4.16
C TYR B 349 -5.34 -17.33 4.24
N ALA B 350 -5.61 -17.81 5.46
CA ALA B 350 -6.60 -18.86 5.64
C ALA B 350 -7.99 -18.39 5.22
N VAL B 351 -8.36 -17.15 5.57
CA VAL B 351 -9.66 -16.61 5.20
C VAL B 351 -9.78 -16.51 3.68
N TYR B 352 -8.72 -16.03 3.02
CA TYR B 352 -8.75 -15.86 1.57
C TYR B 352 -8.87 -17.20 0.86
N HIS B 353 -8.13 -18.21 1.30
CA HIS B 353 -8.15 -19.47 0.58
C HIS B 353 -9.37 -20.31 0.92
N GLY B 354 -9.78 -20.37 2.19
CA GLY B 354 -10.85 -21.21 2.60
C GLY B 354 -10.37 -22.64 2.80
N PRO B 355 -11.22 -23.48 3.39
CA PRO B 355 -10.85 -24.90 3.50
C PRO B 355 -10.59 -25.55 2.15
N VAL B 356 -11.37 -25.22 1.13
CA VAL B 356 -11.20 -25.83 -0.19
C VAL B 356 -9.87 -25.39 -0.81
N GLY B 357 -9.56 -24.10 -0.74
CA GLY B 357 -8.29 -23.62 -1.29
C GLY B 357 -7.09 -24.17 -0.55
N LEU B 358 -7.16 -24.22 0.78
CA LEU B 358 -6.05 -24.77 1.55
C LEU B 358 -5.86 -26.25 1.26
N LYS B 359 -6.96 -27.00 1.14
CA LYS B 359 -6.87 -28.41 0.80
C LYS B 359 -6.27 -28.59 -0.59
N ARG B 360 -6.66 -27.74 -1.54
CA ARG B 360 -6.08 -27.83 -2.88
C ARG B 360 -4.58 -27.58 -2.85
N ILE B 361 -4.13 -26.58 -2.09
CA ILE B 361 -2.70 -26.28 -2.02
C ILE B 361 -1.94 -27.45 -1.43
N ALA B 362 -2.44 -27.99 -0.31
CA ALA B 362 -1.75 -29.10 0.34
C ALA B 362 -1.75 -30.35 -0.54
N ASN B 363 -2.87 -30.62 -1.23
CA ASN B 363 -2.93 -31.77 -2.11
C ASN B 363 -2.01 -31.61 -3.31
N ARG B 364 -1.88 -30.39 -3.84
CA ARG B 364 -0.94 -30.16 -4.93
C ARG B 364 0.50 -30.41 -4.48
N ILE B 365 0.87 -29.92 -3.29
CA ILE B 365 2.22 -30.15 -2.79
C ILE B 365 2.47 -31.65 -2.63
N HIS B 366 1.51 -32.36 -2.03
CA HIS B 366 1.66 -33.80 -1.81
C HIS B 366 1.73 -34.56 -3.13
N ARG B 367 0.92 -34.16 -4.11
CA ARG B 367 0.92 -34.82 -5.41
C ARG B 367 2.23 -34.61 -6.16
N LEU B 368 2.78 -33.40 -6.09
CA LEU B 368 4.07 -33.16 -6.72
C LEU B 368 5.17 -33.97 -6.05
N THR B 369 5.13 -34.07 -4.71
CA THR B 369 6.09 -34.92 -4.01
C THR B 369 5.95 -36.37 -4.43
N ASP B 370 4.71 -36.85 -4.59
CA ASP B 370 4.48 -38.22 -5.02
C ASP B 370 5.00 -38.46 -6.43
N ILE B 371 4.78 -37.51 -7.33
CA ILE B 371 5.28 -37.65 -8.70
C ILE B 371 6.80 -37.71 -8.71
N LEU B 372 7.44 -36.81 -7.96
CA LEU B 372 8.90 -36.83 -7.90
C LEU B 372 9.42 -38.14 -7.33
N ALA B 373 8.79 -38.64 -6.26
CA ALA B 373 9.21 -39.90 -5.66
C ALA B 373 9.03 -41.07 -6.61
N ALA B 374 7.89 -41.11 -7.31
CA ALA B 374 7.65 -42.20 -8.27
C ALA B 374 8.67 -42.17 -9.40
N GLY B 375 8.99 -40.99 -9.92
CA GLY B 375 10.00 -40.91 -10.96
C GLY B 375 11.36 -41.36 -10.47
N LEU B 376 11.76 -40.88 -9.29
CA LEU B 376 13.07 -41.25 -8.75
C LEU B 376 13.18 -42.73 -8.49
N GLN B 377 12.11 -43.34 -7.95
CA GLN B 377 12.14 -44.77 -7.67
C GLN B 377 12.07 -45.59 -8.94
N GLN B 378 11.34 -45.12 -9.96
CA GLN B 378 11.37 -45.80 -11.25
C GLN B 378 12.75 -45.75 -11.87
N LYS B 379 13.52 -44.70 -11.60
CA LYS B 379 14.88 -44.60 -12.11
C LYS B 379 15.94 -45.07 -11.12
N GLY B 380 15.61 -46.01 -10.25
CA GLY B 380 16.60 -46.74 -9.48
C GLY B 380 17.09 -46.08 -8.20
N LEU B 381 16.48 -44.97 -7.78
CA LEU B 381 16.88 -44.32 -6.54
C LEU B 381 16.00 -44.80 -5.39
N LYS B 382 16.60 -44.94 -4.21
CA LYS B 382 15.91 -45.46 -3.04
C LYS B 382 15.54 -44.32 -2.09
N LEU B 383 14.44 -44.50 -1.38
CA LEU B 383 13.93 -43.51 -0.44
C LEU B 383 14.02 -44.06 0.99
N ARG B 384 14.51 -43.22 1.90
CA ARG B 384 14.64 -43.65 3.29
C ARG B 384 13.29 -43.89 3.96
N HIS B 385 12.31 -43.04 3.68
CA HIS B 385 11.01 -43.11 4.33
C HIS B 385 9.92 -43.34 3.30
N ALA B 386 9.06 -44.32 3.56
CA ALA B 386 7.95 -44.63 2.68
C ALA B 386 6.71 -43.79 2.95
N HIS B 387 6.65 -43.07 4.07
CA HIS B 387 5.51 -42.26 4.43
C HIS B 387 5.96 -40.81 4.57
N TYR B 388 5.37 -39.92 3.78
CA TYR B 388 5.81 -38.54 3.70
C TYR B 388 4.64 -37.68 3.23
N PHE B 389 4.80 -36.37 3.41
CA PHE B 389 3.83 -35.40 2.92
C PHE B 389 4.44 -34.49 1.86
N ASP B 390 5.53 -33.80 2.16
CA ASP B 390 6.14 -32.88 1.22
C ASP B 390 7.66 -32.94 1.20
N THR B 391 8.28 -33.84 1.96
CA THR B 391 9.73 -33.91 2.07
C THR B 391 10.20 -35.31 1.74
N LEU B 392 11.15 -35.41 0.81
CA LEU B 392 11.77 -36.68 0.46
C LEU B 392 13.17 -36.75 1.05
N CYS B 393 13.67 -37.96 1.16
CA CYS B 393 15.03 -38.23 1.65
C CYS B 393 15.65 -39.23 0.67
N VAL B 394 16.30 -38.71 -0.37
CA VAL B 394 16.80 -39.53 -1.47
C VAL B 394 18.20 -40.00 -1.14
N GLU B 395 18.41 -41.31 -1.14
CA GLU B 395 19.72 -41.89 -0.85
C GLU B 395 20.55 -41.88 -2.13
N VAL B 396 21.53 -40.98 -2.20
CA VAL B 396 22.34 -40.80 -3.40
C VAL B 396 23.71 -41.41 -3.14
N ALA B 397 24.16 -42.26 -4.07
CA ALA B 397 25.48 -42.88 -3.93
C ALA B 397 26.60 -41.84 -4.02
N ASP B 398 26.45 -40.88 -4.90
CA ASP B 398 27.45 -39.82 -5.11
C ASP B 398 26.81 -38.50 -4.67
N LYS B 399 26.90 -38.20 -3.38
CA LYS B 399 26.27 -37.00 -2.84
C LYS B 399 26.93 -35.73 -3.38
N ALA B 400 28.26 -35.74 -3.48
CA ALA B 400 28.97 -34.53 -3.90
C ALA B 400 28.60 -34.15 -5.33
N GLY B 401 28.53 -35.13 -6.22
CA GLY B 401 28.13 -34.84 -7.60
C GLY B 401 26.72 -34.30 -7.70
N VAL B 402 25.80 -34.87 -6.93
CA VAL B 402 24.41 -34.39 -6.95
C VAL B 402 24.35 -32.96 -6.44
N LEU B 403 25.09 -32.66 -5.36
CA LEU B 403 25.08 -31.30 -4.82
C LEU B 403 25.70 -30.31 -5.79
N THR B 404 26.79 -30.72 -6.47
CA THR B 404 27.40 -29.85 -7.47
C THR B 404 26.45 -29.58 -8.63
N ARG B 405 25.76 -30.62 -9.10
CA ARG B 405 24.79 -30.44 -10.19
C ARG B 405 23.63 -29.54 -9.76
N ALA B 406 23.15 -29.72 -8.53
CA ALA B 406 22.09 -28.86 -8.01
C ALA B 406 22.54 -27.40 -7.92
N GLU B 407 23.77 -27.17 -7.47
CA GLU B 407 24.31 -25.82 -7.43
C GLU B 407 24.44 -25.23 -8.83
N ALA B 408 24.86 -26.05 -9.80
CA ALA B 408 24.91 -25.57 -11.18
C ALA B 408 23.53 -25.22 -11.70
N ALA B 409 22.49 -25.92 -11.24
CA ALA B 409 21.12 -25.59 -11.61
C ALA B 409 20.51 -24.51 -10.73
N GLU B 410 21.28 -23.95 -9.79
CA GLU B 410 20.80 -22.94 -8.85
C GLU B 410 19.66 -23.48 -8.00
N ILE B 411 19.85 -24.68 -7.47
CA ILE B 411 18.88 -25.36 -6.63
C ILE B 411 19.56 -25.72 -5.32
N ASN B 412 18.92 -25.36 -4.20
CA ASN B 412 19.41 -25.71 -2.88
C ASN B 412 18.65 -26.91 -2.35
N LEU B 413 19.40 -27.95 -1.97
CA LEU B 413 18.85 -29.13 -1.31
C LEU B 413 19.44 -29.25 0.08
N ARG B 414 18.72 -29.95 0.96
CA ARG B 414 19.24 -30.22 2.29
C ARG B 414 20.45 -31.15 2.18
N SER B 415 21.61 -30.65 2.60
CA SER B 415 22.88 -31.32 2.35
C SER B 415 23.55 -31.85 3.61
N ASP B 416 22.87 -31.81 4.76
CA ASP B 416 23.47 -32.25 6.02
C ASP B 416 23.01 -33.64 6.43
N ILE B 417 22.33 -34.36 5.54
CA ILE B 417 21.91 -35.73 5.82
C ILE B 417 22.95 -36.68 5.26
N LEU B 418 23.40 -37.61 6.10
CA LEU B 418 24.45 -38.54 5.70
C LEU B 418 23.98 -39.45 4.57
N ASN B 419 24.81 -39.57 3.53
CA ASN B 419 24.56 -40.46 2.40
C ASN B 419 23.21 -40.21 1.75
N ALA B 420 22.71 -38.98 1.83
CA ALA B 420 21.40 -38.67 1.28
C ALA B 420 21.29 -37.18 1.02
N VAL B 421 20.30 -36.82 0.21
CA VAL B 421 19.93 -35.43 -0.03
C VAL B 421 18.46 -35.27 0.35
N GLY B 422 18.10 -34.05 0.74
CA GLY B 422 16.74 -33.79 1.16
C GLY B 422 16.03 -32.76 0.32
N ILE B 423 14.85 -33.10 -0.19
CA ILE B 423 14.06 -32.21 -1.02
C ILE B 423 12.73 -31.96 -0.32
N THR B 424 12.38 -30.69 -0.15
CA THR B 424 11.11 -30.29 0.43
C THR B 424 10.40 -29.38 -0.57
N LEU B 425 9.19 -29.78 -0.95
CA LEU B 425 8.39 -29.02 -1.90
C LEU B 425 7.44 -28.09 -1.16
N ASP B 426 7.00 -27.03 -1.84
CA ASP B 426 6.13 -26.05 -1.22
C ASP B 426 5.09 -25.58 -2.24
N GLU B 427 4.39 -24.49 -1.88
CA GLU B 427 3.30 -23.97 -2.68
C GLU B 427 3.75 -23.47 -4.04
N THR B 428 5.02 -23.09 -4.19
CA THR B 428 5.52 -22.52 -5.42
C THR B 428 6.11 -23.54 -6.37
N THR B 429 6.14 -24.82 -6.00
CA THR B 429 6.70 -25.85 -6.87
C THR B 429 5.75 -26.15 -8.02
N THR B 430 6.32 -26.22 -9.23
CA THR B 430 5.59 -26.53 -10.45
C THR B 430 6.12 -27.82 -11.05
N ARG B 431 5.52 -28.25 -12.18
CA ARG B 431 6.04 -29.42 -12.88
C ARG B 431 7.41 -29.13 -13.48
N GLU B 432 7.66 -27.90 -13.89
CA GLU B 432 8.98 -27.53 -14.40
C GLU B 432 10.04 -27.72 -13.33
N ASN B 433 9.72 -27.37 -12.09
CA ASN B 433 10.65 -27.58 -10.99
C ASN B 433 10.91 -29.07 -10.76
N VAL B 434 9.88 -29.90 -10.86
CA VAL B 434 10.05 -31.33 -10.69
C VAL B 434 10.91 -31.91 -11.81
N MET B 435 10.73 -31.41 -13.03
CA MET B 435 11.58 -31.82 -14.15
C MET B 435 13.03 -31.41 -13.92
N GLN B 436 13.25 -30.20 -13.41
CA GLN B 436 14.60 -29.76 -13.06
C GLN B 436 15.22 -30.67 -12.00
N LEU B 437 14.42 -31.06 -11.01
CA LEU B 437 14.92 -31.97 -9.98
C LEU B 437 15.26 -33.34 -10.56
N PHE B 438 14.44 -33.83 -11.49
CA PHE B 438 14.77 -35.08 -12.17
C PHE B 438 16.09 -34.97 -12.91
N ASN B 439 16.31 -33.84 -13.59
CA ASN B 439 17.58 -33.62 -14.28
C ASN B 439 18.74 -33.57 -13.29
N VAL B 440 18.53 -32.92 -12.15
CA VAL B 440 19.60 -32.78 -11.16
C VAL B 440 19.98 -34.13 -10.57
N LEU B 441 19.00 -34.91 -10.13
CA LEU B 441 19.29 -36.12 -9.37
C LEU B 441 19.52 -37.35 -10.24
N LEU B 442 18.94 -37.41 -11.44
CA LEU B 442 19.12 -38.56 -12.31
C LEU B 442 19.95 -38.27 -13.55
N GLY B 443 20.23 -37.01 -13.85
CA GLY B 443 20.92 -36.65 -15.07
C GLY B 443 19.96 -36.46 -16.22
N ASP B 444 20.54 -36.15 -17.38
CA ASP B 444 19.74 -35.95 -18.57
C ASP B 444 19.33 -37.29 -19.17
N ASN B 445 18.38 -37.23 -20.11
CA ASN B 445 17.86 -38.42 -20.80
C ASN B 445 17.31 -39.45 -19.83
N HIS B 446 16.59 -38.97 -18.80
CA HIS B 446 15.91 -39.89 -17.91
C HIS B 446 14.64 -40.44 -18.52
N GLY B 447 13.94 -39.65 -19.34
CA GLY B 447 12.78 -40.14 -20.06
C GLY B 447 11.48 -40.16 -19.29
N LEU B 448 11.44 -39.58 -18.11
CA LEU B 448 10.20 -39.53 -17.34
C LEU B 448 9.28 -38.42 -17.86
N ASP B 449 7.98 -38.67 -17.74
CA ASP B 449 6.96 -37.70 -18.12
C ASP B 449 6.01 -37.48 -16.96
N ILE B 450 5.68 -36.22 -16.69
CA ILE B 450 4.92 -35.88 -15.50
C ILE B 450 3.51 -36.46 -15.56
N ASP B 451 2.92 -36.50 -16.77
CA ASP B 451 1.51 -36.88 -16.89
C ASP B 451 1.30 -38.37 -16.60
N THR B 452 2.15 -39.24 -17.14
CA THR B 452 2.01 -40.66 -16.87
C THR B 452 2.29 -40.96 -15.40
N LEU B 453 3.31 -40.31 -14.83
CA LEU B 453 3.57 -40.45 -13.40
C LEU B 453 2.41 -39.92 -12.58
N ASP B 454 1.80 -38.81 -13.04
CA ASP B 454 0.64 -38.26 -12.34
C ASP B 454 -0.52 -39.24 -12.34
N LYS B 455 -0.79 -39.88 -13.49
CA LYS B 455 -1.85 -40.87 -13.57
C LYS B 455 -1.55 -42.06 -12.66
N ASP B 456 -0.28 -42.48 -12.61
CA ASP B 456 0.08 -43.59 -11.74
C ASP B 456 -0.12 -43.24 -10.27
N VAL B 457 0.28 -42.04 -9.86
CA VAL B 457 0.26 -41.73 -8.43
C VAL B 457 -1.13 -41.33 -7.95
N ALA B 458 -1.97 -40.75 -8.83
CA ALA B 458 -3.32 -40.41 -8.41
C ALA B 458 -4.13 -41.66 -8.08
N HIS B 459 -3.97 -42.71 -8.89
CA HIS B 459 -4.66 -43.97 -8.60
C HIS B 459 -4.05 -44.69 -7.40
N ASP B 460 -2.73 -44.76 -7.35
CA ASP B 460 -2.01 -45.51 -6.32
C ASP B 460 -1.15 -44.54 -5.51
N SER B 461 -1.62 -44.22 -4.29
CA SER B 461 -0.88 -43.34 -3.40
C SER B 461 -0.96 -43.92 -1.99
N ARG B 462 0.18 -44.38 -1.47
CA ARG B 462 0.25 -44.95 -0.13
C ARG B 462 1.25 -44.20 0.75
N SER B 463 1.66 -43.00 0.34
CA SER B 463 2.65 -42.25 1.11
C SER B 463 2.07 -41.70 2.41
N ILE B 464 0.75 -41.69 2.57
CA ILE B 464 0.11 -41.28 3.80
C ILE B 464 -0.72 -42.44 4.31
N GLN B 465 -0.50 -42.82 5.56
CA GLN B 465 -1.23 -43.93 6.16
C GLN B 465 -2.71 -43.59 6.23
N PRO B 466 -3.59 -44.59 6.11
CA PRO B 466 -5.03 -44.30 6.19
C PRO B 466 -5.45 -43.64 7.48
N ALA B 467 -4.81 -43.99 8.61
CA ALA B 467 -5.18 -43.40 9.88
C ALA B 467 -4.70 -41.96 10.02
N MET B 468 -3.66 -41.57 9.29
CA MET B 468 -3.10 -40.23 9.38
C MET B 468 -3.72 -39.26 8.39
N LEU B 469 -4.66 -39.69 7.57
CA LEU B 469 -5.32 -38.82 6.62
C LEU B 469 -6.54 -38.17 7.26
N ARG B 470 -6.60 -36.84 7.19
CA ARG B 470 -7.68 -36.10 7.82
C ARG B 470 -9.00 -36.37 7.11
N ASP B 471 -10.07 -36.57 7.89
CA ASP B 471 -11.39 -36.82 7.35
C ASP B 471 -12.46 -35.89 7.92
N ASP B 472 -12.13 -35.04 8.87
CA ASP B 472 -13.09 -34.12 9.46
C ASP B 472 -13.21 -32.85 8.61
N GLU B 473 -14.04 -31.92 9.07
CA GLU B 473 -14.23 -30.65 8.40
C GLU B 473 -13.52 -29.56 9.19
N ILE B 474 -12.66 -28.80 8.51
CA ILE B 474 -11.94 -27.70 9.12
C ILE B 474 -12.46 -26.40 8.54
N LEU B 475 -12.31 -25.32 9.33
CA LEU B 475 -12.65 -23.96 8.89
C LEU B 475 -14.11 -23.86 8.45
N THR B 476 -15.01 -24.49 9.21
CA THR B 476 -16.43 -24.39 8.91
C THR B 476 -17.04 -23.08 9.39
N HIS B 477 -16.30 -22.27 10.12
CA HIS B 477 -16.81 -20.99 10.58
C HIS B 477 -17.04 -20.07 9.37
N PRO B 478 -18.10 -19.27 9.38
CA PRO B 478 -18.48 -18.53 8.16
C PRO B 478 -17.41 -17.60 7.60
N VAL B 479 -16.53 -17.05 8.44
CA VAL B 479 -15.53 -16.10 7.96
C VAL B 479 -14.56 -16.76 6.98
N PHE B 480 -14.41 -18.08 7.04
CA PHE B 480 -13.53 -18.79 6.13
C PHE B 480 -14.22 -19.23 4.84
N ASN B 481 -15.50 -18.86 4.65
CA ASN B 481 -16.27 -19.36 3.53
C ASN B 481 -16.99 -18.27 2.76
N ARG B 482 -16.66 -16.99 2.96
CA ARG B 482 -17.40 -15.93 2.30
C ARG B 482 -16.55 -14.77 1.76
N TYR B 483 -15.23 -14.86 1.82
CA TYR B 483 -14.38 -13.77 1.35
C TYR B 483 -13.35 -14.30 0.36
N HIS B 484 -13.78 -15.14 -0.57
CA HIS B 484 -12.88 -15.70 -1.56
C HIS B 484 -12.76 -14.85 -2.81
N SER B 485 -13.66 -13.90 -3.02
CA SER B 485 -13.46 -12.90 -4.05
C SER B 485 -12.41 -11.89 -3.60
N GLU B 486 -11.68 -11.35 -4.57
CA GLU B 486 -10.71 -10.30 -4.23
C GLU B 486 -11.41 -9.05 -3.73
N THR B 487 -12.55 -8.72 -4.35
CA THR B 487 -13.33 -7.56 -3.89
C THR B 487 -13.84 -7.77 -2.47
N GLU B 488 -14.41 -8.95 -2.19
CA GLU B 488 -14.93 -9.22 -0.86
C GLU B 488 -13.81 -9.27 0.18
N MET B 489 -12.68 -9.87 -0.17
CA MET B 489 -11.56 -9.94 0.76
C MET B 489 -11.00 -8.54 1.04
N MET B 490 -10.88 -7.72 0.01
CA MET B 490 -10.44 -6.34 0.19
C MET B 490 -11.39 -5.56 1.09
N ARG B 491 -12.69 -5.74 0.89
CA ARG B 491 -13.67 -5.04 1.72
C ARG B 491 -13.65 -5.55 3.16
N TYR B 492 -13.43 -6.85 3.36
CA TYR B 492 -13.32 -7.39 4.71
C TYR B 492 -12.08 -6.83 5.43
N MET B 493 -10.95 -6.78 4.74
CA MET B 493 -9.75 -6.23 5.35
C MET B 493 -9.92 -4.74 5.65
N HIS B 494 -10.57 -4.00 4.75
CA HIS B 494 -10.84 -2.60 5.00
C HIS B 494 -11.78 -2.41 6.18
N SER B 495 -12.79 -3.27 6.31
CA SER B 495 -13.72 -3.16 7.42
C SER B 495 -13.03 -3.46 8.75
N LEU B 496 -12.12 -4.43 8.76
CA LEU B 496 -11.32 -4.68 9.97
C LEU B 496 -10.42 -3.49 10.28
N GLU B 497 -9.81 -2.88 9.24
CA GLU B 497 -8.88 -1.78 9.45
C GLU B 497 -9.60 -0.53 9.94
N ARG B 498 -10.82 -0.30 9.47
CA ARG B 498 -11.58 0.89 9.86
C ARG B 498 -11.90 0.91 11.35
N LYS B 499 -11.95 -0.25 12.00
CA LYS B 499 -12.32 -0.31 13.40
C LYS B 499 -11.21 0.15 14.33
N ASP B 500 -9.98 0.22 13.85
CA ASP B 500 -8.82 0.44 14.70
C ASP B 500 -8.32 1.88 14.61
N LEU B 501 -7.64 2.30 15.67
CA LEU B 501 -7.00 3.60 15.75
C LEU B 501 -5.50 3.38 15.61
N ALA B 502 -4.95 3.76 14.46
CA ALA B 502 -3.55 3.55 14.15
C ALA B 502 -2.81 4.88 14.13
N LEU B 503 -1.50 4.82 13.87
CA LEU B 503 -0.68 6.02 13.83
C LEU B 503 -0.99 6.90 12.63
N ASN B 504 -1.61 6.35 11.59
CA ASN B 504 -1.99 7.16 10.44
C ASN B 504 -3.23 8.01 10.70
N GLN B 505 -3.79 7.94 11.90
CA GLN B 505 -4.91 8.79 12.30
C GLN B 505 -4.57 9.70 13.46
N ALA B 506 -3.92 9.19 14.50
CA ALA B 506 -3.68 9.97 15.69
C ALA B 506 -2.41 9.51 16.39
N MET B 507 -1.91 10.36 17.29
CA MET B 507 -0.77 10.01 18.11
C MET B 507 -1.13 8.93 19.12
N ILE B 508 -0.17 8.07 19.41
CA ILE B 508 -0.34 7.02 20.42
C ILE B 508 0.73 7.24 21.48
N PRO B 509 0.51 8.12 22.45
CA PRO B 509 1.56 8.51 23.40
C PRO B 509 1.69 7.54 24.56
N LEU B 510 2.06 6.31 24.25
CA LEU B 510 2.22 5.28 25.28
C LEU B 510 3.59 5.38 25.93
N GLY B 511 3.59 5.50 27.25
CA GLY B 511 4.85 5.44 27.98
C GLY B 511 5.47 4.06 27.91
N SER B 512 6.79 4.02 28.06
CA SER B 512 7.61 2.82 27.95
C SER B 512 7.57 2.20 26.56
N CYS B 513 6.90 2.86 25.61
CA CYS B 513 6.85 2.41 24.23
C CYS B 513 7.15 3.62 23.34
N THR B 514 8.00 3.43 22.34
CA THR B 514 8.39 4.53 21.46
C THR B 514 7.61 4.41 20.16
N MET B 515 6.38 4.95 20.18
CA MET B 515 5.52 4.95 19.00
C MET B 515 5.92 6.08 18.06
N LYS B 516 7.16 6.01 17.58
CA LYS B 516 7.68 7.00 16.66
C LYS B 516 7.25 6.66 15.24
N LEU B 517 7.82 7.35 14.26
CA LEU B 517 7.42 7.18 12.87
C LEU B 517 8.03 5.92 12.28
N ASN B 518 7.20 5.10 11.63
CA ASN B 518 7.66 3.98 10.82
C ASN B 518 7.61 4.46 9.37
N ALA B 519 8.70 5.08 8.93
CA ALA B 519 8.73 5.72 7.62
C ALA B 519 8.57 4.70 6.50
N ALA B 520 7.97 5.14 5.41
CA ALA B 520 7.76 4.26 4.26
C ALA B 520 9.08 3.83 3.64
N ALA B 521 10.10 4.70 3.67
CA ALA B 521 11.40 4.33 3.13
C ALA B 521 12.05 3.21 3.94
N GLU B 522 11.83 3.17 5.24
CA GLU B 522 12.33 2.07 6.06
C GLU B 522 11.55 0.79 5.84
N MET B 523 10.25 0.91 5.53
CA MET B 523 9.40 -0.24 5.32
C MET B 523 9.52 -0.87 3.94
N ILE B 524 9.94 -0.09 2.93
CA ILE B 524 9.98 -0.62 1.56
C ILE B 524 10.89 -1.83 1.41
N PRO B 525 12.15 -1.81 1.89
CA PRO B 525 13.05 -2.95 1.61
C PRO B 525 12.62 -4.27 2.25
N ILE B 526 11.77 -4.26 3.27
CA ILE B 526 11.45 -5.51 3.96
C ILE B 526 10.57 -6.43 3.12
N THR B 527 9.91 -5.90 2.09
CA THR B 527 9.15 -6.72 1.16
C THR B 527 9.91 -6.99 -0.14
N TRP B 528 11.17 -6.57 -0.23
CA TRP B 528 11.98 -6.89 -1.39
C TRP B 528 12.19 -8.39 -1.46
N PRO B 529 12.08 -9.00 -2.65
CA PRO B 529 12.37 -10.44 -2.76
C PRO B 529 13.81 -10.79 -2.43
N GLU B 530 14.73 -9.82 -2.52
CA GLU B 530 16.13 -10.11 -2.18
C GLU B 530 16.30 -10.32 -0.68
N PHE B 531 15.57 -9.57 0.14
CA PHE B 531 15.61 -9.73 1.58
C PHE B 531 14.64 -10.80 2.07
N ALA B 532 13.41 -10.78 1.55
CA ALA B 532 12.50 -11.89 1.77
C ALA B 532 12.92 -13.07 0.89
N GLU B 533 12.10 -14.12 0.87
CA GLU B 533 12.28 -15.26 -0.03
C GLU B 533 13.64 -15.93 0.12
N LEU B 534 14.32 -15.74 1.25
CA LEU B 534 15.61 -16.36 1.50
C LEU B 534 15.47 -17.37 2.62
N HIS B 535 15.94 -18.58 2.39
CA HIS B 535 15.92 -19.61 3.42
C HIS B 535 16.99 -19.33 4.46
N PRO B 536 16.66 -19.37 5.76
CA PRO B 536 17.67 -19.09 6.79
C PRO B 536 18.85 -20.04 6.75
N PHE B 537 18.66 -21.28 6.33
CA PHE B 537 19.71 -22.30 6.35
C PHE B 537 20.35 -22.50 4.98
N CYS B 538 20.19 -21.54 4.07
CA CYS B 538 20.88 -21.59 2.79
C CYS B 538 22.39 -21.42 3.01
N PRO B 539 23.20 -21.91 2.07
CA PRO B 539 24.65 -21.70 2.17
C PRO B 539 24.99 -20.23 2.27
N PRO B 540 25.87 -19.85 3.20
CA PRO B 540 26.09 -18.42 3.48
C PRO B 540 26.64 -17.63 2.31
N GLU B 541 27.27 -18.26 1.34
CA GLU B 541 27.78 -17.54 0.17
C GLU B 541 26.66 -16.91 -0.65
N GLN B 542 25.45 -17.44 -0.57
CA GLN B 542 24.29 -16.87 -1.24
C GLN B 542 23.61 -15.77 -0.44
N ALA B 543 24.09 -15.49 0.77
CA ALA B 543 23.55 -14.46 1.63
C ALA B 543 24.62 -13.42 1.96
N GLU B 544 25.40 -13.02 0.96
CA GLU B 544 26.45 -12.03 1.19
C GLU B 544 25.90 -10.63 1.41
N GLY B 545 24.78 -10.30 0.76
CA GLY B 545 24.16 -9.01 1.02
C GLY B 545 23.65 -8.89 2.44
N TYR B 546 23.02 -9.96 2.95
CA TYR B 546 22.60 -9.98 4.35
C TYR B 546 23.79 -9.84 5.27
N GLN B 547 24.89 -10.53 4.96
CA GLN B 547 26.08 -10.44 5.81
C GLN B 547 26.63 -9.02 5.84
N GLN B 548 26.71 -8.37 4.67
CA GLN B 548 27.21 -7.00 4.61
C GLN B 548 26.31 -6.06 5.40
N MET B 549 24.99 -6.19 5.21
CA MET B 549 24.06 -5.30 5.89
C MET B 549 24.10 -5.50 7.40
N ILE B 550 24.15 -6.75 7.85
CA ILE B 550 24.17 -7.03 9.29
C ILE B 550 25.48 -6.59 9.91
N ALA B 551 26.60 -6.74 9.19
CA ALA B 551 27.87 -6.25 9.71
C ALA B 551 27.86 -4.74 9.84
N GLN B 552 27.33 -4.04 8.84
CA GLN B 552 27.22 -2.58 8.94
C GLN B 552 26.36 -2.17 10.12
N LEU B 553 25.21 -2.84 10.29
CA LEU B 553 24.32 -2.51 11.39
C LEU B 553 24.98 -2.78 12.74
N ALA B 554 25.72 -3.88 12.85
CA ALA B 554 26.41 -4.19 14.11
C ALA B 554 27.49 -3.17 14.42
N ASP B 555 28.24 -2.73 13.42
CA ASP B 555 29.23 -1.69 13.64
C ASP B 555 28.58 -0.38 14.08
N TRP B 556 27.47 -0.01 13.43
CA TRP B 556 26.75 1.20 13.82
C TRP B 556 26.26 1.09 15.26
N LEU B 557 25.73 -0.07 15.64
CA LEU B 557 25.17 -0.23 16.98
C LEU B 557 26.25 -0.25 18.05
N VAL B 558 27.41 -0.86 17.76
CA VAL B 558 28.48 -0.80 18.75
C VAL B 558 29.00 0.62 18.90
N LYS B 559 29.02 1.40 17.81
CA LYS B 559 29.37 2.80 17.95
C LYS B 559 28.34 3.55 18.79
N LEU B 560 27.05 3.32 18.54
CA LEU B 560 26.00 4.08 19.19
C LEU B 560 25.88 3.75 20.67
N THR B 561 26.00 2.48 21.03
CA THR B 561 25.77 2.03 22.40
C THR B 561 27.04 2.04 23.25
N GLY B 562 28.19 2.36 22.68
CA GLY B 562 29.42 2.37 23.44
C GLY B 562 29.98 1.02 23.78
N TYR B 563 29.47 -0.05 23.16
CA TYR B 563 29.88 -1.40 23.47
C TYR B 563 30.94 -1.87 22.48
N ASP B 564 31.28 -3.16 22.54
CA ASP B 564 32.30 -3.74 21.68
C ASP B 564 31.78 -4.75 20.68
N ALA B 565 30.63 -5.37 20.94
CA ALA B 565 30.07 -6.36 20.03
C ALA B 565 28.56 -6.37 20.16
N VAL B 566 27.89 -6.86 19.12
CA VAL B 566 26.44 -6.90 19.06
C VAL B 566 26.00 -8.24 18.46
N CYS B 567 24.99 -8.85 19.05
CA CYS B 567 24.38 -10.09 18.55
C CYS B 567 22.93 -9.82 18.21
N MET B 568 22.52 -10.18 17.00
CA MET B 568 21.18 -9.90 16.49
C MET B 568 20.18 -11.04 16.67
N GLN B 569 20.59 -12.16 17.28
CA GLN B 569 19.71 -13.32 17.34
C GLN B 569 18.40 -13.07 18.08
N PRO B 570 18.38 -12.46 19.28
CA PRO B 570 17.11 -12.35 20.02
C PRO B 570 16.05 -11.60 19.24
N ASN B 571 14.82 -12.14 19.27
CA ASN B 571 13.71 -11.60 18.49
C ASN B 571 12.64 -10.96 19.37
N SER B 572 12.98 -10.61 20.61
CA SER B 572 12.09 -9.85 21.48
C SER B 572 12.93 -9.23 22.58
N GLY B 573 12.35 -8.21 23.22
CA GLY B 573 13.05 -7.56 24.32
C GLY B 573 13.30 -8.49 25.49
N ALA B 574 12.30 -9.31 25.84
CA ALA B 574 12.51 -10.32 26.86
C ALA B 574 13.56 -11.34 26.43
N GLN B 575 13.55 -11.71 25.14
CA GLN B 575 14.58 -12.58 24.60
C GLN B 575 15.96 -11.93 24.68
N GLY B 576 16.04 -10.63 24.42
CA GLY B 576 17.31 -9.93 24.56
C GLY B 576 17.82 -9.90 25.98
N GLU B 577 16.92 -9.64 26.95
CA GLU B 577 17.31 -9.68 28.35
C GLU B 577 17.79 -11.08 28.74
N TYR B 578 17.08 -12.11 28.27
CA TYR B 578 17.47 -13.48 28.57
C TYR B 578 18.84 -13.81 27.97
N ALA B 579 19.10 -13.34 26.74
CA ALA B 579 20.38 -13.59 26.10
C ALA B 579 21.51 -12.87 26.83
N GLY B 580 21.30 -11.61 27.24
CA GLY B 580 22.32 -10.91 28.00
C GLY B 580 22.61 -11.57 29.33
N LEU B 581 21.56 -12.03 30.02
CA LEU B 581 21.77 -12.75 31.28
C LEU B 581 22.49 -14.06 31.05
N LEU B 582 22.21 -14.73 29.93
CA LEU B 582 22.95 -15.94 29.58
C LEU B 582 24.43 -15.64 29.36
N ALA B 583 24.72 -14.52 28.69
CA ALA B 583 26.11 -14.12 28.49
C ALA B 583 26.80 -13.88 29.83
N ILE B 584 26.11 -13.20 30.75
CA ILE B 584 26.67 -12.96 32.08
C ILE B 584 26.94 -14.28 32.79
N ARG B 585 25.98 -15.21 32.73
CA ARG B 585 26.11 -16.48 33.42
C ARG B 585 27.25 -17.32 32.83
N HIS B 586 27.37 -17.34 31.50
CA HIS B 586 28.44 -18.09 30.86
C HIS B 586 29.80 -17.47 31.15
N TYR B 587 29.88 -16.15 31.22
CA TYR B 587 31.13 -15.50 31.62
C TYR B 587 31.51 -15.88 33.04
N HIS B 588 30.53 -15.88 33.96
CA HIS B 588 30.82 -16.26 35.34
C HIS B 588 31.26 -17.72 35.43
N GLU B 589 30.63 -18.60 34.63
CA GLU B 589 31.01 -20.01 34.66
C GLU B 589 32.38 -20.24 34.02
N SER B 590 32.77 -19.39 33.07
CA SER B 590 34.06 -19.57 32.41
C SER B 590 35.25 -19.23 33.31
N ARG B 591 35.00 -18.53 34.42
CA ARG B 591 36.05 -18.18 35.38
C ARG B 591 35.92 -18.99 36.67
N ASN B 592 35.26 -20.15 36.62
CA ASN B 592 35.03 -20.99 37.79
C ASN B 592 34.30 -20.22 38.89
N GLU B 593 33.36 -19.36 38.48
CA GLU B 593 32.56 -18.56 39.41
C GLU B 593 31.08 -18.77 39.15
N GLY B 594 30.68 -20.03 38.98
CA GLY B 594 29.28 -20.35 38.72
C GLY B 594 28.37 -20.14 39.90
N HIS B 595 28.93 -20.07 41.12
CA HIS B 595 28.10 -19.87 42.30
C HIS B 595 27.44 -18.51 42.34
N ARG B 596 27.96 -17.54 41.57
CA ARG B 596 27.32 -16.23 41.48
C ARG B 596 25.99 -16.39 40.75
N ASP B 597 24.89 -16.24 41.49
CA ASP B 597 23.56 -16.37 40.92
C ASP B 597 22.60 -15.30 41.43
N ILE B 598 23.07 -14.33 42.21
CA ILE B 598 22.21 -13.30 42.78
C ILE B 598 22.11 -12.14 41.80
N CYS B 599 20.90 -11.80 41.41
CA CYS B 599 20.64 -10.71 40.46
C CYS B 599 19.87 -9.61 41.19
N LEU B 600 20.56 -8.50 41.47
CA LEU B 600 19.92 -7.38 42.12
C LEU B 600 19.01 -6.65 41.15
N ILE B 601 17.78 -6.39 41.58
CA ILE B 601 16.80 -5.70 40.74
C ILE B 601 16.18 -4.58 41.56
N PRO B 602 16.16 -3.33 41.05
CA PRO B 602 15.50 -2.26 41.78
C PRO B 602 14.01 -2.49 41.90
N ALA B 603 13.43 -1.98 42.99
CA ALA B 603 12.01 -2.17 43.26
C ALA B 603 11.12 -1.47 42.26
N SER B 604 11.65 -0.57 41.44
CA SER B 604 10.87 0.17 40.46
C SER B 604 11.00 -0.40 39.05
N ALA B 605 11.59 -1.57 38.89
CA ALA B 605 11.88 -2.11 37.58
C ALA B 605 10.60 -2.61 36.89
N HIS B 606 10.73 -2.86 35.59
CA HIS B 606 9.65 -3.47 34.84
C HIS B 606 9.43 -4.91 35.30
N GLY B 607 8.25 -5.44 34.98
CA GLY B 607 7.93 -6.81 35.35
C GLY B 607 8.66 -7.85 34.53
N THR B 608 9.18 -7.47 33.36
CA THR B 608 9.86 -8.44 32.50
C THR B 608 11.22 -8.85 33.07
N ASN B 609 11.91 -7.92 33.74
CA ASN B 609 13.25 -8.21 34.25
C ASN B 609 13.28 -9.35 35.26
N PRO B 610 12.43 -9.37 36.30
CA PRO B 610 12.46 -10.53 37.20
C PRO B 610 12.11 -11.84 36.50
N ALA B 611 11.20 -11.80 35.53
CA ALA B 611 10.88 -13.01 34.77
C ALA B 611 12.08 -13.53 34.01
N SER B 612 12.80 -12.63 33.33
CA SER B 612 14.00 -13.04 32.60
C SER B 612 15.09 -13.54 33.54
N ALA B 613 15.24 -12.89 34.70
CA ALA B 613 16.25 -13.32 35.66
C ALA B 613 15.93 -14.70 36.21
N HIS B 614 14.64 -14.98 36.46
CA HIS B 614 14.25 -16.31 36.91
C HIS B 614 14.43 -17.34 35.81
N MET B 615 14.17 -16.95 34.56
CA MET B 615 14.41 -17.85 33.43
C MET B 615 15.88 -18.20 33.31
N ALA B 616 16.76 -17.24 33.53
CA ALA B 616 18.20 -17.47 33.46
C ALA B 616 18.76 -18.16 34.69
N GLY B 617 17.91 -18.68 35.57
CA GLY B 617 18.37 -19.36 36.77
C GLY B 617 19.09 -18.47 37.76
N MET B 618 18.55 -17.28 38.02
CA MET B 618 19.16 -16.31 38.92
C MET B 618 18.21 -16.02 40.07
N GLN B 619 18.75 -16.01 41.29
CA GLN B 619 17.98 -15.58 42.44
C GLN B 619 17.80 -14.06 42.39
N VAL B 620 16.56 -13.60 42.52
CA VAL B 620 16.25 -12.19 42.43
C VAL B 620 16.24 -11.59 43.83
N VAL B 621 17.06 -10.56 44.04
CA VAL B 621 17.07 -9.81 45.29
C VAL B 621 16.64 -8.39 44.96
N VAL B 622 15.57 -7.93 45.60
CA VAL B 622 15.02 -6.60 45.34
C VAL B 622 15.73 -5.60 46.23
N VAL B 623 16.16 -4.48 45.63
CA VAL B 623 16.75 -3.37 46.37
C VAL B 623 15.77 -2.20 46.35
N ALA B 624 15.56 -1.62 47.51
CA ALA B 624 14.55 -0.57 47.65
C ALA B 624 15.05 0.75 47.06
N CYS B 625 14.11 1.50 46.50
CA CYS B 625 14.36 2.85 46.02
C CYS B 625 13.92 3.84 47.09
N ASP B 626 14.79 4.80 47.39
CA ASP B 626 14.52 5.72 48.50
C ASP B 626 13.23 6.49 48.28
N LYS B 627 13.11 7.14 47.13
CA LYS B 627 11.91 7.85 46.71
C LYS B 627 12.15 8.36 45.29
N ASN B 628 11.06 8.80 44.66
CA ASN B 628 11.08 9.27 43.27
C ASN B 628 11.60 8.20 42.32
N GLY B 629 11.67 6.95 42.78
CA GLY B 629 12.17 5.85 41.99
C GLY B 629 13.67 5.73 41.92
N ASN B 630 14.41 6.61 42.59
CA ASN B 630 15.87 6.55 42.59
C ASN B 630 16.32 5.55 43.63
N ILE B 631 17.06 4.52 43.20
CA ILE B 631 17.57 3.54 44.14
C ILE B 631 18.57 4.22 45.07
N ASP B 632 18.52 3.86 46.36
CA ASP B 632 19.40 4.46 47.33
C ASP B 632 20.67 3.62 47.46
N LEU B 633 21.81 4.32 47.57
CA LEU B 633 23.10 3.64 47.56
C LEU B 633 23.29 2.78 48.81
N THR B 634 22.77 3.22 49.95
CA THR B 634 22.97 2.47 51.19
C THR B 634 22.32 1.09 51.12
N ASP B 635 21.09 1.01 50.61
CA ASP B 635 20.45 -0.29 50.44
C ASP B 635 21.15 -1.12 49.38
N LEU B 636 21.57 -0.48 48.28
CA LEU B 636 22.30 -1.21 47.25
C LEU B 636 23.63 -1.72 47.79
N ARG B 637 24.34 -0.89 48.56
CA ARG B 637 25.61 -1.33 49.14
C ARG B 637 25.39 -2.49 50.09
N ALA B 638 24.36 -2.43 50.94
CA ALA B 638 24.09 -3.50 51.87
C ALA B 638 23.72 -4.79 51.15
N LYS B 639 22.86 -4.69 50.13
CA LYS B 639 22.46 -5.88 49.39
C LYS B 639 23.63 -6.50 48.65
N ALA B 640 24.50 -5.68 48.06
CA ALA B 640 25.65 -6.21 47.35
C ALA B 640 26.68 -6.79 48.32
N GLU B 641 26.81 -6.22 49.51
CA GLU B 641 27.65 -6.82 50.54
C GLU B 641 27.11 -8.18 50.96
N GLN B 642 25.79 -8.26 51.14
CA GLN B 642 25.17 -9.54 51.51
C GLN B 642 25.37 -10.57 50.41
N ALA B 643 25.22 -10.17 49.15
CA ALA B 643 25.50 -11.07 48.04
C ALA B 643 26.97 -11.49 48.03
N GLY B 644 27.86 -10.50 48.07
CA GLY B 644 29.28 -10.79 48.18
C GLY B 644 29.79 -11.59 47.00
N ASP B 645 30.39 -12.74 47.30
CA ASP B 645 30.97 -13.60 46.28
C ASP B 645 29.92 -14.30 45.43
N ASN B 646 28.65 -14.27 45.82
CA ASN B 646 27.58 -14.90 45.06
C ASN B 646 26.78 -13.92 44.22
N LEU B 647 27.24 -12.68 44.11
CA LEU B 647 26.55 -11.68 43.31
C LEU B 647 26.84 -11.91 41.82
N SER B 648 25.80 -12.17 41.04
CA SER B 648 25.96 -12.43 39.62
C SER B 648 25.94 -11.15 38.80
N CYS B 649 24.89 -10.34 38.95
CA CYS B 649 24.73 -9.15 38.13
C CYS B 649 23.67 -8.25 38.74
N ILE B 650 23.43 -7.11 38.09
CA ILE B 650 22.38 -6.18 38.44
C ILE B 650 21.62 -5.84 37.16
N MET B 651 20.38 -5.42 37.31
CA MET B 651 19.48 -5.16 36.18
C MET B 651 18.81 -3.81 36.38
N VAL B 652 19.43 -2.74 35.90
CA VAL B 652 18.92 -1.40 36.06
C VAL B 652 18.48 -0.87 34.70
N THR B 653 17.63 0.16 34.73
CA THR B 653 17.17 0.86 33.55
C THR B 653 17.62 2.31 33.64
N TYR B 654 18.25 2.82 32.59
CA TYR B 654 18.69 4.21 32.55
C TYR B 654 18.25 4.84 31.23
N PRO B 655 17.46 5.92 31.27
CA PRO B 655 16.88 6.56 32.46
C PRO B 655 15.84 5.65 33.12
N SER B 656 15.54 5.88 34.40
CA SER B 656 14.77 4.92 35.18
C SER B 656 13.36 4.72 34.59
N THR B 657 12.66 3.73 35.13
CA THR B 657 11.31 3.44 34.67
C THR B 657 10.40 4.65 34.80
N HIS B 658 10.64 5.48 35.82
CA HIS B 658 9.97 6.76 35.97
C HIS B 658 10.56 7.85 35.07
N GLY B 659 11.42 7.50 34.13
CA GLY B 659 11.97 8.47 33.20
C GLY B 659 12.81 9.55 33.85
N VAL B 660 13.65 9.17 34.81
CA VAL B 660 14.48 10.12 35.55
C VAL B 660 15.93 9.82 35.25
N TYR B 661 16.69 10.84 34.86
CA TYR B 661 18.12 10.72 34.65
C TYR B 661 18.81 10.80 36.01
N GLU B 662 18.95 9.65 36.65
CA GLU B 662 19.54 9.60 37.99
C GLU B 662 20.99 10.05 37.94
N GLU B 663 21.42 10.73 39.01
CA GLU B 663 22.77 11.28 39.10
C GLU B 663 23.75 10.34 39.76
N THR B 664 23.34 9.13 40.13
CA THR B 664 24.20 8.19 40.84
C THR B 664 24.40 6.90 40.06
N ILE B 665 24.16 6.90 38.75
CA ILE B 665 24.26 5.67 37.97
C ILE B 665 25.70 5.18 37.90
N ARG B 666 26.66 6.12 37.81
CA ARG B 666 28.06 5.74 37.73
C ARG B 666 28.51 5.01 38.99
N GLU B 667 28.14 5.53 40.16
CA GLU B 667 28.52 4.87 41.40
C GLU B 667 27.69 3.62 41.68
N VAL B 668 26.49 3.51 41.10
CA VAL B 668 25.77 2.24 41.14
C VAL B 668 26.56 1.17 40.37
N CYS B 669 27.04 1.53 39.17
CA CYS B 669 27.86 0.60 38.41
C CYS B 669 29.16 0.28 39.15
N GLU B 670 29.76 1.28 39.80
CA GLU B 670 30.97 1.04 40.57
C GLU B 670 30.73 0.09 41.72
N VAL B 671 29.62 0.27 42.44
CA VAL B 671 29.29 -0.62 43.56
C VAL B 671 29.08 -2.04 43.07
N VAL B 672 28.38 -2.19 41.94
CA VAL B 672 28.16 -3.54 41.39
C VAL B 672 29.49 -4.17 40.99
N HIS B 673 30.37 -3.41 40.33
CA HIS B 673 31.64 -3.96 39.86
C HIS B 673 32.63 -4.21 40.98
N GLN B 674 32.46 -3.54 42.13
CA GLN B 674 33.39 -3.73 43.24
C GLN B 674 33.37 -5.16 43.78
N PHE B 675 32.23 -5.85 43.65
CA PHE B 675 32.08 -7.20 44.16
C PHE B 675 32.07 -8.25 43.04
N GLY B 676 32.61 -7.91 41.88
CA GLY B 676 32.68 -8.88 40.80
C GLY B 676 31.38 -9.16 40.10
N GLY B 677 30.41 -8.26 40.19
CA GLY B 677 29.12 -8.42 39.54
C GLY B 677 29.05 -7.62 38.26
N GLN B 678 28.40 -8.18 37.25
CA GLN B 678 28.19 -7.49 35.99
C GLN B 678 27.02 -6.52 36.11
N VAL B 679 26.97 -5.57 35.18
CA VAL B 679 25.91 -4.57 35.14
C VAL B 679 25.12 -4.79 33.85
N TYR B 680 23.84 -5.10 33.99
CA TYR B 680 22.94 -5.17 32.85
C TYR B 680 22.07 -3.92 32.85
N LEU B 681 22.28 -3.06 31.86
CA LEU B 681 21.44 -1.88 31.68
C LEU B 681 20.32 -2.22 30.72
N ASP B 682 19.08 -2.16 31.21
CA ASP B 682 17.94 -2.45 30.36
C ASP B 682 17.75 -1.32 29.36
N GLY B 683 17.63 -1.67 28.08
CA GLY B 683 17.55 -0.69 27.02
C GLY B 683 16.13 -0.28 26.67
N ALA B 684 15.24 -0.31 27.66
CA ALA B 684 13.86 0.12 27.43
C ALA B 684 13.79 1.61 27.09
N ASN B 685 14.59 2.43 27.78
CA ASN B 685 14.57 3.87 27.62
C ASN B 685 15.72 4.39 26.76
N MET B 686 16.21 3.57 25.82
CA MET B 686 17.31 3.97 24.97
C MET B 686 16.96 5.13 24.05
N ASN B 687 15.67 5.39 23.82
CA ASN B 687 15.27 6.51 22.98
C ASN B 687 15.70 7.85 23.56
N ALA B 688 15.95 7.91 24.87
CA ALA B 688 16.39 9.14 25.52
C ALA B 688 17.91 9.25 25.60
N GLN B 689 18.66 8.30 25.05
CA GLN B 689 20.11 8.30 25.13
C GLN B 689 20.81 8.55 23.81
N VAL B 690 20.26 8.07 22.70
CA VAL B 690 21.02 7.96 21.45
C VAL B 690 21.54 9.32 21.04
N GLY B 691 22.86 9.45 20.98
CA GLY B 691 23.55 10.67 20.66
C GLY B 691 23.97 11.49 21.86
N ILE B 692 23.17 11.47 22.93
CA ILE B 692 23.49 12.23 24.14
C ILE B 692 24.39 11.42 25.07
N THR B 693 24.08 10.15 25.27
CA THR B 693 24.86 9.28 26.13
C THR B 693 24.69 7.85 25.64
N SER B 694 25.53 6.96 26.14
CA SER B 694 25.45 5.56 25.78
C SER B 694 25.64 4.70 27.02
N PRO B 695 24.97 3.54 27.08
CA PRO B 695 25.15 2.65 28.24
C PRO B 695 26.57 2.17 28.40
N GLY B 696 27.30 1.96 27.31
CA GLY B 696 28.69 1.55 27.44
C GLY B 696 29.57 2.62 28.06
N PHE B 697 29.36 3.87 27.66
CA PHE B 697 30.11 4.97 28.26
C PHE B 697 29.71 5.20 29.71
N ILE B 698 28.45 4.89 30.05
CA ILE B 698 28.00 5.00 31.43
C ILE B 698 28.76 4.02 32.33
N GLY B 699 28.94 2.78 31.85
CA GLY B 699 29.69 1.79 32.60
C GLY B 699 29.06 0.42 32.60
N ALA B 700 27.95 0.27 31.89
CA ALA B 700 27.29 -1.03 31.81
C ALA B 700 28.12 -2.02 31.01
N ASP B 701 27.99 -3.30 31.35
CA ASP B 701 28.73 -4.35 30.67
C ASP B 701 27.94 -5.04 29.57
N VAL B 702 26.62 -4.92 29.59
CA VAL B 702 25.77 -5.58 28.60
C VAL B 702 24.40 -4.91 28.63
N SER B 703 23.80 -4.78 27.45
CA SER B 703 22.49 -4.18 27.33
C SER B 703 21.79 -4.80 26.13
N HIS B 704 20.47 -4.62 26.06
CA HIS B 704 19.68 -5.05 24.93
C HIS B 704 18.99 -3.84 24.31
N LEU B 705 18.92 -3.82 22.98
CA LEU B 705 18.35 -2.71 22.24
C LEU B 705 17.02 -3.14 21.64
N ASN B 706 15.98 -2.35 21.89
CA ASN B 706 14.66 -2.60 21.31
C ASN B 706 14.58 -1.83 20.01
N LEU B 707 14.98 -2.48 18.91
CA LEU B 707 14.92 -1.83 17.61
C LEU B 707 13.49 -1.46 17.24
N HIS B 708 12.52 -2.19 17.78
CA HIS B 708 11.12 -1.83 17.55
C HIS B 708 10.73 -0.53 18.22
N LYS B 709 11.44 -0.14 19.28
CA LYS B 709 11.18 1.13 19.95
C LYS B 709 12.07 2.26 19.44
N THR B 710 13.39 2.12 19.61
CA THR B 710 14.29 3.25 19.40
C THR B 710 14.77 3.41 17.96
N PHE B 711 14.74 2.35 17.15
CA PHE B 711 15.25 2.42 15.78
C PHE B 711 14.17 2.14 14.75
N CYS B 712 12.92 2.48 15.08
CA CYS B 712 11.81 2.68 14.15
C CYS B 712 11.25 1.39 13.54
N ILE B 713 11.63 0.22 14.06
CA ILE B 713 10.98 -1.01 13.57
C ILE B 713 9.54 -1.02 14.05
N PRO B 714 8.56 -1.17 13.15
CA PRO B 714 7.16 -0.96 13.55
C PRO B 714 6.65 -2.05 14.47
N HIS B 715 5.67 -1.67 15.28
CA HIS B 715 4.83 -2.62 16.00
C HIS B 715 3.65 -2.98 15.10
N GLY B 716 3.49 -4.26 14.81
CA GLY B 716 2.38 -4.67 13.97
C GLY B 716 1.16 -5.07 14.77
N GLY B 717 0.71 -4.20 15.66
CA GLY B 717 -0.27 -4.56 16.65
C GLY B 717 0.29 -5.24 17.87
N GLY B 718 1.60 -5.43 17.93
CA GLY B 718 2.30 -6.01 19.06
C GLY B 718 3.77 -5.67 18.93
N GLY B 719 4.53 -5.98 19.98
CA GLY B 719 5.91 -5.58 20.02
C GLY B 719 6.97 -6.68 20.10
N PRO B 720 6.84 -7.78 19.29
CA PRO B 720 7.88 -8.82 19.28
C PRO B 720 8.99 -8.53 18.28
N GLY B 721 9.50 -7.30 18.29
CA GLY B 721 10.53 -6.89 17.35
C GLY B 721 11.90 -7.37 17.77
N MET B 722 12.90 -6.89 17.04
CA MET B 722 14.27 -7.31 17.29
C MET B 722 14.72 -6.92 18.68
N GLY B 723 15.48 -7.81 19.32
CA GLY B 723 16.03 -7.57 20.63
C GLY B 723 17.54 -7.74 20.73
N PRO B 724 18.30 -7.23 19.76
CA PRO B 724 19.75 -7.50 19.77
C PRO B 724 20.42 -6.89 21.00
N ILE B 725 21.49 -7.54 21.44
CA ILE B 725 22.19 -7.17 22.66
C ILE B 725 23.58 -6.66 22.31
N GLY B 726 24.04 -5.68 23.07
CA GLY B 726 25.41 -5.18 22.97
C GLY B 726 26.16 -5.53 24.24
N VAL B 727 27.42 -5.94 24.08
CA VAL B 727 28.23 -6.42 25.19
C VAL B 727 29.60 -5.75 25.13
N LYS B 728 30.30 -5.82 26.25
CA LYS B 728 31.69 -5.41 26.30
C LYS B 728 32.56 -6.53 25.73
N ALA B 729 33.88 -6.31 25.74
CA ALA B 729 34.80 -7.26 25.12
C ALA B 729 34.79 -8.60 25.83
N HIS B 730 34.73 -8.60 27.16
CA HIS B 730 34.86 -9.83 27.92
C HIS B 730 33.61 -10.71 27.81
N LEU B 731 32.44 -10.11 27.55
CA LEU B 731 31.22 -10.88 27.37
C LEU B 731 30.96 -11.25 25.91
N ALA B 732 31.77 -10.78 24.97
CA ALA B 732 31.56 -11.08 23.56
C ALA B 732 31.59 -12.58 23.25
N PRO B 733 32.50 -13.39 23.79
CA PRO B 733 32.50 -14.82 23.42
C PRO B 733 31.25 -15.58 23.81
N PHE B 734 30.43 -15.04 24.72
CA PHE B 734 29.34 -15.80 25.34
C PHE B 734 27.96 -15.41 24.82
N VAL B 735 27.87 -14.65 23.74
CA VAL B 735 26.59 -14.30 23.14
C VAL B 735 26.01 -15.55 22.48
N PRO B 736 24.69 -15.64 22.29
CA PRO B 736 24.12 -16.85 21.69
C PRO B 736 24.65 -17.11 20.29
N GLY B 737 24.85 -18.38 19.97
CA GLY B 737 25.33 -18.76 18.66
C GLY B 737 24.30 -19.53 17.86
N HIS B 738 24.75 -20.44 17.00
CA HIS B 738 23.86 -21.26 16.21
C HIS B 738 24.55 -22.57 15.88
N SER B 739 23.75 -23.60 15.62
CA SER B 739 24.26 -24.92 15.30
C SER B 739 24.09 -25.28 13.83
N VAL B 740 22.96 -24.91 13.22
CA VAL B 740 22.74 -25.24 11.81
C VAL B 740 23.64 -24.39 10.92
N VAL B 741 23.76 -23.11 11.22
CA VAL B 741 24.47 -22.15 10.38
C VAL B 741 25.80 -21.82 11.04
N GLN B 742 26.87 -21.83 10.26
CA GLN B 742 28.21 -21.44 10.71
C GLN B 742 28.73 -20.33 9.82
N ILE B 743 28.91 -19.14 10.39
CA ILE B 743 29.50 -18.00 9.69
C ILE B 743 30.63 -17.46 10.54
N GLU B 744 31.84 -17.44 9.98
CA GLU B 744 33.00 -17.00 10.73
C GLU B 744 32.98 -15.49 10.92
N GLY B 745 33.20 -15.04 12.15
CA GLY B 745 33.24 -13.64 12.47
C GLY B 745 31.90 -13.00 12.75
N MET B 746 30.80 -13.72 12.59
CA MET B 746 29.47 -13.18 12.82
C MET B 746 28.56 -14.08 13.65
N LEU B 747 28.91 -15.35 13.82
CA LEU B 747 28.10 -16.29 14.59
C LEU B 747 29.01 -17.13 15.46
N THR B 748 28.67 -17.24 16.74
CA THR B 748 29.41 -18.09 17.65
C THR B 748 28.80 -19.49 17.66
N ARG B 749 29.39 -20.39 18.44
CA ARG B 749 28.91 -21.76 18.58
C ARG B 749 28.18 -21.99 19.89
N GLN B 750 27.79 -20.92 20.58
CA GLN B 750 27.04 -21.05 21.82
C GLN B 750 25.60 -21.49 21.52
N GLY B 751 24.90 -21.87 22.59
CA GLY B 751 23.51 -22.26 22.45
C GLY B 751 22.63 -21.17 21.87
N ALA B 752 21.84 -21.53 20.86
CA ALA B 752 21.01 -20.54 20.19
C ALA B 752 19.84 -20.10 21.06
N VAL B 753 19.46 -18.83 20.92
CA VAL B 753 18.31 -18.29 21.61
C VAL B 753 17.09 -18.20 20.71
N SER B 754 17.27 -18.23 19.40
CA SER B 754 16.19 -18.16 18.43
C SER B 754 16.35 -19.26 17.39
N ALA B 755 15.29 -19.50 16.63
CA ALA B 755 15.33 -20.52 15.58
C ALA B 755 16.29 -20.13 14.47
N ALA B 756 16.27 -18.86 14.05
CA ALA B 756 17.14 -18.38 12.99
C ALA B 756 18.46 -17.87 13.57
N PRO B 757 19.54 -17.95 12.80
CA PRO B 757 20.83 -17.42 13.30
C PRO B 757 20.82 -15.94 13.59
N PHE B 758 20.05 -15.14 12.85
CA PHE B 758 19.99 -13.70 13.05
C PHE B 758 18.60 -13.23 13.47
N GLY B 759 17.79 -14.13 14.01
CA GLY B 759 16.43 -13.76 14.39
C GLY B 759 15.61 -13.36 13.17
N SER B 760 14.76 -12.36 13.35
CA SER B 760 13.96 -11.81 12.26
C SER B 760 14.86 -10.88 11.44
N ALA B 761 15.60 -11.47 10.49
CA ALA B 761 16.59 -10.71 9.74
C ALA B 761 15.97 -9.80 8.70
N SER B 762 14.74 -10.05 8.27
CA SER B 762 14.14 -9.28 7.20
C SER B 762 13.52 -7.97 7.67
N ILE B 763 13.55 -7.68 8.97
CA ILE B 763 13.16 -6.36 9.46
C ILE B 763 14.35 -5.54 9.93
N LEU B 764 15.55 -6.13 10.00
CA LEU B 764 16.76 -5.34 10.22
C LEU B 764 17.02 -4.30 9.13
N PRO B 765 16.56 -4.45 7.87
CA PRO B 765 16.64 -3.33 6.94
C PRO B 765 15.98 -2.06 7.44
N ILE B 766 14.94 -2.16 8.29
CA ILE B 766 14.32 -0.97 8.83
C ILE B 766 15.33 -0.17 9.66
N SER B 767 16.02 -0.86 10.58
CA SER B 767 17.02 -0.19 11.41
C SER B 767 18.18 0.32 10.59
N TRP B 768 18.62 -0.47 9.61
CA TRP B 768 19.70 -0.03 8.72
C TRP B 768 19.30 1.26 8.01
N MET B 769 18.11 1.28 7.42
CA MET B 769 17.64 2.46 6.70
C MET B 769 17.52 3.66 7.61
N TYR B 770 17.00 3.45 8.82
CA TYR B 770 16.82 4.54 9.76
C TYR B 770 18.16 5.18 10.13
N ILE B 771 19.13 4.34 10.51
CA ILE B 771 20.43 4.89 10.91
C ILE B 771 21.12 5.55 9.73
N ARG B 772 21.07 4.90 8.56
CA ARG B 772 21.72 5.45 7.37
C ARG B 772 21.12 6.79 6.98
N MET B 773 19.80 6.94 7.10
CA MET B 773 19.14 8.17 6.73
C MET B 773 19.32 9.27 7.77
N MET B 774 19.44 8.93 9.05
CA MET B 774 19.57 9.96 10.08
C MET B 774 21.02 10.42 10.23
N GLY B 775 21.93 9.50 10.50
CA GLY B 775 23.28 9.89 10.85
C GLY B 775 23.40 10.24 12.33
N ALA B 776 24.64 10.56 12.72
CA ALA B 776 24.94 10.80 14.13
C ALA B 776 24.18 12.00 14.66
N GLU B 777 24.29 13.15 13.98
CA GLU B 777 23.64 14.36 14.44
C GLU B 777 22.13 14.24 14.34
N GLY B 778 21.62 13.53 13.33
CA GLY B 778 20.19 13.31 13.24
C GLY B 778 19.65 12.50 14.41
N LEU B 779 20.36 11.44 14.79
CA LEU B 779 19.92 10.63 15.93
C LEU B 779 19.97 11.43 17.23
N LYS B 780 21.05 12.19 17.44
CA LYS B 780 21.12 13.03 18.64
C LYS B 780 20.00 14.06 18.68
N LYS B 781 19.73 14.70 17.54
CA LYS B 781 18.66 15.68 17.47
C LYS B 781 17.31 15.04 17.74
N ALA B 782 17.09 13.83 17.23
CA ALA B 782 15.85 13.13 17.51
C ALA B 782 15.68 12.87 19.00
N SER B 783 16.74 12.44 19.67
CA SER B 783 16.66 12.19 21.11
C SER B 783 16.31 13.48 21.86
N GLN B 784 17.01 14.57 21.56
CA GLN B 784 16.75 15.79 22.33
C GLN B 784 15.42 16.42 21.96
N VAL B 785 14.92 16.20 20.74
CA VAL B 785 13.60 16.70 20.38
C VAL B 785 12.51 15.90 21.10
N ALA B 786 12.71 14.59 21.25
CA ALA B 786 11.78 13.82 22.06
C ALA B 786 11.76 14.32 23.50
N ILE B 787 12.94 14.61 24.05
CA ILE B 787 13.02 15.20 25.39
C ILE B 787 12.27 16.52 25.44
N LEU B 788 12.44 17.36 24.42
CA LEU B 788 11.77 18.66 24.38
C LEU B 788 10.26 18.50 24.32
N ASN B 789 9.75 17.56 23.51
CA ASN B 789 8.31 17.35 23.43
C ASN B 789 7.75 16.89 24.77
N ALA B 790 8.45 15.97 25.44
CA ALA B 790 7.99 15.55 26.76
C ALA B 790 7.96 16.71 27.74
N ASN B 791 9.00 17.55 27.74
CA ASN B 791 9.04 18.68 28.66
C ASN B 791 7.99 19.72 28.32
N TYR B 792 7.68 19.90 27.04
CA TYR B 792 6.62 20.84 26.65
C TYR B 792 5.27 20.35 27.15
N ILE B 793 4.98 19.06 26.99
CA ILE B 793 3.72 18.52 27.51
C ILE B 793 3.68 18.67 29.02
N ALA B 794 4.79 18.40 29.70
CA ALA B 794 4.83 18.53 31.15
C ALA B 794 4.59 19.97 31.59
N SER B 795 5.19 20.94 30.90
CA SER B 795 5.06 22.33 31.31
C SER B 795 3.69 22.89 30.99
N ARG B 796 3.02 22.37 29.95
CA ARG B 796 1.67 22.82 29.64
C ARG B 796 0.60 22.16 30.50
N LEU B 797 0.92 21.07 31.20
CA LEU B 797 -0.08 20.33 31.97
C LEU B 797 0.24 20.28 33.46
N GLN B 798 1.22 21.04 33.94
CA GLN B 798 1.61 20.93 35.35
C GLN B 798 0.53 21.47 36.27
N ASP B 799 -0.17 22.53 35.86
CA ASP B 799 -1.19 23.12 36.70
C ASP B 799 -2.47 22.29 36.73
N ALA B 800 -2.76 21.54 35.66
CA ALA B 800 -3.95 20.68 35.64
C ALA B 800 -3.71 19.39 36.41
N PHE B 801 -2.70 18.62 36.01
CA PHE B 801 -2.34 17.39 36.68
C PHE B 801 -0.91 17.51 37.19
N PRO B 802 -0.64 17.16 38.44
CA PRO B 802 0.75 17.23 38.95
C PRO B 802 1.68 16.32 38.16
N VAL B 803 2.88 16.82 37.91
CA VAL B 803 3.89 16.07 37.17
C VAL B 803 4.83 15.42 38.18
N LEU B 804 4.95 14.10 38.09
CA LEU B 804 5.72 13.32 39.03
C LEU B 804 7.13 13.06 38.49
N TYR B 805 8.06 12.81 39.41
CA TYR B 805 9.38 12.29 39.08
C TYR B 805 10.14 13.25 38.15
N THR B 806 10.23 14.50 38.57
CA THR B 806 11.01 15.47 37.84
C THR B 806 12.49 15.35 38.22
N GLY B 807 13.34 15.79 37.32
CA GLY B 807 14.78 15.79 37.52
C GLY B 807 15.28 17.13 38.00
N ARG B 808 16.48 17.49 37.56
CA ARG B 808 17.06 18.77 37.90
C ARG B 808 16.23 19.91 37.31
N ASP B 809 16.00 20.95 38.13
CA ASP B 809 15.20 22.11 37.73
C ASP B 809 13.77 21.73 37.35
N GLY B 810 13.26 20.65 37.93
CA GLY B 810 11.89 20.23 37.69
C GLY B 810 11.60 19.84 36.26
N ARG B 811 12.47 19.02 35.67
CA ARG B 811 12.33 18.63 34.27
C ARG B 811 12.23 17.12 34.15
N VAL B 812 11.51 16.68 33.12
CA VAL B 812 11.35 15.27 32.82
C VAL B 812 12.29 14.93 31.66
N ALA B 813 12.62 13.64 31.53
CA ALA B 813 13.56 13.25 30.49
C ALA B 813 12.84 13.09 29.14
N HIS B 814 12.04 12.05 29.00
CA HIS B 814 11.32 11.83 27.75
C HIS B 814 9.91 11.31 27.98
N GLU B 815 9.51 11.09 29.22
CA GLU B 815 8.17 10.68 29.57
C GLU B 815 7.64 11.62 30.64
N CYS B 816 6.39 12.05 30.49
CA CYS B 816 5.74 12.94 31.43
C CYS B 816 4.71 12.13 32.21
N ILE B 817 5.01 11.87 33.49
CA ILE B 817 4.11 11.10 34.34
C ILE B 817 3.16 12.06 35.04
N LEU B 818 1.87 11.85 34.86
CA LEU B 818 0.84 12.71 35.42
C LEU B 818 0.23 12.03 36.64
N ASP B 819 0.10 12.80 37.73
CA ASP B 819 -0.45 12.28 38.98
C ASP B 819 -1.96 12.48 38.99
N ILE B 820 -2.71 11.38 38.89
CA ILE B 820 -4.16 11.44 38.90
C ILE B 820 -4.75 11.11 40.26
N ARG B 821 -3.94 10.60 41.20
CA ARG B 821 -4.47 10.17 42.49
C ARG B 821 -5.19 11.28 43.27
N PRO B 822 -4.67 12.51 43.37
CA PRO B 822 -5.47 13.56 44.03
C PRO B 822 -6.82 13.79 43.35
N LEU B 823 -6.85 13.78 42.01
CA LEU B 823 -8.12 13.94 41.32
C LEU B 823 -9.07 12.80 41.64
N LYS B 824 -8.55 11.57 41.69
CA LYS B 824 -9.38 10.41 42.01
C LYS B 824 -9.91 10.51 43.44
N GLU B 825 -9.10 11.01 44.37
CA GLU B 825 -9.53 11.09 45.76
C GLU B 825 -10.59 12.16 45.95
N GLU B 826 -10.36 13.37 45.41
CA GLU B 826 -11.34 14.44 45.59
C GLU B 826 -12.53 14.38 44.63
N THR B 827 -12.49 13.53 43.61
CA THR B 827 -13.66 13.47 42.73
C THR B 827 -14.19 12.06 42.52
N GLY B 828 -13.32 11.05 42.46
CA GLY B 828 -13.72 9.71 42.11
C GLY B 828 -13.43 9.32 40.68
N ILE B 829 -12.97 10.26 39.85
CA ILE B 829 -12.60 9.96 38.47
C ILE B 829 -11.19 9.39 38.45
N SER B 830 -11.04 8.21 37.88
CA SER B 830 -9.77 7.50 37.87
C SER B 830 -9.01 7.75 36.58
N GLU B 831 -7.76 7.27 36.55
CA GLU B 831 -6.95 7.36 35.35
C GLU B 831 -7.53 6.52 34.21
N LEU B 832 -8.26 5.45 34.55
CA LEU B 832 -8.91 4.65 33.53
C LEU B 832 -10.05 5.43 32.86
N ASP B 833 -10.77 6.24 33.64
CA ASP B 833 -11.80 7.09 33.07
C ASP B 833 -11.22 8.10 32.09
N ILE B 834 -10.10 8.73 32.45
CA ILE B 834 -9.44 9.68 31.55
C ILE B 834 -8.93 8.97 30.31
N ALA B 835 -8.38 7.77 30.49
CA ALA B 835 -7.88 7.00 29.35
C ALA B 835 -9.00 6.68 28.37
N LYS B 836 -10.17 6.27 28.88
CA LYS B 836 -11.29 5.99 28.00
C LYS B 836 -11.89 7.25 27.40
N ARG B 837 -11.86 8.37 28.13
CA ARG B 837 -12.42 9.60 27.61
C ARG B 837 -11.55 10.22 26.51
N LEU B 838 -10.24 9.96 26.56
CA LEU B 838 -9.36 10.44 25.50
C LEU B 838 -9.70 9.80 24.15
N ILE B 839 -10.36 8.64 24.16
CA ILE B 839 -10.84 8.04 22.92
C ILE B 839 -11.86 8.94 22.25
N ASP B 840 -12.76 9.54 23.04
CA ASP B 840 -13.77 10.42 22.47
C ASP B 840 -13.17 11.68 21.85
N TYR B 841 -11.98 12.08 22.30
CA TYR B 841 -11.26 13.19 21.70
C TYR B 841 -10.40 12.76 20.53
N GLY B 842 -10.34 11.45 20.23
CA GLY B 842 -9.60 10.96 19.10
C GLY B 842 -8.15 10.65 19.43
N PHE B 843 -7.90 10.06 20.59
CA PHE B 843 -6.54 9.74 21.01
C PHE B 843 -6.48 8.32 21.54
N HIS B 844 -5.38 7.64 21.23
CA HIS B 844 -5.04 6.42 21.95
C HIS B 844 -4.55 6.80 23.34
N ALA B 845 -5.06 6.10 24.35
CA ALA B 845 -4.76 6.47 25.72
C ALA B 845 -3.28 6.24 26.03
N PRO B 846 -2.71 7.05 26.94
CA PRO B 846 -1.34 6.81 27.38
C PRO B 846 -1.24 5.56 28.25
N THR B 847 -0.04 5.22 28.69
CA THR B 847 0.13 4.08 29.57
C THR B 847 -0.45 4.37 30.95
N MET B 848 -1.25 3.44 31.47
CA MET B 848 -1.86 3.60 32.78
C MET B 848 -1.16 2.70 33.79
N SER B 849 -0.75 3.30 34.91
CA SER B 849 -0.35 2.55 36.10
C SER B 849 0.82 1.60 35.84
N PHE B 850 1.73 1.96 34.95
CA PHE B 850 2.87 1.08 34.74
C PHE B 850 3.85 1.19 35.91
N PRO B 851 4.42 2.39 36.21
CA PRO B 851 5.30 2.45 37.37
C PRO B 851 4.54 2.45 38.68
N VAL B 852 3.50 3.27 38.78
CA VAL B 852 2.69 3.41 39.99
C VAL B 852 1.23 3.50 39.58
N ALA B 853 0.36 2.86 40.36
CA ALA B 853 -1.07 2.92 40.10
C ALA B 853 -1.62 4.32 40.31
N GLY B 854 -2.63 4.67 39.52
CA GLY B 854 -3.24 5.98 39.63
C GLY B 854 -2.54 7.08 38.88
N THR B 855 -1.71 6.74 37.91
CA THR B 855 -0.95 7.73 37.15
C THR B 855 -1.06 7.41 35.66
N LEU B 856 -0.74 8.41 34.85
CA LEU B 856 -0.70 8.26 33.40
C LEU B 856 0.66 8.71 32.90
N MET B 857 1.28 7.89 32.07
CA MET B 857 2.61 8.17 31.51
C MET B 857 2.45 8.53 30.04
N VAL B 858 2.76 9.77 29.69
CA VAL B 858 2.71 10.24 28.32
C VAL B 858 4.13 10.27 27.78
N GLU B 859 4.37 9.55 26.69
CA GLU B 859 5.67 9.55 26.00
C GLU B 859 5.45 9.99 24.57
N PRO B 860 5.59 11.28 24.27
CA PRO B 860 5.61 11.72 22.88
C PRO B 860 7.00 11.51 22.29
N THR B 861 7.06 10.92 21.11
CA THR B 861 8.34 10.75 20.45
C THR B 861 8.74 12.05 19.77
N GLU B 862 9.87 12.03 19.08
CA GLU B 862 10.28 13.16 18.27
C GLU B 862 9.43 13.32 17.02
N SER B 863 8.59 12.34 16.70
CA SER B 863 7.86 12.33 15.45
C SER B 863 6.55 13.12 15.49
N GLU B 864 6.09 13.52 16.67
CA GLU B 864 4.83 14.25 16.78
C GLU B 864 5.08 15.75 16.73
N SER B 865 4.35 16.43 15.87
CA SER B 865 4.50 17.87 15.69
C SER B 865 3.80 18.63 16.82
N LYS B 866 4.06 19.93 16.86
CA LYS B 866 3.47 20.75 17.91
C LYS B 866 1.96 20.84 17.80
N VAL B 867 1.41 20.68 16.60
CA VAL B 867 -0.04 20.71 16.44
C VAL B 867 -0.69 19.53 17.14
N GLU B 868 -0.13 18.33 16.98
CA GLU B 868 -0.66 17.15 17.64
C GLU B 868 -0.47 17.22 19.16
N LEU B 869 0.68 17.73 19.61
CA LEU B 869 0.90 17.92 21.04
C LEU B 869 -0.10 18.92 21.62
N ASP B 870 -0.37 20.00 20.89
CA ASP B 870 -1.34 20.99 21.34
C ASP B 870 -2.75 20.40 21.38
N ARG B 871 -3.10 19.57 20.40
CA ARG B 871 -4.39 18.88 20.42
C ARG B 871 -4.51 17.99 21.64
N PHE B 872 -3.46 17.24 21.96
CA PHE B 872 -3.48 16.37 23.13
C PHE B 872 -3.58 17.19 24.43
N ILE B 873 -2.84 18.29 24.51
CA ILE B 873 -2.89 19.14 25.70
C ILE B 873 -4.28 19.74 25.86
N ASP B 874 -4.88 20.18 24.77
CA ASP B 874 -6.24 20.73 24.81
C ASP B 874 -7.24 19.68 25.26
N ALA B 875 -7.08 18.44 24.77
CA ALA B 875 -7.96 17.36 25.21
C ALA B 875 -7.81 17.11 26.71
N MET B 876 -6.58 17.11 27.21
CA MET B 876 -6.36 16.86 28.64
C MET B 876 -6.92 18.00 29.49
N LEU B 877 -6.76 19.25 29.03
CA LEU B 877 -7.32 20.38 29.77
C LEU B 877 -8.84 20.35 29.76
N ALA B 878 -9.45 19.96 28.64
CA ALA B 878 -10.90 19.81 28.59
C ALA B 878 -11.37 18.69 29.52
N ILE B 879 -10.61 17.60 29.60
CA ILE B 879 -10.96 16.52 30.51
C ILE B 879 -10.84 16.98 31.95
N ARG B 880 -9.83 17.79 32.27
CA ARG B 880 -9.71 18.37 33.60
C ARG B 880 -10.91 19.27 33.91
N ALA B 881 -11.35 20.05 32.93
CA ALA B 881 -12.54 20.88 33.11
C ALA B 881 -13.78 20.02 33.36
N GLU B 882 -13.89 18.89 32.66
CA GLU B 882 -15.01 17.98 32.89
C GLU B 882 -14.97 17.38 34.29
N ILE B 883 -13.78 17.04 34.77
CA ILE B 883 -13.64 16.54 36.14
C ILE B 883 -14.03 17.62 37.14
N ASP B 884 -13.68 18.87 36.85
CA ASP B 884 -14.12 19.98 37.68
C ASP B 884 -15.64 20.09 37.70
N GLN B 885 -16.27 19.91 36.54
CA GLN B 885 -17.73 19.91 36.48
C GLN B 885 -18.32 18.78 37.31
N VAL B 886 -17.71 17.60 37.26
CA VAL B 886 -18.17 16.48 38.07
C VAL B 886 -18.07 16.82 39.55
N LYS B 887 -16.96 17.44 39.96
CA LYS B 887 -16.81 17.84 41.36
C LYS B 887 -17.83 18.90 41.75
N ALA B 888 -18.14 19.82 40.84
CA ALA B 888 -19.04 20.93 41.14
C ALA B 888 -20.50 20.49 41.27
N GLY B 889 -20.82 19.23 40.95
CA GLY B 889 -22.19 18.76 41.02
C GLY B 889 -22.99 18.93 39.76
N VAL B 890 -22.38 19.41 38.67
CA VAL B 890 -23.09 19.52 37.41
C VAL B 890 -23.51 18.15 36.90
N TRP B 891 -22.58 17.20 36.94
CA TRP B 891 -22.85 15.83 36.53
C TRP B 891 -22.62 14.88 37.70
N PRO B 892 -23.51 13.91 37.90
CA PRO B 892 -23.28 12.92 38.96
C PRO B 892 -22.08 12.05 38.64
N LEU B 893 -21.49 11.49 39.71
CA LEU B 893 -20.39 10.55 39.51
C LEU B 893 -20.87 9.30 38.77
N GLU B 894 -22.12 8.92 38.96
CA GLU B 894 -22.66 7.75 38.27
C GLU B 894 -22.88 8.02 36.78
N ASP B 895 -23.34 9.23 36.44
CA ASP B 895 -23.75 9.55 35.07
C ASP B 895 -23.02 10.82 34.61
N ASN B 896 -21.89 10.63 33.94
CA ASN B 896 -21.10 11.73 33.41
C ASN B 896 -20.29 11.20 32.23
N PRO B 897 -19.79 12.08 31.36
CA PRO B 897 -19.06 11.60 30.19
C PRO B 897 -17.77 10.85 30.51
N LEU B 898 -17.17 11.08 31.69
CA LEU B 898 -15.92 10.40 32.03
C LEU B 898 -16.16 8.91 32.25
N VAL B 899 -17.16 8.56 33.06
CA VAL B 899 -17.40 7.16 33.40
C VAL B 899 -18.12 6.41 32.30
N ASN B 900 -18.72 7.12 31.34
CA ASN B 900 -19.47 6.49 30.26
C ASN B 900 -18.70 6.45 28.94
N ALA B 901 -17.42 6.76 28.97
CA ALA B 901 -16.62 6.78 27.75
C ALA B 901 -15.96 5.42 27.52
N PRO B 902 -15.69 5.04 26.27
CA PRO B 902 -15.97 5.77 25.02
C PRO B 902 -17.43 5.70 24.59
N HIS B 903 -17.88 6.65 23.78
CA HIS B 903 -19.25 6.72 23.28
C HIS B 903 -19.27 6.27 21.83
N ILE B 904 -20.23 5.39 21.50
CA ILE B 904 -20.35 4.83 20.16
C ILE B 904 -21.57 5.43 19.48
N GLN B 905 -21.55 5.39 18.15
CA GLN B 905 -22.58 6.08 17.37
C GLN B 905 -23.95 5.45 17.50
N SER B 906 -24.03 4.20 17.96
CA SER B 906 -25.34 3.60 18.24
C SER B 906 -26.07 4.32 19.36
N GLU B 907 -25.32 4.94 20.28
CA GLU B 907 -25.94 5.68 21.37
C GLU B 907 -26.63 6.94 20.87
N LEU B 908 -26.11 7.54 19.79
CA LEU B 908 -26.65 8.81 19.33
C LEU B 908 -28.10 8.68 18.88
N VAL B 909 -28.43 7.59 18.18
CA VAL B 909 -29.77 7.42 17.63
C VAL B 909 -30.72 6.73 18.62
N ALA B 910 -30.23 6.34 19.78
CA ALA B 910 -31.08 5.79 20.83
C ALA B 910 -31.56 6.92 21.75
N GLU B 911 -32.46 6.56 22.66
CA GLU B 911 -32.97 7.54 23.62
C GLU B 911 -31.85 8.00 24.54
N TRP B 912 -31.77 9.31 24.76
CA TRP B 912 -30.70 9.93 25.53
C TRP B 912 -31.24 10.36 26.89
N ALA B 913 -30.78 9.70 27.95
CA ALA B 913 -31.17 10.03 29.30
C ALA B 913 -30.04 10.66 30.11
N HIS B 914 -28.88 10.87 29.50
CA HIS B 914 -27.73 11.40 30.21
C HIS B 914 -27.95 12.88 30.54
N PRO B 915 -27.33 13.38 31.61
CA PRO B 915 -27.42 14.81 31.93
C PRO B 915 -26.53 15.69 31.07
N TYR B 916 -25.67 15.11 30.24
CA TYR B 916 -24.81 15.85 29.35
C TYR B 916 -25.25 15.62 27.90
N SER B 917 -24.95 16.61 27.06
CA SER B 917 -25.47 16.61 25.70
C SER B 917 -24.82 15.52 24.85
N ARG B 918 -25.47 15.22 23.72
CA ARG B 918 -24.89 14.30 22.75
C ARG B 918 -23.59 14.84 22.19
N GLU B 919 -23.54 16.15 21.91
CA GLU B 919 -22.33 16.75 21.36
C GLU B 919 -21.19 16.70 22.36
N VAL B 920 -21.46 16.99 23.63
CA VAL B 920 -20.44 16.86 24.66
C VAL B 920 -19.95 15.42 24.75
N ALA B 921 -20.88 14.46 24.68
CA ALA B 921 -20.51 13.06 24.78
C ALA B 921 -19.62 12.62 23.63
N VAL B 922 -19.94 13.04 22.41
CA VAL B 922 -19.41 12.34 21.24
C VAL B 922 -18.50 13.24 20.40
N PHE B 923 -18.72 14.55 20.44
CA PHE B 923 -17.87 15.51 19.72
C PHE B 923 -17.41 16.60 20.69
N PRO B 924 -16.62 16.25 21.70
CA PRO B 924 -16.18 17.28 22.66
C PRO B 924 -15.17 18.24 22.09
N ALA B 925 -14.45 17.88 21.03
CA ALA B 925 -13.44 18.74 20.42
C ALA B 925 -13.72 19.01 18.95
N GLY B 926 -14.93 18.76 18.49
CA GLY B 926 -15.31 18.98 17.11
C GLY B 926 -15.74 17.70 16.42
N VAL B 927 -16.22 17.89 15.19
CA VAL B 927 -16.78 16.79 14.40
C VAL B 927 -15.85 16.31 13.30
N ALA B 928 -14.83 17.08 12.95
CA ALA B 928 -13.96 16.75 11.82
C ALA B 928 -13.01 15.61 12.17
N ASP B 929 -12.77 14.74 11.20
CA ASP B 929 -11.82 13.63 11.33
C ASP B 929 -12.15 12.74 12.53
N LYS B 930 -13.43 12.46 12.71
CA LYS B 930 -13.88 11.70 13.87
C LYS B 930 -13.58 10.21 13.68
N TYR B 931 -12.81 9.65 14.61
CA TYR B 931 -12.66 8.21 14.71
C TYR B 931 -13.74 7.66 15.61
N TRP B 932 -14.34 6.54 15.20
CA TRP B 932 -15.43 5.95 15.95
C TRP B 932 -14.97 4.66 16.63
N PRO B 933 -14.88 4.63 17.96
CA PRO B 933 -14.72 3.35 18.65
C PRO B 933 -15.89 2.46 18.35
N THR B 934 -15.62 1.17 18.16
CA THR B 934 -16.64 0.24 17.72
C THR B 934 -17.46 -0.28 18.90
N VAL B 935 -16.86 -0.41 20.07
CA VAL B 935 -17.51 -0.97 21.24
C VAL B 935 -17.37 -0.01 22.40
N LYS B 936 -18.26 -0.16 23.38
CA LYS B 936 -18.22 0.62 24.62
C LYS B 936 -17.14 0.04 25.53
N ARG B 937 -17.11 0.52 26.79
CA ARG B 937 -16.08 0.10 27.73
C ARG B 937 -16.18 -1.39 28.02
N LEU B 938 -15.03 -2.06 28.00
CA LEU B 938 -14.95 -3.49 28.28
C LEU B 938 -14.54 -3.72 29.72
N ASP B 939 -15.35 -4.50 30.45
CA ASP B 939 -15.10 -4.74 31.87
C ASP B 939 -13.89 -5.63 32.10
N ASP B 940 -13.72 -6.67 31.27
CA ASP B 940 -12.63 -7.64 31.40
C ASP B 940 -12.80 -8.57 32.60
N VAL B 941 -13.74 -8.28 33.49
CA VAL B 941 -13.87 -9.08 34.70
C VAL B 941 -14.63 -10.37 34.39
N CYS B 949 -13.39 -16.65 23.65
CA CYS B 949 -12.22 -16.99 22.83
C CYS B 949 -12.64 -17.76 21.58
N SER B 950 -13.90 -17.60 21.20
CA SER B 950 -14.49 -18.32 20.07
C SER B 950 -14.86 -17.33 18.97
N CYS B 951 -14.49 -17.66 17.74
CA CYS B 951 -14.81 -16.78 16.61
C CYS B 951 -16.32 -16.70 16.42
N VAL B 952 -16.80 -15.53 16.02
CA VAL B 952 -18.22 -15.31 15.80
C VAL B 952 -18.46 -14.64 14.46
#